data_8HPA
#
_entry.id   8HPA
#
_cell.length_a   1.00
_cell.length_b   1.00
_cell.length_c   1.00
_cell.angle_alpha   90.00
_cell.angle_beta   90.00
_cell.angle_gamma   90.00
#
_symmetry.space_group_name_H-M   'P 1'
#
loop_
_entity.id
_entity.type
_entity.pdbx_description
1 polymer 'DNA polymerase'
2 polymer 'DNA polymerase processivity factor component A20'
3 polymer E4R
4 polymer "DNA (5'-D(P*AP*TP*GP*GP*TP*AP*GP*GP*GP*GP*AP*AP*GP*GP*AP*TP*CP*G)-3')"
5 polymer "DNA (5'-D(*CP*GP*AP*TP*CP*CP*TP*TP*CP*CP*CP*CP*TP*AP*C)-3')"
#
loop_
_entity_poly.entity_id
_entity_poly.type
_entity_poly.pdbx_seq_one_letter_code
_entity_poly.pdbx_strand_id
1 'polypeptide(L)'
;MHHHHHHHHDYDIPTTENLYFQGMDVRCINWFESHGENRFLYLKSRCRNGETVFIRFPHYFYYVVTDEIYQSLSPPPFNA
RPMGKMRTIDIDETISYNLDIKDRKCSVADMWLIEEPKKRSIQNATMDEFFNISWFYISNGISPDGCYSLDEQYLTKINN
GCYHCDDPRNCFAKEIPRFDIPRSYLFLDIECHFDKKFPSVFINPISHTSYCYIDLSGKRLLFTLINEEMLTEQEIQEAV
DRGCLRIQSLMEMDYERELVLCSEIVLLRIAKQLLELTFDYVVTFNGHNFDLRYITNRLELLTGEKIIFRSPDKKEAVHL
CIYERNQSSHKGVCGMANTTFHVNNNNGTIFFDLYSFIQKSEKLDSYKLDSISKNAFSCMGKVLNRGVREMTFIGDDTTD
AKGKADTFAKVLTTGNYVTVDEDIICKVIRKDILENGFKVVLSCPTLPNDIYKLSFGKDDIDLAQMYKDYNLNIALDMAR
YCIHDACLCQYLWEYYGVETKTDAGAATYVLPQSMVFEYRASTIIKGPLLKLLLETKTILVRSETKQKFPYEGGKVFAPK
QKMFSNNVLIFDYNSLYPNVCIFGNLSPETLVGVVVSTNRLEEEINNQLLLQKYPPPRYITVHCEPRLPNLISEIAIFDR
SIEGTIPRLLRTFLAERARYKKMLKQATSSTEKAIYDSMQYTYKIVANSVYGLMGFRNSALYSYASAKSCTSIGRRMILY
LESVLNGAELSNGMLRFANTLSNPFYMDDRDINPIVKTSLPIDYRFRFRSVYGDTDSVFTEIDSQDVDKSIEIAKELERL
INSRVLFNNFKIEFEAVYKNLIMQSKKKYTTMKYSASSNSKSVPERINKGTSETRRDVSKFHKNMIKTYKTRLSEMLSEG
RMNSNQVCIDILRSLETDLRSEFDSRSSPLELFMLSRMHHSNYKSADNPNMYLVTEYNKNNPETIELGERYYFAYICPAN
VPWTKKLVNIKTYETIIDRSFKLGSNQRIFYEVYFKRLTSEIVNLLDNKVLCISFFQRMFGSRPTFYEA
;
A
2 'polypeptide(L)'
;MTSSADLTNLKELLSLYKSLRFSDSVAIEKYNSLVEWGTSTYWKIGVQKVTNVETSISDYYDEVKNKPFNIDPGYYIFLP
VYFGSVFIYSKGKNMVELGSGNSFQIPDEIRSACNKVLDSDNGIDFLRFVLLNNRWIMEDAISKYQSPVNIFKLASEYGL
NIPNYLEIEIEEDTLFDDELYSIMERSFDDTFPKISISYIKLGELKRQVVDFFKFSFMYIESIKVDRIGDNIFIPSVITK
SGKKILVKDVDHLIRSKVREHTFVKVKKKNTFSILYDYDGNGTETRGEVIKRIIDTIGRDYYVNGKYFSKVGIAGLKQLT
NKLDINECATVDELVDEINKSGTVKRKIKNQSVFDLSRECLGYPEADFITLVNNMRFKIENCKVVNFNIENTNCLNNPSI
ETIYGNFNQFVSIFNTVTDVKKRLFE
;
C
3 'polypeptide(L)'
;MHHHHHHDYDIPTTENLYFQGASMNSVTISHAPYTITYHDDWEPVMSQLVEFYNEVASWLLRDETSPIPDKFFIQLKQPL
RNKRVCVCGIDPYPKDGTGVPFESPNFTKKSIKEIASSISRLTGVIDYKGYNLNIIDGVIPWNYYLSCKLGETKSHAIYW
DKISKLLLQHITKHVSVLYCLGKTDFSNIRAKLESPVTTIVGYHPAARDHQFEKDRSFEIINVLLELDNKTPINWAQGFI
Y
;
B
4 'polydeoxyribonucleotide'
;(DA)(DT)(DG)(DG)(DT)(DA)(DG)(DG)(DG)(DG)(DA)(DA)(DG)(DG)(DA)(DT)(DC)(DG)(DT)(DA)
(DT)(DG)(DG)(DC)(DC)(DT)
;
E
5 'polydeoxyribonucleotide'
;(DA)(DG)(DG)(DC)(DC)(DA)(DT)(DA)(DC)(DG)(DA)(DT)(DC)(DC)(DT)(DT)(DC)(DC)(DC)(DC)
(DT)(DA)(DC)
;
D
#
loop_
_chem_comp.id
_chem_comp.type
_chem_comp.name
_chem_comp.formula
DA DNA linking 2'-DEOXYADENOSINE-5'-MONOPHOSPHATE 'C10 H14 N5 O6 P'
DC DNA linking 2'-DEOXYCYTIDINE-5'-MONOPHOSPHATE 'C9 H14 N3 O7 P'
DG DNA linking 2'-DEOXYGUANOSINE-5'-MONOPHOSPHATE 'C10 H14 N5 O7 P'
DT DNA linking THYMIDINE-5'-MONOPHOSPHATE 'C10 H15 N2 O8 P'
#
# COMPACT_ATOMS: atom_id res chain seq x y z
N MET A 24 17.67 36.75 28.48
CA MET A 24 17.82 36.81 27.03
C MET A 24 16.61 36.19 26.33
N ASP A 25 15.64 37.03 25.99
CA ASP A 25 14.42 36.56 25.35
C ASP A 25 14.68 36.22 23.89
N VAL A 26 14.36 34.98 23.51
CA VAL A 26 14.56 34.52 22.14
C VAL A 26 13.34 33.73 21.68
N ARG A 27 13.03 33.85 20.40
CA ARG A 27 12.01 33.03 19.74
C ARG A 27 12.70 32.12 18.73
N CYS A 28 12.39 30.83 18.80
CA CYS A 28 13.04 29.85 17.94
C CYS A 28 12.48 29.90 16.53
N ILE A 29 13.35 29.62 15.55
CA ILE A 29 12.99 29.63 14.15
C ILE A 29 13.19 28.27 13.50
N ASN A 30 14.30 27.59 13.82
CA ASN A 30 14.57 26.31 13.20
C ASN A 30 15.47 25.48 14.11
N TRP A 31 15.30 24.16 14.01
CA TRP A 31 16.20 23.18 14.61
C TRP A 31 16.77 22.31 13.50
N PHE A 32 18.09 22.17 13.47
CA PHE A 32 18.72 21.35 12.43
C PHE A 32 19.93 20.64 13.02
N GLU A 33 20.35 19.58 12.33
CA GLU A 33 21.44 18.73 12.75
C GLU A 33 22.65 18.94 11.85
N SER A 34 23.68 18.12 12.08
CA SER A 34 24.87 18.09 11.23
C SER A 34 25.21 16.64 10.95
N HIS A 35 25.62 16.37 9.71
CA HIS A 35 25.92 15.02 9.27
C HIS A 35 27.42 14.78 9.11
N GLY A 36 28.23 15.41 9.96
CA GLY A 36 29.67 15.29 9.91
C GLY A 36 30.18 14.14 10.75
N GLU A 37 31.46 14.23 11.13
CA GLU A 37 32.06 13.22 11.99
C GLU A 37 31.37 13.16 13.35
N ASN A 38 31.09 14.32 13.94
CA ASN A 38 30.41 14.42 15.21
C ASN A 38 29.05 15.08 15.01
N ARG A 39 28.00 14.45 15.51
CA ARG A 39 26.65 14.98 15.34
C ARG A 39 26.33 16.00 16.43
N PHE A 40 25.54 17.00 16.05
CA PHE A 40 25.14 18.07 16.95
C PHE A 40 23.74 18.51 16.59
N LEU A 41 23.09 19.21 17.53
CA LEU A 41 21.76 19.78 17.31
C LEU A 41 21.85 21.28 17.45
N TYR A 42 21.30 22.01 16.48
CA TYR A 42 21.45 23.44 16.43
C TYR A 42 20.11 24.12 16.63
N LEU A 43 20.13 25.22 17.38
CA LEU A 43 19.01 26.14 17.55
C LEU A 43 19.36 27.44 16.86
N LYS A 44 18.45 27.90 15.99
CA LYS A 44 18.47 29.24 15.43
C LYS A 44 17.32 30.01 16.06
N SER A 45 17.62 31.19 16.60
CA SER A 45 16.60 31.95 17.28
C SER A 45 16.87 33.42 17.08
N ARG A 46 15.85 34.24 17.33
CA ARG A 46 15.97 35.68 17.19
C ARG A 46 15.54 36.37 18.48
N CYS A 47 16.29 37.39 18.86
CA CYS A 47 16.01 38.17 20.05
C CYS A 47 14.97 39.24 19.73
N ARG A 48 14.75 40.17 20.66
CA ARG A 48 13.79 41.24 20.42
C ARG A 48 14.32 42.25 19.42
N ASN A 49 15.59 42.65 19.56
CA ASN A 49 16.16 43.64 18.65
C ASN A 49 16.25 43.10 17.23
N GLY A 50 16.66 41.85 17.07
CA GLY A 50 16.78 41.26 15.74
C GLY A 50 18.04 40.47 15.54
N GLU A 51 18.84 40.32 16.59
CA GLU A 51 20.07 39.55 16.50
C GLU A 51 19.77 38.05 16.47
N THR A 52 20.42 37.35 15.56
CA THR A 52 20.25 35.90 15.42
C THR A 52 21.27 35.18 16.31
N VAL A 53 20.78 34.22 17.09
CA VAL A 53 21.59 33.48 18.03
C VAL A 53 21.51 32.00 17.67
N PHE A 54 22.66 31.34 17.63
CA PHE A 54 22.77 29.91 17.39
C PHE A 54 23.29 29.24 18.65
N ILE A 55 22.64 28.13 19.03
CA ILE A 55 23.04 27.38 20.23
C ILE A 55 23.20 25.91 19.86
N ARG A 56 24.31 25.31 20.27
CA ARG A 56 24.66 23.95 19.90
C ARG A 56 24.54 23.02 21.10
N PHE A 57 23.79 21.94 20.93
CA PHE A 57 23.53 20.90 21.90
C PHE A 57 24.14 19.58 21.44
N PRO A 58 24.57 18.72 22.37
CA PRO A 58 25.02 17.39 21.98
C PRO A 58 23.86 16.54 21.50
N HIS A 59 24.17 15.57 20.64
CA HIS A 59 23.18 14.66 20.06
C HIS A 59 23.37 13.28 20.69
N TYR A 60 22.39 12.86 21.48
CA TYR A 60 22.44 11.60 22.20
C TYR A 60 21.49 10.59 21.59
N PHE A 61 21.74 9.32 21.90
CA PHE A 61 20.84 8.21 21.60
C PHE A 61 20.19 7.79 22.91
N TYR A 62 18.85 7.79 22.93
CA TYR A 62 18.09 7.59 24.16
C TYR A 62 17.52 6.19 24.21
N TYR A 63 17.68 5.53 25.36
CA TYR A 63 17.15 4.18 25.58
C TYR A 63 16.42 4.14 26.91
N VAL A 64 15.47 3.23 27.02
CA VAL A 64 14.65 3.07 28.22
C VAL A 64 14.85 1.65 28.73
N VAL A 65 15.20 1.51 30.00
CA VAL A 65 15.42 0.21 30.61
C VAL A 65 14.69 0.15 31.94
N THR A 66 14.50 -1.07 32.44
CA THR A 66 13.99 -1.26 33.78
C THR A 66 15.14 -1.09 34.79
N ASP A 67 14.80 -1.14 36.08
CA ASP A 67 15.83 -0.96 37.10
C ASP A 67 16.84 -2.09 37.08
N GLU A 68 16.37 -3.34 36.90
CA GLU A 68 17.27 -4.48 36.91
C GLU A 68 18.24 -4.43 35.73
N ILE A 69 17.75 -4.04 34.55
CA ILE A 69 18.63 -3.97 33.38
C ILE A 69 19.65 -2.85 33.55
N TYR A 70 19.24 -1.71 34.11
CA TYR A 70 20.18 -0.63 34.35
C TYR A 70 21.25 -1.03 35.35
N GLN A 71 20.85 -1.71 36.43
CA GLN A 71 21.82 -2.08 37.46
C GLN A 71 22.72 -3.23 37.01
N SER A 72 22.23 -4.10 36.13
CA SER A 72 22.97 -5.26 35.69
C SER A 72 23.93 -4.98 34.54
N LEU A 73 23.98 -3.75 34.05
CA LEU A 73 24.90 -3.36 33.01
C LEU A 73 26.13 -2.72 33.65
N SER A 74 27.32 -3.30 33.40
CA SER A 74 28.48 -2.94 34.20
C SER A 74 28.97 -1.51 33.92
N PRO A 75 29.38 -1.16 32.70
CA PRO A 75 29.96 0.17 32.50
C PRO A 75 28.87 1.21 32.25
N PRO A 76 28.74 2.21 33.11
CA PRO A 76 27.79 3.30 32.85
C PRO A 76 28.18 4.06 31.60
N PRO A 77 27.39 3.96 30.53
CA PRO A 77 27.86 4.40 29.22
C PRO A 77 28.19 5.88 29.11
N PHE A 78 27.19 6.76 29.31
CA PHE A 78 27.49 8.18 29.37
C PHE A 78 26.80 8.87 30.54
N ASN A 79 25.55 8.50 30.80
CA ASN A 79 24.70 9.20 31.77
C ASN A 79 23.40 8.43 31.91
N ALA A 80 22.71 8.66 33.02
CA ALA A 80 21.44 8.01 33.30
C ALA A 80 20.64 8.86 34.26
N ARG A 81 19.33 8.96 34.01
CA ARG A 81 18.43 9.66 34.90
C ARG A 81 17.19 8.82 35.15
N PRO A 82 16.64 8.85 36.36
CA PRO A 82 15.47 8.04 36.67
C PRO A 82 14.19 8.61 36.04
N MET A 83 13.22 7.72 35.86
CA MET A 83 11.90 8.10 35.38
C MET A 83 10.83 7.97 36.46
N GLY A 84 10.73 6.80 37.09
CA GLY A 84 9.74 6.54 38.11
C GLY A 84 9.13 5.17 37.90
N LYS A 85 8.03 4.93 38.61
CA LYS A 85 7.29 3.68 38.47
C LYS A 85 6.45 3.72 37.21
N MET A 86 6.57 2.68 36.38
CA MET A 86 5.85 2.61 35.13
C MET A 86 5.42 1.17 34.86
N ARG A 87 4.37 1.04 34.07
CA ARG A 87 3.82 -0.26 33.70
C ARG A 87 4.32 -0.67 32.33
N THR A 88 4.46 -1.98 32.13
CA THR A 88 4.93 -2.52 30.86
C THR A 88 3.87 -3.44 30.27
N ILE A 89 2.62 -2.95 30.22
CA ILE A 89 1.49 -3.76 29.80
C ILE A 89 1.76 -4.39 28.44
N ASP A 90 1.37 -5.66 28.29
CA ASP A 90 1.45 -6.36 27.01
C ASP A 90 0.15 -6.16 26.25
N ILE A 91 0.27 -5.77 24.98
CA ILE A 91 -0.89 -5.47 24.14
C ILE A 91 -1.12 -6.54 23.09
N ASP A 92 -0.45 -7.68 23.20
CA ASP A 92 -0.69 -8.78 22.26
C ASP A 92 -2.09 -9.32 22.44
N GLU A 93 -2.81 -9.48 21.33
CA GLU A 93 -4.19 -9.95 21.34
C GLU A 93 -4.27 -11.28 20.62
N THR A 94 -4.99 -12.24 21.23
CA THR A 94 -5.19 -13.56 20.66
C THR A 94 -6.65 -13.95 20.79
N ILE A 95 -7.14 -14.70 19.81
CA ILE A 95 -8.53 -15.14 19.84
C ILE A 95 -8.71 -16.23 20.87
N SER A 96 -9.91 -16.31 21.44
CA SER A 96 -10.24 -17.29 22.45
C SER A 96 -11.52 -18.02 22.05
N TYR A 97 -11.54 -19.33 22.27
CA TYR A 97 -12.69 -20.16 21.94
C TYR A 97 -13.61 -20.39 23.12
N ASN A 98 -13.24 -19.92 24.32
CA ASN A 98 -14.05 -20.06 25.51
C ASN A 98 -13.92 -18.78 26.33
N LEU A 99 -14.51 -18.80 27.52
CA LEU A 99 -14.50 -17.65 28.42
C LEU A 99 -13.35 -17.69 29.41
N ASP A 100 -12.41 -18.63 29.25
CA ASP A 100 -11.27 -18.75 30.17
C ASP A 100 -10.17 -17.78 29.76
N ILE A 101 -10.48 -16.50 29.91
CA ILE A 101 -9.53 -15.41 29.64
C ILE A 101 -8.92 -15.01 30.97
N LYS A 102 -7.60 -15.14 31.08
CA LYS A 102 -6.96 -15.00 32.39
C LYS A 102 -6.78 -13.54 32.78
N ASP A 103 -5.93 -12.81 32.06
CA ASP A 103 -5.65 -11.41 32.34
C ASP A 103 -4.61 -10.90 31.33
N ARG A 104 -4.52 -9.58 31.24
CA ARG A 104 -3.39 -8.96 30.56
C ARG A 104 -2.14 -9.10 31.40
N LYS A 105 -1.00 -9.34 30.74
CA LYS A 105 0.27 -9.43 31.45
C LYS A 105 0.79 -8.02 31.70
N CYS A 106 0.63 -7.53 32.93
CA CYS A 106 1.02 -6.18 33.30
C CYS A 106 1.97 -6.25 34.49
N SER A 107 3.08 -5.53 34.39
CA SER A 107 4.06 -5.46 35.47
C SER A 107 4.45 -4.01 35.69
N VAL A 108 4.73 -3.66 36.95
CA VAL A 108 5.12 -2.32 37.34
C VAL A 108 6.56 -2.36 37.84
N ALA A 109 7.37 -1.41 37.39
CA ALA A 109 8.77 -1.39 37.77
C ALA A 109 9.32 0.02 37.62
N ASP A 110 10.45 0.27 38.29
CA ASP A 110 11.15 1.53 38.13
C ASP A 110 11.86 1.55 36.78
N MET A 111 11.81 2.70 36.12
CA MET A 111 12.40 2.85 34.79
C MET A 111 13.54 3.85 34.81
N TRP A 112 14.47 3.68 33.88
CA TRP A 112 15.63 4.54 33.76
C TRP A 112 15.84 4.90 32.29
N LEU A 113 16.33 6.12 32.08
CA LEU A 113 16.62 6.66 30.75
C LEU A 113 18.13 6.78 30.59
N ILE A 114 18.64 6.26 29.48
CA ILE A 114 20.08 6.16 29.22
C ILE A 114 20.40 6.97 27.98
N GLU A 115 21.45 7.80 28.06
CA GLU A 115 21.98 8.52 26.92
C GLU A 115 23.30 7.90 26.51
N GLU A 116 23.45 7.63 25.22
CA GLU A 116 24.68 7.09 24.67
C GLU A 116 25.04 7.83 23.40
N PRO A 117 26.22 8.44 23.30
CA PRO A 117 26.62 9.07 22.03
C PRO A 117 26.71 8.10 20.87
N LYS A 118 27.14 6.87 21.12
CA LYS A 118 27.31 5.89 20.05
C LYS A 118 25.97 5.33 19.61
N LYS A 119 26.00 4.40 18.65
CA LYS A 119 24.77 3.89 18.05
C LYS A 119 23.95 3.11 19.05
N ARG A 120 24.56 2.15 19.74
CA ARG A 120 23.84 1.29 20.65
C ARG A 120 24.69 0.99 21.88
N SER A 121 24.04 0.92 23.04
CA SER A 121 24.70 0.52 24.27
C SER A 121 23.84 -0.36 25.16
N ILE A 122 22.63 -0.73 24.74
CA ILE A 122 21.72 -1.48 25.59
C ILE A 122 21.28 -2.77 24.93
N GLN A 123 20.73 -2.67 23.72
CA GLN A 123 20.23 -3.76 22.90
C GLN A 123 18.98 -4.42 23.46
N ASN A 124 18.49 -4.00 24.62
CA ASN A 124 17.31 -4.58 25.26
C ASN A 124 16.37 -3.49 25.75
N ALA A 125 16.22 -2.43 24.96
CA ALA A 125 15.39 -1.30 25.35
C ALA A 125 13.91 -1.58 25.08
N THR A 126 13.07 -1.20 26.03
CA THR A 126 11.63 -1.38 25.85
C THR A 126 11.05 -0.36 24.87
N MET A 127 11.49 0.89 24.97
CA MET A 127 11.00 1.97 24.12
C MET A 127 12.03 2.21 23.02
N ASP A 128 11.73 1.76 21.80
CA ASP A 128 12.66 1.93 20.69
C ASP A 128 11.98 2.35 19.40
N GLU A 129 10.68 2.66 19.42
CA GLU A 129 9.95 3.07 18.24
C GLU A 129 9.82 4.58 18.12
N PHE A 130 10.45 5.34 19.01
CA PHE A 130 10.36 6.79 19.01
C PHE A 130 11.67 7.40 18.53
N PHE A 131 11.58 8.65 18.06
CA PHE A 131 12.71 9.36 17.50
C PHE A 131 13.59 9.94 18.60
N ASN A 132 14.83 10.26 18.23
CA ASN A 132 15.74 10.90 19.17
C ASN A 132 15.34 12.34 19.45
N ILE A 133 14.82 13.04 18.44
CA ILE A 133 14.47 14.44 18.61
C ILE A 133 13.27 14.59 19.55
N SER A 134 12.29 13.67 19.46
CA SER A 134 11.16 13.71 20.37
C SER A 134 11.60 13.47 21.80
N TRP A 135 12.51 12.51 22.01
CA TRP A 135 13.05 12.27 23.34
C TRP A 135 13.77 13.49 23.86
N PHE A 136 14.61 14.11 23.01
CA PHE A 136 15.31 15.33 23.40
C PHE A 136 14.33 16.39 23.87
N TYR A 137 13.31 16.68 23.06
CA TYR A 137 12.37 17.74 23.37
C TYR A 137 11.61 17.43 24.67
N ILE A 138 11.04 16.23 24.77
CA ILE A 138 10.14 15.94 25.89
C ILE A 138 10.93 15.81 27.18
N SER A 139 12.07 15.10 27.16
CA SER A 139 12.87 14.95 28.36
C SER A 139 13.43 16.29 28.82
N ASN A 140 13.87 17.13 27.88
CA ASN A 140 14.41 18.44 28.23
C ASN A 140 13.34 19.52 28.35
N GLY A 141 12.08 19.21 28.04
CA GLY A 141 11.01 20.16 28.19
C GLY A 141 11.15 21.39 27.32
N ILE A 142 11.49 21.18 26.05
CA ILE A 142 11.73 22.27 25.10
C ILE A 142 10.66 22.22 24.02
N SER A 143 9.99 23.35 23.80
CA SER A 143 9.05 23.47 22.68
C SER A 143 9.79 24.00 21.46
N PRO A 144 9.64 23.35 20.30
CA PRO A 144 10.41 23.78 19.11
C PRO A 144 10.09 25.20 18.63
N ASP A 145 8.94 25.76 18.99
CA ASP A 145 8.56 27.09 18.55
C ASP A 145 8.08 27.95 19.72
N GLY A 146 8.68 27.74 20.89
CA GLY A 146 8.33 28.51 22.06
C GLY A 146 9.32 29.64 22.30
N CYS A 147 8.84 30.69 22.96
CA CYS A 147 9.65 31.84 23.33
C CYS A 147 10.23 31.61 24.72
N TYR A 148 11.54 31.76 24.86
CA TYR A 148 12.23 31.40 26.09
C TYR A 148 13.14 32.53 26.54
N SER A 149 13.62 32.41 27.78
CA SER A 149 14.57 33.34 28.37
C SER A 149 15.84 32.56 28.70
N LEU A 150 16.77 32.55 27.75
CA LEU A 150 18.01 31.79 27.93
C LEU A 150 18.86 32.37 29.05
N ASP A 151 19.54 31.48 29.77
CA ASP A 151 20.46 31.87 30.83
C ASP A 151 21.89 31.84 30.30
N GLU A 152 22.59 32.96 30.43
CA GLU A 152 23.95 33.07 29.91
C GLU A 152 24.98 32.57 30.93
N GLN A 153 24.76 31.37 31.44
CA GLN A 153 25.72 30.73 32.35
C GLN A 153 26.06 29.30 31.97
N TYR A 154 25.19 28.60 31.25
CA TYR A 154 25.46 27.26 30.74
C TYR A 154 25.90 27.28 29.29
N LEU A 155 26.16 28.47 28.74
CA LEU A 155 26.53 28.63 27.34
C LEU A 155 27.98 29.09 27.24
N THR A 156 28.68 28.59 26.22
CA THR A 156 30.09 28.89 26.00
C THR A 156 30.27 29.50 24.63
N LYS A 157 30.98 30.63 24.56
CA LYS A 157 31.24 31.29 23.29
C LYS A 157 32.38 30.60 22.58
N ILE A 158 32.14 30.17 21.34
CA ILE A 158 33.17 29.52 20.53
C ILE A 158 33.40 30.33 19.27
N ASN A 159 32.39 31.05 18.82
CA ASN A 159 32.51 31.95 17.67
C ASN A 159 31.38 32.97 17.74
N ASN A 160 31.59 34.09 17.04
CA ASN A 160 30.65 35.21 17.07
C ASN A 160 29.24 34.77 16.70
N GLY A 161 28.30 34.94 17.61
CA GLY A 161 26.92 34.57 17.38
C GLY A 161 26.57 33.13 17.66
N CYS A 162 27.47 32.37 18.29
CA CYS A 162 27.23 30.97 18.59
C CYS A 162 27.56 30.66 20.04
N TYR A 163 26.79 29.76 20.64
CA TYR A 163 26.99 29.31 22.00
C TYR A 163 26.88 27.79 22.04
N HIS A 164 27.43 27.19 23.10
CA HIS A 164 27.36 25.75 23.31
C HIS A 164 26.73 25.47 24.67
N CYS A 165 25.75 24.58 24.70
CA CYS A 165 25.04 24.24 25.92
C CYS A 165 25.19 22.75 26.21
N ASP A 166 25.48 22.41 27.46
CA ASP A 166 25.66 21.02 27.86
C ASP A 166 24.52 20.46 28.70
N ASP A 167 23.78 21.31 29.41
CA ASP A 167 22.67 20.88 30.27
C ASP A 167 21.44 21.69 29.91
N PRO A 168 20.78 21.35 28.80
CA PRO A 168 19.60 22.14 28.37
C PRO A 168 18.36 21.91 29.22
N ARG A 169 18.42 21.04 30.24
CA ARG A 169 17.24 20.78 31.05
C ARG A 169 16.79 22.03 31.80
N ASN A 170 17.75 22.76 32.37
CA ASN A 170 17.46 23.99 33.11
C ASN A 170 17.79 25.26 32.33
N CYS A 171 18.47 25.13 31.18
CA CYS A 171 18.79 26.31 30.39
C CYS A 171 17.56 26.86 29.69
N PHE A 172 16.52 26.05 29.54
CA PHE A 172 15.26 26.47 28.91
C PHE A 172 14.10 26.36 29.90
N ALA A 173 14.36 26.71 31.16
CA ALA A 173 13.35 26.53 32.20
C ALA A 173 12.24 27.58 32.14
N LYS A 174 12.56 28.80 31.72
CA LYS A 174 11.61 29.90 31.76
C LYS A 174 10.94 30.07 30.40
N GLU A 175 9.61 30.20 30.41
CA GLU A 175 8.83 30.44 29.21
C GLU A 175 8.17 31.81 29.30
N ILE A 176 8.07 32.47 28.14
CA ILE A 176 7.50 33.81 28.07
C ILE A 176 6.46 33.84 26.96
N PRO A 177 5.52 34.79 27.03
CA PRO A 177 4.53 34.90 25.95
C PRO A 177 5.19 35.27 24.62
N ARG A 178 4.52 34.88 23.53
CA ARG A 178 5.07 35.08 22.20
C ARG A 178 5.26 36.56 21.89
N PHE A 179 6.33 36.86 21.15
CA PHE A 179 6.60 38.21 20.68
C PHE A 179 7.00 38.16 19.21
N ASP A 180 6.70 39.24 18.50
CA ASP A 180 6.94 39.30 17.06
C ASP A 180 8.40 39.57 16.78
N ILE A 181 8.92 38.91 15.74
CA ILE A 181 10.31 39.07 15.32
C ILE A 181 10.37 39.28 13.81
N PRO A 182 11.35 39.99 13.29
CA PRO A 182 11.50 40.12 11.84
C PRO A 182 12.14 38.88 11.24
N ARG A 183 11.86 38.68 9.95
CA ARG A 183 12.42 37.56 9.20
C ARG A 183 12.82 38.03 7.81
N SER A 184 13.73 37.28 7.19
CA SER A 184 14.22 37.56 5.85
C SER A 184 13.84 36.43 4.92
N TYR A 185 13.65 36.76 3.65
CA TYR A 185 13.24 35.78 2.65
C TYR A 185 14.01 36.04 1.36
N LEU A 186 14.05 35.00 0.51
CA LEU A 186 14.63 35.13 -0.83
C LEU A 186 13.81 34.30 -1.79
N PHE A 187 13.24 34.95 -2.81
CA PHE A 187 12.50 34.29 -3.87
C PHE A 187 13.22 34.58 -5.19
N LEU A 188 13.42 33.56 -6.00
CA LEU A 188 14.15 33.74 -7.25
C LEU A 188 13.59 32.84 -8.33
N ASP A 189 13.89 33.19 -9.58
CA ASP A 189 13.48 32.43 -10.75
C ASP A 189 14.58 32.54 -11.80
N ILE A 190 14.55 31.62 -12.76
CA ILE A 190 15.58 31.53 -13.78
C ILE A 190 14.92 31.35 -15.14
N GLU A 191 15.64 31.77 -16.19
CA GLU A 191 15.28 31.50 -17.57
C GLU A 191 16.54 31.26 -18.37
N CYS A 192 16.53 30.22 -19.21
CA CYS A 192 17.70 29.81 -19.95
C CYS A 192 17.35 29.60 -21.42
N HIS A 193 18.31 29.90 -22.28
CA HIS A 193 18.11 29.81 -23.72
C HIS A 193 17.87 28.38 -24.16
N PHE A 194 17.01 28.20 -25.15
CA PHE A 194 16.78 26.91 -25.75
C PHE A 194 16.34 27.09 -27.18
N ASP A 195 16.70 26.14 -28.04
CA ASP A 195 16.40 26.22 -29.46
C ASP A 195 15.03 25.63 -29.80
N LYS A 196 14.78 24.39 -29.39
CA LYS A 196 13.56 23.71 -29.79
C LYS A 196 12.79 23.17 -28.59
N LYS A 197 13.51 22.69 -27.58
CA LYS A 197 12.86 22.09 -26.42
C LYS A 197 13.83 22.15 -25.24
N PHE A 198 13.58 21.34 -24.22
CA PHE A 198 14.22 21.44 -22.91
C PHE A 198 15.73 21.66 -23.06
N PRO A 199 16.29 22.67 -22.42
CA PRO A 199 17.71 22.97 -22.60
C PRO A 199 18.61 21.97 -21.89
N SER A 200 19.88 22.00 -22.29
CA SER A 200 20.93 21.19 -21.69
C SER A 200 22.02 22.10 -21.18
N VAL A 201 22.53 21.81 -19.97
CA VAL A 201 23.51 22.68 -19.34
C VAL A 201 24.83 22.71 -20.11
N PHE A 202 25.11 21.70 -20.92
CA PHE A 202 26.37 21.65 -21.65
C PHE A 202 26.40 22.59 -22.84
N ILE A 203 25.24 23.01 -23.34
CA ILE A 203 25.19 23.80 -24.57
C ILE A 203 24.40 25.09 -24.44
N ASN A 204 23.51 25.24 -23.45
CA ASN A 204 22.59 26.38 -23.42
C ASN A 204 22.89 27.28 -22.23
N PRO A 205 23.01 28.59 -22.45
CA PRO A 205 23.32 29.50 -21.35
C PRO A 205 22.07 30.02 -20.64
N ILE A 206 22.27 30.90 -19.67
CA ILE A 206 21.19 31.50 -18.89
C ILE A 206 21.02 32.94 -19.33
N SER A 207 19.77 33.38 -19.50
CA SER A 207 19.48 34.72 -19.98
C SER A 207 19.09 35.69 -18.87
N HIS A 208 18.17 35.30 -17.99
CA HIS A 208 17.64 36.22 -16.98
C HIS A 208 17.52 35.49 -15.64
N THR A 209 17.84 36.20 -14.56
CA THR A 209 17.64 35.70 -13.20
C THR A 209 17.07 36.80 -12.33
N SER A 210 15.91 36.57 -11.74
CA SER A 210 15.21 37.58 -10.96
C SER A 210 15.31 37.28 -9.47
N TYR A 211 15.29 38.32 -8.66
CA TYR A 211 15.39 38.20 -7.20
C TYR A 211 14.41 39.15 -6.54
N CYS A 212 13.85 38.70 -5.41
CA CYS A 212 12.84 39.37 -4.61
C CYS A 212 13.32 39.51 -3.17
N TYR A 213 14.52 40.05 -3.01
CA TYR A 213 15.20 40.07 -1.73
C TYR A 213 14.39 40.82 -0.68
N ILE A 214 14.12 40.16 0.45
CA ILE A 214 13.48 40.77 1.60
C ILE A 214 14.40 40.60 2.80
N ASP A 215 14.70 41.70 3.48
CA ASP A 215 15.66 41.70 4.56
C ASP A 215 14.95 41.75 5.91
N LEU A 216 15.75 41.69 6.98
CA LEU A 216 15.19 41.79 8.33
C LEU A 216 14.58 43.15 8.59
N SER A 217 15.14 44.20 7.99
CA SER A 217 14.60 45.55 8.14
C SER A 217 13.29 45.76 7.41
N GLY A 218 12.86 44.80 6.60
CA GLY A 218 11.61 44.90 5.87
C GLY A 218 11.73 45.47 4.47
N LYS A 219 12.91 45.92 4.06
CA LYS A 219 13.07 46.47 2.72
C LYS A 219 12.92 45.39 1.66
N ARG A 220 12.12 45.68 0.64
CA ARG A 220 11.86 44.76 -0.46
C ARG A 220 12.59 45.27 -1.69
N LEU A 221 13.46 44.43 -2.26
CA LEU A 221 14.28 44.80 -3.39
C LEU A 221 14.03 43.80 -4.52
N LEU A 222 13.51 44.30 -5.64
CA LEU A 222 13.30 43.51 -6.84
C LEU A 222 14.40 43.84 -7.83
N PHE A 223 15.12 42.82 -8.30
CA PHE A 223 16.13 43.10 -9.31
C PHE A 223 16.37 41.89 -10.21
N THR A 224 16.58 42.16 -11.49
CA THR A 224 16.77 41.14 -12.52
C THR A 224 18.14 41.31 -13.15
N LEU A 225 18.89 40.21 -13.23
CA LEU A 225 20.17 40.16 -13.90
C LEU A 225 19.98 39.63 -15.32
N ILE A 226 20.57 40.32 -16.28
CA ILE A 226 20.41 40.02 -17.70
C ILE A 226 21.79 39.70 -18.28
N ASN A 227 21.87 38.63 -19.07
CA ASN A 227 23.12 38.22 -19.69
C ASN A 227 23.41 39.11 -20.89
N GLU A 228 24.59 39.72 -20.91
CA GLU A 228 24.99 40.58 -22.02
C GLU A 228 25.68 39.84 -23.14
N GLU A 229 25.98 38.55 -22.96
CA GLU A 229 26.66 37.78 -23.99
C GLU A 229 25.74 37.42 -25.15
N MET A 230 24.42 37.59 -24.98
CA MET A 230 23.45 37.28 -26.02
C MET A 230 22.95 38.52 -26.75
N LEU A 231 23.64 39.65 -26.59
CA LEU A 231 23.21 40.91 -27.16
C LEU A 231 24.36 41.52 -27.97
N THR A 232 24.00 42.30 -28.98
CA THR A 232 24.99 42.99 -29.80
C THR A 232 25.53 44.21 -29.06
N GLU A 233 26.67 44.71 -29.53
CA GLU A 233 27.33 45.83 -28.86
C GLU A 233 26.46 47.08 -28.90
N GLN A 234 25.85 47.38 -30.06
CA GLN A 234 25.02 48.57 -30.16
C GLN A 234 23.76 48.44 -29.30
N GLU A 235 23.18 47.23 -29.24
CA GLU A 235 22.04 47.02 -28.38
C GLU A 235 22.42 47.16 -26.91
N ILE A 236 23.61 46.69 -26.53
CA ILE A 236 24.07 46.86 -25.16
C ILE A 236 24.25 48.34 -24.84
N GLN A 237 24.83 49.11 -25.77
CA GLN A 237 25.00 50.54 -25.55
C GLN A 237 23.64 51.24 -25.42
N GLU A 238 22.68 50.87 -26.27
CA GLU A 238 21.35 51.45 -26.19
C GLU A 238 20.68 51.13 -24.86
N ALA A 239 20.82 49.89 -24.39
CA ALA A 239 20.24 49.50 -23.11
C ALA A 239 20.87 50.29 -21.96
N VAL A 240 22.20 50.46 -22.01
CA VAL A 240 22.88 51.23 -20.97
C VAL A 240 22.40 52.68 -21.00
N ASP A 241 22.25 53.26 -22.19
CA ASP A 241 21.87 54.66 -22.30
C ASP A 241 20.44 54.90 -21.82
N ARG A 242 19.57 53.89 -21.89
CA ARG A 242 18.16 54.07 -21.58
C ARG A 242 17.80 53.73 -20.14
N GLY A 243 18.77 53.38 -19.30
CA GLY A 243 18.50 53.21 -17.89
C GLY A 243 19.14 52.01 -17.22
N CYS A 244 19.54 51.01 -18.00
CA CYS A 244 20.12 49.80 -17.43
C CYS A 244 21.54 50.05 -16.95
N LEU A 245 22.02 49.15 -16.11
CA LEU A 245 23.34 49.24 -15.51
C LEU A 245 24.22 48.10 -16.01
N ARG A 246 25.47 48.42 -16.32
CA ARG A 246 26.43 47.42 -16.79
C ARG A 246 27.56 47.30 -15.78
N ILE A 247 27.89 46.06 -15.41
CA ILE A 247 28.94 45.78 -14.45
C ILE A 247 29.86 44.70 -15.03
N GLN A 248 31.08 44.65 -14.49
CA GLN A 248 32.07 43.66 -14.91
C GLN A 248 32.62 42.82 -13.76
N SER A 249 32.16 43.04 -12.53
CA SER A 249 32.66 42.30 -11.39
C SER A 249 31.57 42.19 -10.33
N LEU A 250 31.78 41.30 -9.37
CA LEU A 250 30.80 41.12 -8.28
C LEU A 250 30.71 42.36 -7.41
N MET A 251 31.85 43.00 -7.14
CA MET A 251 31.87 44.15 -6.23
C MET A 251 31.09 45.34 -6.76
N GLU A 252 30.86 45.41 -8.07
CA GLU A 252 30.17 46.53 -8.68
C GLU A 252 28.66 46.32 -8.79
N MET A 253 28.15 45.20 -8.27
CA MET A 253 26.72 44.90 -8.32
C MET A 253 26.00 45.62 -7.20
N ASP A 254 24.93 46.34 -7.55
CA ASP A 254 24.10 47.04 -6.58
C ASP A 254 22.68 46.49 -6.65
N TYR A 255 22.15 46.10 -5.50
CA TYR A 255 20.80 45.53 -5.43
C TYR A 255 19.71 46.57 -5.56
N GLU A 256 20.03 47.86 -5.38
CA GLU A 256 19.03 48.92 -5.43
C GLU A 256 18.59 49.24 -6.85
N ARG A 257 19.26 48.71 -7.86
CA ARG A 257 18.92 48.93 -9.26
C ARG A 257 18.10 47.75 -9.78
N GLU A 258 17.01 48.04 -10.47
CA GLU A 258 16.12 46.98 -10.91
C GLU A 258 16.75 46.13 -12.00
N LEU A 259 17.15 46.75 -13.10
CA LEU A 259 17.72 46.02 -14.24
C LEU A 259 19.23 46.17 -14.24
N VAL A 260 19.93 45.04 -14.26
CA VAL A 260 21.39 45.01 -14.26
C VAL A 260 21.83 44.14 -15.44
N LEU A 261 22.81 44.63 -16.20
CA LEU A 261 23.34 43.93 -17.36
C LEU A 261 24.75 43.48 -17.07
N CYS A 262 25.04 42.20 -17.28
CA CYS A 262 26.35 41.64 -16.98
C CYS A 262 26.54 40.36 -17.79
N SER A 263 27.72 39.76 -17.63
CA SER A 263 28.05 38.51 -18.30
C SER A 263 27.47 37.32 -17.52
N GLU A 264 27.50 36.16 -18.17
CA GLU A 264 26.94 34.96 -17.55
C GLU A 264 27.75 34.52 -16.33
N ILE A 265 29.07 34.64 -16.40
CA ILE A 265 29.91 34.24 -15.27
C ILE A 265 29.60 35.10 -14.05
N VAL A 266 29.47 36.41 -14.25
CA VAL A 266 29.14 37.29 -13.14
C VAL A 266 27.73 37.01 -12.63
N LEU A 267 26.81 36.67 -13.54
CA LEU A 267 25.46 36.29 -13.13
C LEU A 267 25.48 35.07 -12.21
N LEU A 268 26.21 34.03 -12.61
CA LEU A 268 26.29 32.82 -11.80
C LEU A 268 26.99 33.09 -10.47
N ARG A 269 28.03 33.92 -10.48
CA ARG A 269 28.74 34.23 -9.25
C ARG A 269 27.86 35.02 -8.28
N ILE A 270 27.04 35.93 -8.82
CA ILE A 270 26.10 36.67 -7.97
C ILE A 270 25.05 35.73 -7.38
N ALA A 271 24.55 34.79 -8.20
CA ALA A 271 23.61 33.80 -7.66
C ALA A 271 24.25 32.97 -6.56
N LYS A 272 25.50 32.54 -6.77
CA LYS A 272 26.22 31.78 -5.75
C LYS A 272 26.39 32.60 -4.47
N GLN A 273 26.74 33.87 -4.60
CA GLN A 273 26.89 34.73 -3.43
C GLN A 273 25.57 34.89 -2.69
N LEU A 274 24.47 35.05 -3.44
CA LEU A 274 23.17 35.25 -2.79
C LEU A 274 22.72 33.98 -2.06
N LEU A 275 22.84 32.82 -2.70
CA LEU A 275 22.39 31.58 -2.07
C LEU A 275 23.24 31.16 -0.88
N GLU A 276 24.43 31.75 -0.70
CA GLU A 276 25.31 31.38 0.38
C GLU A 276 25.06 32.15 1.67
N LEU A 277 24.19 33.16 1.65
CA LEU A 277 23.92 33.95 2.83
C LEU A 277 22.81 33.31 3.66
N THR A 278 22.82 33.59 4.96
CA THR A 278 21.89 32.96 5.91
C THR A 278 20.54 33.63 5.81
N PHE A 279 19.71 33.11 4.90
CA PHE A 279 18.32 33.52 4.81
C PHE A 279 17.45 32.62 5.67
N ASP A 280 16.38 33.19 6.22
CA ASP A 280 15.42 32.39 6.97
C ASP A 280 14.70 31.42 6.05
N TYR A 281 14.38 31.85 4.83
CA TYR A 281 13.71 31.01 3.86
C TYR A 281 14.26 31.30 2.48
N VAL A 282 14.26 30.29 1.61
CA VAL A 282 14.52 30.44 0.19
C VAL A 282 13.44 29.66 -0.54
N VAL A 283 12.49 30.37 -1.15
CA VAL A 283 11.29 29.78 -1.71
C VAL A 283 11.38 29.84 -3.23
N THR A 284 11.16 28.70 -3.88
CA THR A 284 11.14 28.61 -5.34
C THR A 284 9.96 27.74 -5.76
N PHE A 285 9.68 27.75 -7.05
CA PHE A 285 8.69 26.88 -7.67
C PHE A 285 9.44 25.93 -8.61
N ASN A 286 9.49 24.66 -8.25
CA ASN A 286 10.25 23.65 -8.99
C ASN A 286 11.71 24.09 -9.16
N GLY A 287 12.28 24.62 -8.08
CA GLY A 287 13.65 25.11 -8.12
C GLY A 287 14.67 24.07 -7.72
N HIS A 288 14.26 23.10 -6.91
CA HIS A 288 15.19 22.06 -6.48
C HIS A 288 15.59 21.15 -7.63
N ASN A 289 14.65 20.86 -8.54
CA ASN A 289 14.93 19.99 -9.68
C ASN A 289 15.52 20.74 -10.87
N PHE A 290 15.08 21.97 -11.13
CA PHE A 290 15.48 22.68 -12.34
C PHE A 290 16.35 23.91 -12.05
N ASP A 291 15.86 24.86 -11.23
CA ASP A 291 16.54 26.14 -11.11
C ASP A 291 17.90 25.99 -10.42
N LEU A 292 17.89 25.49 -9.18
CA LEU A 292 19.14 25.36 -8.42
C LEU A 292 20.08 24.36 -9.08
N ARG A 293 19.55 23.26 -9.60
CA ARG A 293 20.39 22.28 -10.27
C ARG A 293 21.04 22.89 -11.52
N TYR A 294 20.27 23.65 -12.30
CA TYR A 294 20.84 24.31 -13.48
C TYR A 294 21.92 25.31 -13.07
N ILE A 295 21.66 26.10 -12.03
CA ILE A 295 22.64 27.09 -11.60
C ILE A 295 23.94 26.40 -11.17
N THR A 296 23.81 25.35 -10.36
CA THR A 296 25.00 24.65 -9.86
C THR A 296 25.77 23.99 -11.00
N ASN A 297 25.06 23.33 -11.92
CA ASN A 297 25.73 22.64 -13.01
C ASN A 297 26.43 23.63 -13.93
N ARG A 298 25.78 24.75 -14.27
CA ARG A 298 26.39 25.73 -15.15
C ARG A 298 27.57 26.40 -14.47
N LEU A 299 27.47 26.68 -13.17
CA LEU A 299 28.60 27.27 -12.45
C LEU A 299 29.78 26.31 -12.39
N GLU A 300 29.52 25.02 -12.19
CA GLU A 300 30.58 24.04 -12.22
C GLU A 300 31.23 23.95 -13.60
N LEU A 301 30.41 23.99 -14.65
CA LEU A 301 30.93 23.90 -16.01
C LEU A 301 31.80 25.10 -16.35
N LEU A 302 31.31 26.31 -16.08
CA LEU A 302 32.00 27.51 -16.54
C LEU A 302 33.27 27.78 -15.73
N THR A 303 33.19 27.66 -14.41
CA THR A 303 34.30 28.04 -13.54
C THR A 303 34.92 26.85 -12.83
N GLY A 304 34.12 26.06 -12.10
CA GLY A 304 34.64 24.94 -11.34
C GLY A 304 34.54 25.09 -9.84
N GLU A 305 34.13 26.25 -9.34
CA GLU A 305 33.93 26.43 -7.91
C GLU A 305 32.59 25.83 -7.50
N LYS A 306 32.27 25.94 -6.21
CA LYS A 306 31.08 25.29 -5.66
C LYS A 306 30.37 26.25 -4.72
N ILE A 307 29.07 26.00 -4.54
CA ILE A 307 28.26 26.74 -3.58
C ILE A 307 28.31 26.03 -2.25
N ILE A 308 28.98 26.64 -1.26
CA ILE A 308 29.35 25.98 -0.02
C ILE A 308 28.51 26.56 1.12
N PHE A 309 27.87 25.67 1.88
CA PHE A 309 27.17 26.01 3.10
C PHE A 309 28.03 25.58 4.30
N ARG A 310 28.13 26.47 5.28
CA ARG A 310 28.94 26.22 6.46
C ARG A 310 28.08 26.24 7.71
N SER A 311 28.44 25.41 8.68
CA SER A 311 27.72 25.33 9.94
C SER A 311 27.94 26.59 10.77
N PRO A 312 27.03 26.89 11.69
CA PRO A 312 27.18 28.10 12.51
C PRO A 312 28.47 28.15 13.31
N ASP A 313 29.01 26.99 13.71
CA ASP A 313 30.25 26.95 14.48
C ASP A 313 31.49 26.88 13.59
N LYS A 314 31.32 26.98 12.28
CA LYS A 314 32.44 26.98 11.33
C LYS A 314 33.27 25.70 11.46
N LYS A 315 32.59 24.57 11.56
CA LYS A 315 33.26 23.27 11.67
C LYS A 315 32.90 22.29 10.57
N GLU A 316 31.83 22.52 9.81
CA GLU A 316 31.44 21.64 8.71
C GLU A 316 31.08 22.48 7.50
N ALA A 317 31.45 21.99 6.32
CA ALA A 317 31.14 22.66 5.05
C ALA A 317 30.71 21.64 4.03
N VAL A 318 29.60 21.92 3.34
CA VAL A 318 29.06 21.03 2.31
C VAL A 318 28.75 21.84 1.07
N HIS A 319 28.45 21.12 -0.01
CA HIS A 319 28.06 21.71 -1.29
C HIS A 319 26.62 21.36 -1.61
N LEU A 320 26.06 22.05 -2.60
CA LEU A 320 24.75 21.68 -3.12
C LEU A 320 24.82 20.33 -3.81
N CYS A 321 23.98 19.40 -3.37
CA CYS A 321 23.76 18.14 -4.08
C CYS A 321 22.30 17.77 -3.84
N ILE A 322 21.45 18.16 -4.79
CA ILE A 322 20.02 17.92 -4.66
C ILE A 322 19.77 16.42 -4.71
N TYR A 323 19.33 15.85 -3.59
CA TYR A 323 19.03 14.44 -3.50
C TYR A 323 17.52 14.22 -3.62
N GLU A 324 17.15 12.96 -3.81
CA GLU A 324 15.78 12.58 -4.09
C GLU A 324 15.24 11.69 -2.98
N ARG A 325 13.96 11.87 -2.67
CA ARG A 325 13.23 11.02 -1.74
C ARG A 325 12.09 10.38 -2.50
N ASN A 326 12.14 9.05 -2.64
CA ASN A 326 11.13 8.28 -3.34
C ASN A 326 10.15 7.65 -2.34
N GLN A 327 9.45 8.49 -1.59
CA GLN A 327 8.41 8.02 -0.68
C GLN A 327 7.06 8.20 -1.40
N SER A 328 6.80 7.31 -2.35
CA SER A 328 5.58 7.34 -3.15
C SER A 328 4.89 5.98 -3.03
N SER A 329 4.15 5.79 -1.94
CA SER A 329 3.32 4.60 -1.78
C SER A 329 2.27 4.90 -0.71
N HIS A 330 1.04 5.19 -1.15
CA HIS A 330 -0.07 5.29 -0.20
C HIS A 330 -0.79 3.95 -0.06
N LYS A 331 -0.01 2.90 0.14
CA LYS A 331 -0.50 1.53 0.24
C LYS A 331 -1.46 1.20 -0.90
N GLY A 332 -1.10 1.65 -2.11
CA GLY A 332 -1.85 1.29 -3.30
C GLY A 332 -2.50 2.43 -4.06
N VAL A 333 -3.09 3.40 -3.36
CA VAL A 333 -3.85 4.46 -4.03
C VAL A 333 -2.86 5.59 -4.31
N CYS A 334 -2.06 5.39 -5.36
CA CYS A 334 -1.16 6.36 -5.97
C CYS A 334 -0.59 5.77 -7.25
N GLY A 335 -0.43 6.59 -8.29
CA GLY A 335 0.40 6.16 -9.40
C GLY A 335 1.81 6.69 -9.23
N MET A 336 2.68 5.89 -8.62
CA MET A 336 4.06 6.28 -8.31
C MET A 336 4.16 7.67 -7.68
N ALA A 337 3.06 8.10 -7.03
CA ALA A 337 2.84 9.46 -6.52
C ALA A 337 3.79 10.49 -7.11
N ASN A 338 4.86 10.82 -6.38
CA ASN A 338 5.84 11.79 -6.87
C ASN A 338 7.12 11.63 -6.06
N THR A 339 8.25 11.89 -6.72
CA THR A 339 9.55 11.89 -6.08
C THR A 339 9.92 13.31 -5.70
N THR A 340 10.30 13.51 -4.44
CA THR A 340 10.62 14.85 -3.96
C THR A 340 12.12 15.11 -4.07
N PHE A 341 12.46 16.38 -4.28
CA PHE A 341 13.85 16.81 -4.39
C PHE A 341 14.17 17.76 -3.25
N HIS A 342 15.31 17.53 -2.60
CA HIS A 342 15.72 18.33 -1.44
C HIS A 342 17.19 18.71 -1.59
N VAL A 343 17.56 19.78 -0.90
CA VAL A 343 18.94 20.24 -0.88
C VAL A 343 19.57 19.85 0.45
N ASN A 344 20.90 19.79 0.46
CA ASN A 344 21.67 19.28 1.60
C ASN A 344 22.35 20.40 2.39
N ASN A 345 21.68 21.53 2.58
CA ASN A 345 22.29 22.62 3.33
C ASN A 345 22.34 22.29 4.82
N ASN A 346 23.48 22.57 5.45
CA ASN A 346 23.70 22.30 6.87
C ASN A 346 23.58 23.57 7.70
N ASN A 347 23.04 24.63 7.13
CA ASN A 347 22.71 25.87 7.85
C ASN A 347 21.20 25.92 8.02
N GLY A 348 20.71 27.05 8.53
CA GLY A 348 19.28 27.17 8.73
C GLY A 348 18.52 27.14 7.42
N THR A 349 18.57 28.24 6.66
CA THR A 349 18.29 28.28 5.22
C THR A 349 17.22 27.30 4.77
N ILE A 350 16.01 27.41 5.29
CA ILE A 350 14.96 26.46 4.91
C ILE A 350 14.65 26.66 3.43
N PHE A 351 15.07 25.70 2.61
CA PHE A 351 14.80 25.74 1.17
C PHE A 351 13.43 25.11 0.93
N PHE A 352 12.44 25.94 0.65
CA PHE A 352 11.07 25.49 0.45
C PHE A 352 10.75 25.48 -1.03
N ASP A 353 10.16 24.38 -1.49
CA ASP A 353 9.76 24.23 -2.88
C ASP A 353 8.23 24.23 -2.93
N LEU A 354 7.66 25.25 -3.58
CA LEU A 354 6.20 25.35 -3.66
C LEU A 354 5.61 24.30 -4.59
N TYR A 355 6.39 23.77 -5.53
CA TYR A 355 5.87 22.76 -6.45
C TYR A 355 5.45 21.50 -5.69
N SER A 356 6.26 21.07 -4.73
CA SER A 356 5.92 19.87 -3.96
C SER A 356 4.80 20.17 -2.95
N PHE A 357 4.86 21.34 -2.30
CA PHE A 357 3.86 21.69 -1.30
C PHE A 357 2.48 21.80 -1.93
N ILE A 358 2.38 22.47 -3.08
CA ILE A 358 1.08 22.62 -3.74
C ILE A 358 0.59 21.29 -4.27
N GLN A 359 1.50 20.45 -4.78
CA GLN A 359 1.11 19.13 -5.27
C GLN A 359 0.56 18.28 -4.13
N LYS A 360 1.20 18.33 -2.96
CA LYS A 360 0.70 17.59 -1.81
C LYS A 360 -0.54 18.22 -1.19
N SER A 361 -0.79 19.51 -1.46
CA SER A 361 -1.91 20.21 -0.85
C SER A 361 -3.21 20.05 -1.66
N GLU A 362 -3.18 20.47 -2.92
CA GLU A 362 -4.36 20.47 -3.78
C GLU A 362 -4.17 19.47 -4.91
N LYS A 363 -5.25 18.79 -5.27
CA LYS A 363 -5.28 17.79 -6.34
C LYS A 363 -6.45 18.05 -7.27
N LEU A 364 -6.64 19.30 -7.69
CA LEU A 364 -7.78 19.65 -8.52
C LEU A 364 -7.42 20.59 -9.67
N ASP A 365 -6.14 20.66 -10.05
CA ASP A 365 -5.73 21.57 -11.12
C ASP A 365 -4.53 20.95 -11.84
N SER A 366 -3.88 21.77 -12.66
CA SER A 366 -2.63 21.40 -13.32
C SER A 366 -1.51 22.27 -12.77
N TYR A 367 -0.31 21.70 -12.71
CA TYR A 367 0.82 22.30 -12.00
C TYR A 367 1.84 22.81 -13.02
N LYS A 368 1.64 24.05 -13.46
CA LYS A 368 2.58 24.69 -14.38
C LYS A 368 2.74 26.18 -14.12
N LEU A 369 2.36 26.65 -12.92
CA LEU A 369 2.39 28.07 -12.59
C LEU A 369 1.57 28.90 -13.57
N ASP A 370 0.39 28.38 -13.92
CA ASP A 370 -0.50 29.09 -14.84
C ASP A 370 -1.92 29.14 -14.29
N SER A 371 -2.27 28.16 -13.44
CA SER A 371 -3.62 28.10 -12.87
C SER A 371 -3.58 27.70 -11.40
N ILE A 372 -2.51 28.08 -10.69
CA ILE A 372 -2.37 27.68 -9.29
C ILE A 372 -3.37 28.40 -8.40
N SER A 373 -3.52 29.72 -8.60
CA SER A 373 -4.33 30.55 -7.72
C SER A 373 -5.61 31.04 -8.38
N LYS A 374 -6.02 30.43 -9.49
CA LYS A 374 -7.25 30.87 -10.15
C LYS A 374 -8.47 30.61 -9.27
N ASN A 375 -8.52 29.46 -8.61
CA ASN A 375 -9.63 29.12 -7.72
C ASN A 375 -9.31 29.54 -6.28
N ALA A 376 -8.95 30.81 -6.11
CA ALA A 376 -8.57 31.32 -4.79
C ALA A 376 -9.33 32.58 -4.43
N PHE A 377 -9.61 33.42 -5.43
CA PHE A 377 -10.18 34.73 -5.20
C PHE A 377 -11.44 34.93 -6.04
N SER A 378 -12.33 35.79 -5.55
CA SER A 378 -13.54 36.15 -6.26
C SER A 378 -13.88 37.60 -5.93
N CYS A 379 -13.84 38.46 -6.95
CA CYS A 379 -14.12 39.88 -6.76
C CYS A 379 -14.72 40.43 -8.04
N MET A 380 -15.38 41.58 -7.90
CA MET A 380 -16.13 42.19 -9.00
C MET A 380 -15.24 43.18 -9.76
N GLY A 381 -15.41 43.21 -11.08
CA GLY A 381 -14.59 44.02 -11.95
C GLY A 381 -15.39 45.00 -12.79
N LYS A 382 -16.36 45.67 -12.16
CA LYS A 382 -17.31 46.56 -12.82
C LYS A 382 -16.65 47.43 -13.89
N VAL A 383 -17.25 47.42 -15.08
CA VAL A 383 -16.71 48.14 -16.22
C VAL A 383 -17.10 49.62 -16.13
N LEU A 384 -16.17 50.49 -16.49
CA LEU A 384 -16.40 51.93 -16.49
C LEU A 384 -16.55 52.52 -17.89
N ASN A 385 -15.70 52.11 -18.83
CA ASN A 385 -15.78 52.59 -20.20
C ASN A 385 -15.56 51.43 -21.16
N ARG A 386 -16.12 51.57 -22.36
CA ARG A 386 -16.04 50.55 -23.40
C ARG A 386 -15.64 51.19 -24.73
N GLY A 387 -14.62 52.03 -24.70
CA GLY A 387 -14.20 52.80 -25.85
C GLY A 387 -12.92 52.23 -26.47
N VAL A 388 -12.98 51.99 -27.77
CA VAL A 388 -11.86 51.51 -28.57
C VAL A 388 -11.29 50.24 -27.93
N ARG A 389 -10.08 50.33 -27.37
CA ARG A 389 -9.40 49.19 -26.78
C ARG A 389 -8.69 49.57 -25.49
N GLU A 390 -9.25 50.51 -24.74
CA GLU A 390 -8.65 50.99 -23.50
C GLU A 390 -9.67 50.97 -22.36
N MET A 391 -10.35 49.84 -22.21
CA MET A 391 -11.34 49.70 -21.15
C MET A 391 -10.67 49.76 -19.79
N THR A 392 -11.34 50.42 -18.84
CA THR A 392 -10.85 50.56 -17.48
C THR A 392 -11.77 49.81 -16.54
N PHE A 393 -11.18 48.99 -15.66
CA PHE A 393 -11.92 48.20 -14.69
C PHE A 393 -11.58 48.67 -13.29
N ILE A 394 -12.54 48.52 -12.38
CA ILE A 394 -12.39 48.97 -11.00
C ILE A 394 -12.69 47.81 -10.07
N GLY A 395 -12.14 47.89 -8.86
CA GLY A 395 -12.36 46.87 -7.85
C GLY A 395 -12.28 47.43 -6.44
N ASP A 396 -13.21 47.04 -5.59
CA ASP A 396 -13.26 47.58 -4.23
C ASP A 396 -13.98 46.56 -3.34
N ASP A 397 -13.81 46.75 -2.03
CA ASP A 397 -14.45 45.87 -1.06
C ASP A 397 -15.98 45.97 -1.10
N THR A 398 -16.51 47.08 -1.59
CA THR A 398 -17.96 47.29 -1.64
C THR A 398 -18.61 46.65 -2.85
N THR A 399 -17.84 46.02 -3.74
CA THR A 399 -18.37 45.44 -4.96
C THR A 399 -18.75 43.97 -4.78
N ASP A 400 -17.78 43.12 -4.45
CA ASP A 400 -18.05 41.69 -4.26
C ASP A 400 -17.78 41.24 -2.83
N ALA A 401 -16.57 41.45 -2.32
CA ALA A 401 -16.20 40.99 -0.98
C ALA A 401 -15.00 41.78 -0.50
N LYS A 402 -14.54 41.47 0.71
CA LYS A 402 -13.44 42.18 1.35
C LYS A 402 -12.19 41.32 1.30
N GLY A 403 -11.08 41.93 0.88
CA GLY A 403 -9.80 41.26 0.87
C GLY A 403 -9.34 40.87 -0.53
N LYS A 404 -10.28 40.46 -1.38
CA LYS A 404 -9.92 40.03 -2.72
C LYS A 404 -9.38 41.19 -3.56
N ALA A 405 -9.97 42.37 -3.43
CA ALA A 405 -9.48 43.53 -4.16
C ALA A 405 -8.07 43.90 -3.72
N ASP A 406 -7.79 43.84 -2.42
CA ASP A 406 -6.46 44.15 -1.93
C ASP A 406 -5.42 43.17 -2.48
N THR A 407 -5.75 41.88 -2.50
CA THR A 407 -4.83 40.88 -3.03
C THR A 407 -4.61 41.08 -4.53
N PHE A 408 -5.68 41.40 -5.26
CA PHE A 408 -5.55 41.64 -6.69
C PHE A 408 -4.67 42.86 -6.96
N ALA A 409 -4.84 43.92 -6.18
CA ALA A 409 -3.98 45.09 -6.32
C ALA A 409 -2.53 44.75 -5.98
N LYS A 410 -2.32 43.93 -4.95
CA LYS A 410 -0.97 43.54 -4.57
C LYS A 410 -0.29 42.75 -5.68
N VAL A 411 -1.02 41.80 -6.30
CA VAL A 411 -0.43 41.00 -7.35
C VAL A 411 -0.36 41.73 -8.69
N LEU A 412 -1.09 42.85 -8.83
CA LEU A 412 -1.07 43.59 -10.09
C LEU A 412 0.19 44.43 -10.25
N THR A 413 0.97 44.64 -9.17
CA THR A 413 2.13 45.50 -9.25
C THR A 413 3.18 44.97 -10.21
N THR A 414 3.18 43.66 -10.46
CA THR A 414 4.15 43.04 -11.36
C THR A 414 3.50 42.25 -12.48
N GLY A 415 2.18 42.10 -12.49
CA GLY A 415 1.53 41.33 -13.53
C GLY A 415 1.56 42.04 -14.87
N ASN A 416 1.53 41.25 -15.94
CA ASN A 416 1.55 41.76 -17.30
C ASN A 416 0.29 41.43 -18.08
N TYR A 417 -0.28 40.24 -17.88
CA TYR A 417 -1.51 39.83 -18.53
C TYR A 417 -2.54 39.52 -17.46
N VAL A 418 -3.71 40.14 -17.56
CA VAL A 418 -4.70 40.16 -16.49
C VAL A 418 -5.93 39.38 -16.92
N THR A 419 -6.51 38.62 -15.98
CA THR A 419 -7.74 37.87 -16.19
C THR A 419 -8.83 38.43 -15.30
N VAL A 420 -9.96 38.79 -15.90
CA VAL A 420 -11.11 39.31 -15.19
C VAL A 420 -12.27 38.36 -15.41
N ASP A 421 -11.97 37.06 -15.45
CA ASP A 421 -12.93 36.00 -15.76
C ASP A 421 -13.28 35.99 -17.25
N GLU A 422 -12.28 36.29 -18.09
CA GLU A 422 -12.39 36.19 -19.53
C GLU A 422 -11.30 35.25 -20.05
N ASP A 423 -11.59 34.63 -21.19
CA ASP A 423 -10.70 33.62 -21.76
C ASP A 423 -10.12 34.06 -23.10
N ILE A 424 -9.80 35.35 -23.24
CA ILE A 424 -9.24 35.88 -24.47
C ILE A 424 -7.81 36.39 -24.30
N ILE A 425 -7.34 36.58 -23.08
CA ILE A 425 -5.98 37.04 -22.76
C ILE A 425 -5.78 38.47 -23.25
N CYS A 426 -5.48 39.38 -22.32
CA CYS A 426 -5.33 40.79 -22.63
C CYS A 426 -4.01 41.30 -22.07
N LYS A 427 -3.51 42.37 -22.69
CA LYS A 427 -2.26 43.01 -22.28
C LYS A 427 -2.57 44.24 -21.46
N VAL A 428 -1.89 44.40 -20.33
CA VAL A 428 -2.10 45.53 -19.45
C VAL A 428 -1.44 46.77 -20.05
N ILE A 429 -2.18 47.86 -20.14
CA ILE A 429 -1.66 49.11 -20.68
C ILE A 429 -1.20 50.01 -19.56
N ARG A 430 -2.13 50.38 -18.66
CA ARG A 430 -1.83 51.25 -17.54
C ARG A 430 -2.45 50.67 -16.27
N LYS A 431 -1.73 50.81 -15.16
CA LYS A 431 -2.19 50.30 -13.87
C LYS A 431 -2.02 51.38 -12.81
N ASP A 432 -2.97 51.44 -11.89
CA ASP A 432 -2.93 52.38 -10.78
C ASP A 432 -3.47 51.69 -9.53
N ILE A 433 -2.83 51.95 -8.40
CA ILE A 433 -3.22 51.36 -7.12
C ILE A 433 -3.79 52.47 -6.27
N LEU A 434 -5.11 52.47 -6.08
CA LEU A 434 -5.79 53.45 -5.25
C LEU A 434 -6.16 52.82 -3.91
N GLU A 435 -6.78 53.62 -3.04
CA GLU A 435 -7.09 53.20 -1.68
C GLU A 435 -7.94 51.93 -1.69
N ASN A 436 -7.34 50.83 -1.22
CA ASN A 436 -7.93 49.50 -1.25
C ASN A 436 -8.65 49.22 -2.56
N GLY A 437 -7.95 49.51 -3.66
CA GLY A 437 -8.52 49.24 -4.98
C GLY A 437 -7.49 49.39 -6.07
N PHE A 438 -7.89 48.96 -7.27
CA PHE A 438 -7.01 49.01 -8.42
C PHE A 438 -7.79 49.54 -9.62
N LYS A 439 -7.06 50.12 -10.57
CA LYS A 439 -7.62 50.58 -11.84
C LYS A 439 -6.65 50.17 -12.94
N VAL A 440 -7.08 49.25 -13.80
CA VAL A 440 -6.22 48.68 -14.83
C VAL A 440 -6.86 48.94 -16.20
N VAL A 441 -6.01 49.24 -17.18
CA VAL A 441 -6.45 49.50 -18.55
C VAL A 441 -6.02 48.32 -19.41
N LEU A 442 -6.99 47.64 -20.00
CA LEU A 442 -6.75 46.46 -20.82
C LEU A 442 -6.70 46.85 -22.30
N SER A 443 -6.21 45.92 -23.12
CA SER A 443 -6.15 46.09 -24.56
C SER A 443 -6.81 44.88 -25.21
N CYS A 444 -8.08 45.03 -25.58
CA CYS A 444 -8.87 43.94 -26.13
C CYS A 444 -10.04 44.54 -26.90
N PRO A 445 -10.68 43.77 -27.77
CA PRO A 445 -11.91 44.26 -28.42
C PRO A 445 -13.00 44.55 -27.40
N THR A 446 -13.79 45.56 -27.68
CA THR A 446 -14.83 46.00 -26.75
C THR A 446 -15.94 44.97 -26.64
N LEU A 447 -16.54 44.89 -25.45
CA LEU A 447 -17.65 43.99 -25.20
C LEU A 447 -18.42 44.45 -23.95
N PRO A 448 -19.74 44.51 -24.01
CA PRO A 448 -20.57 45.08 -22.90
C PRO A 448 -20.98 44.10 -21.80
N ASN A 449 -20.05 43.83 -20.88
CA ASN A 449 -20.36 43.07 -19.69
C ASN A 449 -20.53 44.00 -18.49
N ASP A 450 -21.00 43.42 -17.38
CA ASP A 450 -21.28 44.22 -16.19
C ASP A 450 -20.59 43.70 -14.93
N ILE A 451 -20.47 42.39 -14.76
CA ILE A 451 -19.84 41.81 -13.59
C ILE A 451 -18.76 40.85 -14.02
N TYR A 452 -17.76 40.67 -13.16
CA TYR A 452 -16.58 39.87 -13.46
C TYR A 452 -16.08 39.17 -12.21
N LYS A 453 -15.18 38.22 -12.40
CA LYS A 453 -14.45 37.56 -11.32
C LYS A 453 -12.96 37.82 -11.50
N LEU A 454 -12.29 38.27 -10.45
CA LEU A 454 -10.92 38.74 -10.52
C LEU A 454 -9.94 37.69 -10.01
N SER A 455 -8.95 37.37 -10.85
CA SER A 455 -7.88 36.45 -10.50
C SER A 455 -6.68 36.75 -11.40
N PHE A 456 -5.59 36.03 -11.18
CA PHE A 456 -4.39 36.25 -11.97
C PHE A 456 -4.56 35.67 -13.38
N GLY A 457 -3.57 35.90 -14.24
CA GLY A 457 -3.68 35.54 -15.63
C GLY A 457 -2.50 34.71 -16.11
N LYS A 458 -2.50 34.46 -17.42
CA LYS A 458 -1.49 33.64 -18.09
C LYS A 458 -0.92 34.41 -19.28
N ASP A 459 0.34 34.12 -19.60
CA ASP A 459 1.05 34.80 -20.68
C ASP A 459 1.16 33.86 -21.87
N ASP A 460 0.65 34.30 -23.02
CA ASP A 460 0.70 33.52 -24.26
C ASP A 460 1.82 34.06 -25.15
N ILE A 461 3.05 33.69 -24.81
CA ILE A 461 4.23 34.09 -25.57
C ILE A 461 5.06 32.87 -25.91
N ASP A 462 5.78 32.94 -27.01
CA ASP A 462 6.62 31.85 -27.50
C ASP A 462 8.08 32.20 -27.22
N LEU A 463 8.65 31.56 -26.20
CA LEU A 463 10.03 31.86 -25.83
C LEU A 463 11.01 31.41 -26.89
N ALA A 464 10.78 30.25 -27.50
CA ALA A 464 11.66 29.76 -28.55
C ALA A 464 11.68 30.70 -29.74
N GLN A 465 10.51 31.20 -30.14
CA GLN A 465 10.45 32.15 -31.24
C GLN A 465 11.10 33.48 -30.87
N MET A 466 11.04 33.86 -29.60
CA MET A 466 11.65 35.11 -29.18
C MET A 466 13.17 35.02 -29.08
N TYR A 467 13.69 33.82 -28.80
CA TYR A 467 15.13 33.66 -28.61
C TYR A 467 15.90 33.70 -29.93
N LYS A 468 15.27 33.28 -31.04
CA LYS A 468 16.00 33.23 -32.31
C LYS A 468 16.32 34.62 -32.83
N ASP A 469 15.44 35.59 -32.60
CA ASP A 469 15.67 36.99 -32.95
C ASP A 469 15.69 37.78 -31.65
N TYR A 470 16.86 37.87 -31.03
CA TYR A 470 17.02 38.45 -29.71
C TYR A 470 17.38 39.93 -29.84
N ASN A 471 16.55 40.80 -29.25
CA ASN A 471 16.79 42.23 -29.28
C ASN A 471 16.44 42.80 -27.91
N LEU A 472 16.52 44.13 -27.79
CA LEU A 472 16.35 44.78 -26.49
C LEU A 472 14.93 44.61 -25.98
N ASN A 473 13.92 44.80 -26.85
CA ASN A 473 12.54 44.71 -26.39
C ASN A 473 12.22 43.31 -25.89
N ILE A 474 12.71 42.29 -26.59
CA ILE A 474 12.49 40.91 -26.16
C ILE A 474 13.12 40.66 -24.80
N ALA A 475 14.35 41.16 -24.60
CA ALA A 475 15.03 40.97 -23.33
C ALA A 475 14.27 41.67 -22.19
N LEU A 476 13.78 42.89 -22.44
CA LEU A 476 13.04 43.61 -21.41
C LEU A 476 11.74 42.89 -21.06
N ASP A 477 11.01 42.41 -22.06
CA ASP A 477 9.78 41.68 -21.79
C ASP A 477 10.06 40.39 -21.02
N MET A 478 11.13 39.68 -21.38
CA MET A 478 11.48 38.46 -20.66
C MET A 478 11.86 38.77 -19.22
N ALA A 479 12.59 39.87 -18.99
CA ALA A 479 12.93 40.27 -17.63
C ALA A 479 11.69 40.59 -16.82
N ARG A 480 10.72 41.27 -17.44
CA ARG A 480 9.46 41.54 -16.74
C ARG A 480 8.75 40.25 -16.38
N TYR A 481 8.72 39.28 -17.29
CA TYR A 481 8.08 38.01 -16.99
C TYR A 481 8.80 37.28 -15.85
N CYS A 482 10.14 37.30 -15.86
CA CYS A 482 10.89 36.64 -14.80
C CYS A 482 10.62 37.28 -13.44
N ILE A 483 10.60 38.61 -13.38
CA ILE A 483 10.33 39.25 -12.10
C ILE A 483 8.89 38.99 -11.66
N HIS A 484 7.97 38.89 -12.62
CA HIS A 484 6.60 38.54 -12.26
C HIS A 484 6.52 37.14 -11.64
N ASP A 485 7.26 36.18 -12.20
CA ASP A 485 7.28 34.84 -11.63
C ASP A 485 7.90 34.84 -10.24
N ALA A 486 9.01 35.58 -10.07
CA ALA A 486 9.67 35.65 -8.77
C ALA A 486 8.73 36.25 -7.72
N CYS A 487 7.93 37.24 -8.12
CA CYS A 487 6.96 37.81 -7.19
C CYS A 487 5.76 36.89 -6.97
N LEU A 488 5.36 36.11 -7.98
CA LEU A 488 4.31 35.13 -7.79
C LEU A 488 4.71 34.10 -6.76
N CYS A 489 6.00 33.77 -6.68
CA CYS A 489 6.46 32.89 -5.61
C CYS A 489 6.10 33.44 -4.23
N GLN A 490 6.40 34.72 -4.00
CA GLN A 490 6.07 35.35 -2.72
C GLN A 490 4.57 35.43 -2.51
N TYR A 491 3.82 35.76 -3.56
CA TYR A 491 2.37 35.87 -3.41
C TYR A 491 1.75 34.53 -3.04
N LEU A 492 2.23 33.45 -3.66
CA LEU A 492 1.76 32.12 -3.30
C LEU A 492 2.15 31.75 -1.88
N TRP A 493 3.37 32.12 -1.47
CA TRP A 493 3.80 31.83 -0.10
C TRP A 493 2.92 32.56 0.91
N GLU A 494 2.56 33.82 0.63
CA GLU A 494 1.77 34.59 1.57
C GLU A 494 0.31 34.14 1.58
N TYR A 495 -0.23 33.75 0.41
CA TYR A 495 -1.62 33.36 0.32
C TYR A 495 -1.91 32.09 1.13
N TYR A 496 -1.01 31.10 1.08
CA TYR A 496 -1.26 29.83 1.73
C TYR A 496 -0.91 29.83 3.22
N GLY A 497 -0.24 30.87 3.71
CA GLY A 497 0.12 30.93 5.11
C GLY A 497 1.07 29.83 5.53
N VAL A 498 2.12 29.61 4.74
CA VAL A 498 3.01 28.48 4.99
C VAL A 498 3.78 28.67 6.30
N GLU A 499 4.13 29.91 6.63
CA GLU A 499 4.89 30.16 7.86
C GLU A 499 4.07 29.84 9.11
N THR A 500 2.81 30.29 9.13
CA THR A 500 1.94 29.98 10.26
C THR A 500 1.68 28.49 10.35
N LYS A 501 1.50 27.82 9.21
CA LYS A 501 1.33 26.38 9.21
C LYS A 501 2.56 25.66 9.76
N THR A 502 3.75 26.13 9.39
CA THR A 502 4.97 25.52 9.92
C THR A 502 5.07 25.71 11.43
N ASP A 503 4.77 26.91 11.92
CA ASP A 503 4.81 27.14 13.37
C ASP A 503 3.79 26.29 14.10
N ALA A 504 2.58 26.18 13.54
CA ALA A 504 1.55 25.35 14.17
C ALA A 504 1.93 23.88 14.17
N GLY A 505 2.54 23.41 13.08
CA GLY A 505 2.99 22.02 13.04
C GLY A 505 4.09 21.75 14.04
N ALA A 506 5.03 22.69 14.18
CA ALA A 506 6.07 22.52 15.20
C ALA A 506 5.48 22.51 16.60
N ALA A 507 4.51 23.38 16.86
CA ALA A 507 3.92 23.44 18.20
C ALA A 507 3.11 22.17 18.50
N THR A 508 2.26 21.75 17.56
CA THR A 508 1.43 20.57 17.77
C THR A 508 2.26 19.30 17.70
N TYR A 509 2.95 19.09 16.58
CA TYR A 509 3.77 17.91 16.40
C TYR A 509 5.15 18.18 16.98
N VAL A 510 5.61 17.32 17.88
CA VAL A 510 6.90 17.56 18.50
C VAL A 510 8.00 17.17 17.52
N LEU A 511 8.42 18.11 16.69
CA LEU A 511 9.31 17.86 15.58
C LEU A 511 10.03 19.14 15.23
N PRO A 512 11.16 19.07 14.53
CA PRO A 512 11.81 20.28 14.04
C PRO A 512 10.95 21.00 13.01
N GLN A 513 11.16 22.32 12.92
CA GLN A 513 10.36 23.15 12.04
C GLN A 513 10.65 22.92 10.56
N SER A 514 11.75 22.25 10.22
CA SER A 514 12.16 22.06 8.84
C SER A 514 11.70 20.73 8.26
N MET A 515 10.98 19.90 9.03
CA MET A 515 10.53 18.60 8.56
C MET A 515 9.08 18.34 8.94
N VAL A 516 8.20 19.33 8.78
CA VAL A 516 6.81 19.15 9.15
C VAL A 516 5.97 18.72 7.95
N PHE A 517 6.38 19.07 6.74
CA PHE A 517 5.62 18.72 5.54
C PHE A 517 6.18 17.50 4.81
N GLU A 518 7.24 16.90 5.32
CA GLU A 518 7.91 15.80 4.63
C GLU A 518 7.67 14.44 5.26
N TYR A 519 6.79 14.33 6.25
CA TYR A 519 6.52 13.06 6.91
C TYR A 519 5.02 12.81 6.94
N ARG A 520 4.67 11.53 7.06
CA ARG A 520 3.28 11.09 7.03
C ARG A 520 2.76 10.94 8.46
N ALA A 521 1.53 10.43 8.59
CA ALA A 521 0.87 10.38 9.89
C ALA A 521 1.56 9.43 10.86
N SER A 522 2.19 8.37 10.36
CA SER A 522 2.82 7.40 11.23
C SER A 522 3.99 7.97 12.01
N THR A 523 4.66 8.98 11.47
CA THR A 523 5.82 9.59 12.11
C THR A 523 5.45 10.79 12.98
N ILE A 524 4.51 11.62 12.54
CA ILE A 524 4.19 12.86 13.24
C ILE A 524 3.41 12.67 14.53
N ILE A 525 2.81 11.49 14.74
CA ILE A 525 1.98 11.28 15.92
C ILE A 525 2.77 10.72 17.10
N LYS A 526 4.07 10.46 16.93
CA LYS A 526 4.86 9.88 18.01
C LYS A 526 5.18 10.87 19.12
N GLY A 527 5.07 12.17 18.86
CA GLY A 527 5.36 13.18 19.86
C GLY A 527 4.34 13.22 20.97
N PRO A 528 3.10 13.61 20.64
CA PRO A 528 2.04 13.62 21.66
C PRO A 528 1.79 12.27 22.30
N LEU A 529 1.94 11.17 21.54
CA LEU A 529 1.80 9.86 22.13
C LEU A 529 2.87 9.60 23.18
N LEU A 530 4.12 10.00 22.90
CA LEU A 530 5.18 9.87 23.88
C LEU A 530 4.90 10.71 25.11
N LYS A 531 4.40 11.93 24.92
CA LYS A 531 4.05 12.78 26.06
C LYS A 531 2.98 12.14 26.92
N LEU A 532 1.95 11.58 26.28
CA LEU A 532 0.87 10.93 27.03
C LEU A 532 1.38 9.70 27.77
N LEU A 533 2.22 8.90 27.12
CA LEU A 533 2.77 7.72 27.78
C LEU A 533 3.61 8.10 28.98
N LEU A 534 4.43 9.14 28.85
CA LEU A 534 5.27 9.56 29.98
C LEU A 534 4.43 10.13 31.12
N GLU A 535 3.36 10.87 30.81
CA GLU A 535 2.57 11.45 31.89
C GLU A 535 1.67 10.42 32.55
N THR A 536 1.26 9.37 31.83
CA THR A 536 0.42 8.32 32.40
C THR A 536 1.20 7.08 32.80
N LYS A 537 2.51 7.07 32.59
CA LYS A 537 3.40 5.97 33.02
C LYS A 537 2.95 4.63 32.41
N THR A 538 3.02 4.56 31.09
CA THR A 538 2.65 3.35 30.36
C THR A 538 3.65 3.09 29.26
N ILE A 539 4.14 1.86 29.17
CA ILE A 539 5.20 1.48 28.23
C ILE A 539 4.74 0.33 27.33
N LEU A 540 3.48 0.38 26.91
CA LEU A 540 2.86 -0.67 26.10
C LEU A 540 3.85 -1.29 25.12
N VAL A 541 3.97 -2.61 25.15
CA VAL A 541 4.97 -3.34 24.37
C VAL A 541 4.31 -4.55 23.73
N ARG A 542 4.80 -4.89 22.53
CA ARG A 542 4.31 -6.02 21.77
C ARG A 542 5.40 -7.07 21.67
N SER A 543 5.03 -8.34 21.89
CA SER A 543 6.00 -9.42 21.95
C SER A 543 5.67 -10.56 20.99
N GLU A 544 4.69 -10.40 20.12
CA GLU A 544 4.32 -11.43 19.16
C GLU A 544 4.31 -10.85 17.75
N THR A 545 4.65 -11.68 16.78
CA THR A 545 4.68 -11.24 15.38
C THR A 545 3.27 -10.91 14.90
N LYS A 546 3.17 -9.82 14.16
CA LYS A 546 1.88 -9.37 13.64
C LYS A 546 1.51 -10.15 12.37
N GLN A 547 0.23 -10.51 12.27
CA GLN A 547 -0.29 -11.23 11.12
C GLN A 547 -1.09 -10.26 10.25
N LYS A 548 -0.80 -10.26 8.95
CA LYS A 548 -1.41 -9.32 8.02
C LYS A 548 -2.62 -9.97 7.37
N PHE A 549 -3.81 -9.49 7.73
CA PHE A 549 -5.06 -9.94 7.11
C PHE A 549 -6.07 -8.81 7.20
N PRO A 550 -6.31 -8.09 6.11
CA PRO A 550 -7.21 -6.93 6.17
C PRO A 550 -8.66 -7.35 6.37
N TYR A 551 -9.42 -6.44 6.98
CA TYR A 551 -10.85 -6.61 7.18
C TYR A 551 -11.68 -5.81 6.20
N GLU A 552 -11.05 -5.13 5.24
CA GLU A 552 -11.74 -4.37 4.19
C GLU A 552 -12.60 -3.28 4.81
N GLY A 553 -13.80 -3.62 5.25
CA GLY A 553 -14.64 -2.67 5.95
C GLY A 553 -15.98 -2.37 5.28
N GLY A 554 -15.97 -2.20 3.97
CA GLY A 554 -17.20 -1.91 3.24
C GLY A 554 -17.84 -0.59 3.65
N LYS A 555 -18.97 -0.68 4.37
CA LYS A 555 -19.71 0.44 4.94
C LYS A 555 -20.36 1.31 3.87
N VAL A 556 -20.34 0.92 2.61
CA VAL A 556 -20.96 1.73 1.57
C VAL A 556 -22.45 1.42 1.51
N PHE A 557 -23.27 2.47 1.61
CA PHE A 557 -24.72 2.33 1.66
C PHE A 557 -25.34 2.66 0.31
N ALA A 558 -26.27 1.83 -0.12
CA ALA A 558 -26.97 2.06 -1.39
C ALA A 558 -28.06 3.11 -1.21
N PRO A 559 -28.09 4.17 -2.01
CA PRO A 559 -29.15 5.18 -1.88
C PRO A 559 -30.53 4.57 -2.12
N LYS A 560 -31.51 5.08 -1.37
CA LYS A 560 -32.86 4.54 -1.45
C LYS A 560 -33.54 4.92 -2.77
N GLN A 561 -33.37 6.17 -3.19
CA GLN A 561 -34.01 6.67 -4.41
C GLN A 561 -32.95 7.22 -5.35
N LYS A 562 -33.41 7.58 -6.55
CA LYS A 562 -32.55 8.13 -7.59
C LYS A 562 -32.79 9.61 -7.84
N MET A 563 -34.05 10.06 -7.78
CA MET A 563 -34.41 11.45 -7.92
C MET A 563 -35.17 11.92 -6.70
N PHE A 564 -34.86 13.13 -6.25
CA PHE A 564 -35.45 13.71 -5.04
C PHE A 564 -36.13 15.03 -5.43
N SER A 565 -37.45 14.95 -5.65
CA SER A 565 -38.21 16.17 -5.93
C SER A 565 -38.37 17.02 -4.67
N ASN A 566 -38.52 16.38 -3.52
CA ASN A 566 -38.69 17.08 -2.25
C ASN A 566 -37.34 17.44 -1.65
N ASN A 567 -37.38 18.28 -0.62
CA ASN A 567 -36.15 18.81 -0.03
C ASN A 567 -35.47 17.74 0.84
N VAL A 568 -34.16 17.93 1.03
CA VAL A 568 -33.32 16.99 1.78
C VAL A 568 -32.50 17.78 2.80
N LEU A 569 -32.53 17.33 4.05
CA LEU A 569 -31.73 17.89 5.13
C LEU A 569 -30.52 17.00 5.42
N ILE A 570 -29.45 17.61 5.91
CA ILE A 570 -28.19 16.93 6.16
C ILE A 570 -27.85 17.06 7.63
N PHE A 571 -27.55 15.92 8.28
CA PHE A 571 -27.09 15.90 9.66
C PHE A 571 -25.73 15.24 9.71
N ASP A 572 -24.77 15.90 10.36
CA ASP A 572 -23.39 15.45 10.39
C ASP A 572 -22.95 15.17 11.81
N TYR A 573 -22.14 14.13 11.98
CA TYR A 573 -21.55 13.80 13.27
C TYR A 573 -20.31 14.65 13.51
N ASN A 574 -20.18 15.13 14.74
CA ASN A 574 -19.03 15.93 15.16
C ASN A 574 -17.90 14.98 15.55
N SER A 575 -17.01 14.71 14.60
CA SER A 575 -15.85 13.84 14.81
C SER A 575 -16.31 12.47 15.33
N LEU A 576 -17.01 11.75 14.45
CA LEU A 576 -17.66 10.51 14.87
C LEU A 576 -16.65 9.49 15.38
N TYR A 577 -15.60 9.23 14.63
CA TYR A 577 -14.67 8.17 15.01
C TYR A 577 -13.89 8.46 16.30
N PRO A 578 -13.35 9.67 16.50
CA PRO A 578 -12.76 9.96 17.82
C PRO A 578 -13.75 9.83 18.97
N ASN A 579 -15.00 10.24 18.76
CA ASN A 579 -16.01 10.12 19.80
C ASN A 579 -16.34 8.66 20.09
N VAL A 580 -16.38 7.83 19.05
CA VAL A 580 -16.58 6.40 19.23
C VAL A 580 -15.43 5.78 20.01
N CYS A 581 -14.20 6.15 19.67
CA CYS A 581 -13.05 5.61 20.38
C CYS A 581 -13.05 6.04 21.84
N ILE A 582 -13.50 7.27 22.13
CA ILE A 582 -13.59 7.72 23.51
C ILE A 582 -14.71 6.99 24.24
N PHE A 583 -15.87 6.84 23.59
CA PHE A 583 -17.03 6.25 24.25
C PHE A 583 -16.81 4.77 24.56
N GLY A 584 -16.29 4.02 23.59
CA GLY A 584 -16.04 2.61 23.78
C GLY A 584 -14.75 2.26 24.48
N ASN A 585 -13.92 3.27 24.78
CA ASN A 585 -12.63 3.05 25.43
C ASN A 585 -11.77 2.07 24.64
N LEU A 586 -11.74 2.24 23.32
CA LEU A 586 -11.07 1.31 22.42
C LEU A 586 -9.59 1.63 22.35
N SER A 587 -8.79 0.93 23.13
CA SER A 587 -7.34 1.01 23.11
C SER A 587 -6.77 -0.40 23.15
N PRO A 588 -5.54 -0.60 22.69
CA PRO A 588 -4.96 -1.95 22.73
C PRO A 588 -4.84 -2.52 24.14
N GLU A 589 -4.74 -1.66 25.15
CA GLU A 589 -4.56 -2.11 26.53
C GLU A 589 -5.86 -2.32 27.28
N THR A 590 -7.00 -1.88 26.73
CA THR A 590 -8.29 -2.04 27.39
C THR A 590 -9.05 -3.26 26.91
N LEU A 591 -8.53 -3.98 25.91
CA LEU A 591 -9.22 -5.14 25.35
C LEU A 591 -9.04 -6.31 26.30
N VAL A 592 -10.11 -6.65 27.04
CA VAL A 592 -10.03 -7.77 27.97
C VAL A 592 -9.81 -9.07 27.21
N GLY A 593 -10.55 -9.27 26.12
CA GLY A 593 -10.38 -10.46 25.33
C GLY A 593 -11.37 -10.50 24.19
N VAL A 594 -11.08 -11.36 23.23
CA VAL A 594 -11.91 -11.56 22.04
C VAL A 594 -12.30 -13.03 21.97
N VAL A 595 -13.58 -13.28 21.75
CA VAL A 595 -14.16 -14.63 21.77
C VAL A 595 -14.70 -14.95 20.38
N VAL A 596 -14.31 -16.10 19.85
CA VAL A 596 -14.74 -16.56 18.53
C VAL A 596 -15.40 -17.92 18.67
N SER A 597 -16.26 -18.24 17.71
CA SER A 597 -16.99 -19.50 17.72
C SER A 597 -17.12 -20.02 16.30
N THR A 598 -16.88 -21.32 16.12
CA THR A 598 -17.02 -21.96 14.82
C THR A 598 -18.40 -22.59 14.62
N ASN A 599 -19.27 -22.51 15.62
CA ASN A 599 -20.60 -23.11 15.52
C ASN A 599 -21.55 -22.34 16.43
N ARG A 600 -22.84 -22.52 16.20
CA ARG A 600 -23.85 -21.74 16.91
C ARG A 600 -24.06 -22.23 18.34
N LEU A 601 -23.80 -23.50 18.63
CA LEU A 601 -23.92 -23.99 19.99
C LEU A 601 -22.91 -23.32 20.92
N GLU A 602 -21.64 -23.35 20.54
CA GLU A 602 -20.62 -22.66 21.33
C GLU A 602 -20.83 -21.16 21.32
N GLU A 603 -21.36 -20.60 20.23
CA GLU A 603 -21.66 -19.18 20.18
C GLU A 603 -22.71 -18.81 21.23
N GLU A 604 -23.78 -19.60 21.33
CA GLU A 604 -24.80 -19.34 22.33
C GLU A 604 -24.25 -19.52 23.74
N ILE A 605 -23.45 -20.56 23.96
CA ILE A 605 -22.86 -20.78 25.29
C ILE A 605 -21.99 -19.59 25.69
N ASN A 606 -21.15 -19.13 24.75
CA ASN A 606 -20.27 -18.01 25.04
C ASN A 606 -21.05 -16.73 25.28
N ASN A 607 -22.12 -16.50 24.51
CA ASN A 607 -22.93 -15.30 24.73
C ASN A 607 -23.58 -15.33 26.10
N GLN A 608 -24.12 -16.48 26.50
CA GLN A 608 -24.74 -16.59 27.82
C GLN A 608 -23.72 -16.37 28.93
N LEU A 609 -22.52 -16.94 28.78
CA LEU A 609 -21.49 -16.73 29.80
C LEU A 609 -20.99 -15.30 29.80
N LEU A 610 -20.97 -14.65 28.64
CA LEU A 610 -20.41 -13.31 28.50
C LEU A 610 -21.35 -12.25 29.07
N LEU A 611 -22.65 -12.39 28.86
CA LEU A 611 -23.58 -11.42 29.41
C LEU A 611 -23.64 -11.44 30.92
N GLN A 612 -23.07 -12.46 31.56
CA GLN A 612 -23.04 -12.58 33.01
C GLN A 612 -21.67 -12.34 33.63
N LYS A 613 -20.60 -12.77 32.96
CA LYS A 613 -19.26 -12.59 33.50
C LYS A 613 -18.86 -11.12 33.50
N TYR A 614 -19.17 -10.40 32.43
CA TYR A 614 -18.82 -8.99 32.29
C TYR A 614 -20.10 -8.16 32.21
N PRO A 615 -20.50 -7.49 33.29
CA PRO A 615 -21.76 -6.77 33.27
C PRO A 615 -21.72 -5.64 32.25
N PRO A 616 -22.84 -5.36 31.60
CA PRO A 616 -22.90 -4.29 30.60
C PRO A 616 -22.55 -2.91 31.15
N PRO A 617 -22.94 -2.55 32.38
CA PRO A 617 -22.62 -1.19 32.87
C PRO A 617 -21.14 -0.85 32.87
N ARG A 618 -20.26 -1.82 33.10
CA ARG A 618 -18.82 -1.57 33.12
C ARG A 618 -18.13 -1.99 31.85
N TYR A 619 -18.38 -3.20 31.37
CA TYR A 619 -17.75 -3.71 30.15
C TYR A 619 -18.65 -3.46 28.95
N ILE A 620 -18.02 -3.33 27.78
CA ILE A 620 -18.74 -3.17 26.52
C ILE A 620 -18.28 -4.26 25.56
N THR A 621 -19.24 -4.96 24.98
CA THR A 621 -18.97 -6.03 24.02
C THR A 621 -19.37 -5.58 22.63
N VAL A 622 -18.44 -5.70 21.69
CA VAL A 622 -18.63 -5.26 20.31
C VAL A 622 -18.50 -6.46 19.39
N HIS A 623 -19.52 -6.68 18.55
CA HIS A 623 -19.48 -7.76 17.58
C HIS A 623 -18.72 -7.33 16.33
N CYS A 624 -17.81 -8.18 15.87
CA CYS A 624 -16.97 -7.88 14.73
C CYS A 624 -17.10 -8.99 13.69
N GLU A 625 -16.70 -8.66 12.47
CA GLU A 625 -16.69 -9.65 11.41
C GLU A 625 -15.62 -10.71 11.69
N PRO A 626 -15.90 -11.98 11.41
CA PRO A 626 -14.93 -13.04 11.71
C PRO A 626 -13.61 -12.84 10.96
N ARG A 627 -12.51 -13.18 11.63
CA ARG A 627 -11.20 -13.03 11.02
C ARG A 627 -10.97 -14.08 9.93
N LEU A 628 -11.49 -15.30 10.14
CA LEU A 628 -11.24 -16.43 9.27
C LEU A 628 -12.54 -17.01 8.77
N PRO A 629 -12.54 -17.67 7.61
CA PRO A 629 -13.80 -18.21 7.06
C PRO A 629 -14.49 -19.23 7.95
N ASN A 630 -13.73 -20.04 8.70
CA ASN A 630 -14.35 -21.05 9.55
C ASN A 630 -15.13 -20.41 10.69
N LEU A 631 -14.60 -19.32 11.26
CA LEU A 631 -15.29 -18.64 12.35
C LEU A 631 -16.55 -17.97 11.85
N ILE A 632 -17.58 -17.96 12.70
CA ILE A 632 -18.85 -17.35 12.38
C ILE A 632 -19.23 -16.22 13.33
N SER A 633 -18.44 -15.99 14.38
CA SER A 633 -18.71 -14.89 15.30
C SER A 633 -17.41 -14.42 15.92
N GLU A 634 -17.42 -13.18 16.40
CA GLU A 634 -16.25 -12.59 17.05
C GLU A 634 -16.70 -11.42 17.89
N ILE A 635 -16.51 -11.50 19.20
CA ILE A 635 -16.94 -10.46 20.14
C ILE A 635 -15.72 -9.99 20.91
N ALA A 636 -15.49 -8.68 20.92
CA ALA A 636 -14.39 -8.07 21.65
C ALA A 636 -14.93 -7.35 22.87
N ILE A 637 -14.28 -7.55 24.01
CA ILE A 637 -14.73 -7.01 25.29
C ILE A 637 -13.76 -5.92 25.72
N PHE A 638 -14.28 -4.75 26.07
CA PHE A 638 -13.48 -3.62 26.51
C PHE A 638 -13.93 -3.18 27.89
N ASP A 639 -12.95 -2.94 28.77
CA ASP A 639 -13.20 -2.42 30.11
C ASP A 639 -13.19 -0.90 30.09
N ARG A 640 -14.14 -0.30 30.80
CA ARG A 640 -14.36 1.14 30.76
C ARG A 640 -14.13 1.78 32.11
N SER A 641 -13.08 1.37 32.82
CA SER A 641 -12.78 1.98 34.11
C SER A 641 -11.29 2.19 34.33
N ILE A 642 -10.49 2.29 33.27
CA ILE A 642 -9.05 2.48 33.42
C ILE A 642 -8.49 3.58 32.54
N GLU A 643 -9.31 4.21 31.70
CA GLU A 643 -8.93 5.42 30.96
C GLU A 643 -7.69 5.18 30.09
N GLY A 644 -7.91 4.37 29.05
CA GLY A 644 -6.83 3.96 28.17
C GLY A 644 -6.10 5.07 27.43
N THR A 645 -5.22 4.70 26.51
CA THR A 645 -4.30 5.64 25.87
C THR A 645 -4.96 6.43 24.74
N ILE A 646 -5.47 5.72 23.72
CA ILE A 646 -6.05 6.39 22.56
C ILE A 646 -7.25 7.26 22.93
N PRO A 647 -8.21 6.82 23.76
CA PRO A 647 -9.29 7.74 24.14
C PRO A 647 -8.81 8.99 24.83
N ARG A 648 -7.81 8.89 25.70
CA ARG A 648 -7.27 10.07 26.38
C ARG A 648 -6.60 11.01 25.38
N LEU A 649 -5.84 10.45 24.44
CA LEU A 649 -5.19 11.28 23.42
C LEU A 649 -6.23 12.03 22.58
N LEU A 650 -7.28 11.32 22.15
CA LEU A 650 -8.30 11.96 21.34
C LEU A 650 -9.06 13.02 22.14
N ARG A 651 -9.33 12.76 23.42
CA ARG A 651 -10.00 13.75 24.25
C ARG A 651 -9.14 15.00 24.41
N THR A 652 -7.82 14.82 24.61
CA THR A 652 -6.93 15.97 24.71
C THR A 652 -6.93 16.77 23.41
N PHE A 653 -6.85 16.09 22.27
CA PHE A 653 -6.84 16.78 20.98
C PHE A 653 -8.13 17.58 20.79
N LEU A 654 -9.28 16.96 21.05
CA LEU A 654 -10.55 17.64 20.85
C LEU A 654 -10.71 18.83 21.78
N ALA A 655 -10.35 18.66 23.06
CA ALA A 655 -10.48 19.76 24.01
C ALA A 655 -9.58 20.93 23.62
N GLU A 656 -8.34 20.64 23.21
CA GLU A 656 -7.44 21.73 22.87
C GLU A 656 -7.85 22.41 21.56
N ARG A 657 -8.42 21.65 20.63
CA ARG A 657 -8.96 22.27 19.42
C ARG A 657 -10.11 23.21 19.75
N ALA A 658 -11.00 22.79 20.66
CA ALA A 658 -12.09 23.68 21.07
C ALA A 658 -11.54 24.93 21.75
N ARG A 659 -10.53 24.78 22.59
CA ARG A 659 -9.92 25.94 23.24
C ARG A 659 -9.34 26.90 22.22
N TYR A 660 -8.64 26.37 21.22
CA TYR A 660 -8.04 27.23 20.21
C TYR A 660 -9.09 27.92 19.35
N LYS A 661 -10.20 27.22 19.05
CA LYS A 661 -11.27 27.87 18.31
C LYS A 661 -11.89 29.01 19.11
N LYS A 662 -12.10 28.80 20.42
CA LYS A 662 -12.63 29.87 21.25
C LYS A 662 -11.66 31.05 21.30
N MET A 663 -10.36 30.78 21.45
CA MET A 663 -9.38 31.86 21.46
C MET A 663 -9.36 32.59 20.12
N LEU A 664 -9.53 31.86 19.02
CA LEU A 664 -9.59 32.48 17.70
C LEU A 664 -10.79 33.42 17.59
N LYS A 665 -11.95 32.98 18.07
CA LYS A 665 -13.12 33.84 17.99
C LYS A 665 -13.05 35.01 18.97
N GLN A 666 -12.22 34.90 20.01
CA GLN A 666 -12.06 35.99 20.97
C GLN A 666 -10.88 36.91 20.66
N ALA A 667 -10.10 36.63 19.62
CA ALA A 667 -8.93 37.43 19.31
C ALA A 667 -9.31 38.65 18.47
N THR A 668 -8.46 39.68 18.53
CA THR A 668 -8.70 40.94 17.83
C THR A 668 -7.67 41.20 16.74
N SER A 669 -6.39 41.18 17.06
CA SER A 669 -5.35 41.48 16.08
C SER A 669 -5.28 40.38 15.02
N SER A 670 -4.84 40.76 13.82
CA SER A 670 -4.84 39.83 12.69
C SER A 670 -3.84 38.71 12.91
N THR A 671 -2.69 39.00 13.52
CA THR A 671 -1.68 37.97 13.74
C THR A 671 -2.19 36.87 14.67
N GLU A 672 -2.90 37.25 15.74
CA GLU A 672 -3.48 36.25 16.64
C GLU A 672 -4.54 35.42 15.93
N LYS A 673 -5.37 36.07 15.10
CA LYS A 673 -6.36 35.35 14.32
C LYS A 673 -5.70 34.31 13.43
N ALA A 674 -4.64 34.71 12.72
CA ALA A 674 -3.94 33.79 11.84
C ALA A 674 -3.32 32.64 12.61
N ILE A 675 -2.69 32.94 13.75
CA ILE A 675 -2.03 31.89 14.53
C ILE A 675 -3.05 30.87 15.03
N TYR A 676 -4.15 31.35 15.60
CA TYR A 676 -5.15 30.43 16.14
C TYR A 676 -5.83 29.63 15.03
N ASP A 677 -6.12 30.27 13.90
CA ASP A 677 -6.71 29.54 12.78
C ASP A 677 -5.76 28.48 12.25
N SER A 678 -4.46 28.78 12.25
CA SER A 678 -3.48 27.77 11.83
C SER A 678 -3.43 26.60 12.81
N MET A 679 -3.49 26.90 14.11
CA MET A 679 -3.39 25.83 15.11
C MET A 679 -4.61 24.91 15.09
N GLN A 680 -5.80 25.49 14.88
CA GLN A 680 -7.02 24.69 15.03
C GLN A 680 -7.10 23.59 13.99
N TYR A 681 -6.77 23.88 12.72
CA TYR A 681 -6.85 22.81 11.73
C TYR A 681 -5.68 21.83 11.81
N THR A 682 -4.54 22.24 12.36
CA THR A 682 -3.50 21.25 12.65
C THR A 682 -3.97 20.26 13.70
N TYR A 683 -4.67 20.75 14.73
CA TYR A 683 -5.25 19.83 15.71
C TYR A 683 -6.33 18.96 15.08
N LYS A 684 -7.11 19.52 14.15
CA LYS A 684 -8.09 18.72 13.43
C LYS A 684 -7.41 17.60 12.65
N ILE A 685 -6.31 17.91 11.97
CA ILE A 685 -5.60 16.91 11.17
C ILE A 685 -5.02 15.83 12.07
N VAL A 686 -4.40 16.22 13.19
CA VAL A 686 -3.81 15.21 14.07
C VAL A 686 -4.89 14.34 14.71
N ALA A 687 -6.07 14.90 14.96
CA ALA A 687 -7.16 14.10 15.51
C ALA A 687 -7.78 13.16 14.48
N ASN A 688 -7.80 13.56 13.21
CA ASN A 688 -8.47 12.77 12.19
C ASN A 688 -7.65 11.57 11.70
N SER A 689 -6.36 11.54 12.01
CA SER A 689 -5.48 10.49 11.48
C SER A 689 -5.35 9.28 12.40
N VAL A 690 -5.96 9.31 13.58
CA VAL A 690 -5.79 8.22 14.54
C VAL A 690 -6.51 6.97 14.06
N TYR A 691 -7.72 7.12 13.52
CA TYR A 691 -8.50 5.96 13.10
C TYR A 691 -7.80 5.18 12.00
N GLY A 692 -7.24 5.87 11.01
CA GLY A 692 -6.46 5.20 9.99
C GLY A 692 -5.20 4.57 10.52
N LEU A 693 -4.57 5.21 11.52
CA LEU A 693 -3.34 4.68 12.09
C LEU A 693 -3.58 3.39 12.86
N MET A 694 -4.74 3.27 13.52
CA MET A 694 -5.03 2.06 14.28
C MET A 694 -5.10 0.82 13.40
N GLY A 695 -5.36 0.97 12.11
CA GLY A 695 -5.42 -0.13 11.18
C GLY A 695 -4.20 -0.34 10.32
N PHE A 696 -3.08 0.30 10.63
CA PHE A 696 -1.85 0.18 9.87
C PHE A 696 -0.84 -0.61 10.69
N ARG A 697 -0.23 -1.62 10.06
CA ARG A 697 0.62 -2.56 10.80
C ARG A 697 1.85 -1.87 11.37
N ASN A 698 2.46 -0.95 10.62
CA ASN A 698 3.71 -0.31 11.02
C ASN A 698 3.49 0.91 11.91
N SER A 699 2.34 1.03 12.55
CA SER A 699 2.05 2.14 13.43
C SER A 699 2.30 1.77 14.89
N ALA A 700 2.56 2.79 15.70
CA ALA A 700 2.67 2.60 17.14
C ALA A 700 1.31 2.50 17.82
N LEU A 701 0.23 2.77 17.09
CA LEU A 701 -1.13 2.67 17.59
C LEU A 701 -1.89 1.49 16.98
N TYR A 702 -1.18 0.50 16.46
CA TYR A 702 -1.82 -0.59 15.74
C TYR A 702 -2.66 -1.44 16.68
N SER A 703 -3.92 -1.66 16.28
CA SER A 703 -4.82 -2.54 17.04
C SER A 703 -5.90 -3.01 16.07
N TYR A 704 -5.84 -4.29 15.70
CA TYR A 704 -6.82 -4.84 14.77
C TYR A 704 -8.21 -4.87 15.39
N ALA A 705 -8.32 -5.41 16.61
CA ALA A 705 -9.61 -5.51 17.27
C ALA A 705 -10.21 -4.14 17.56
N SER A 706 -9.37 -3.18 18.00
CA SER A 706 -9.87 -1.85 18.28
C SER A 706 -10.39 -1.16 17.04
N ALA A 707 -9.67 -1.30 15.91
CA ALA A 707 -10.13 -0.69 14.67
C ALA A 707 -11.43 -1.31 14.18
N LYS A 708 -11.51 -2.64 14.23
CA LYS A 708 -12.75 -3.30 13.81
C LYS A 708 -13.91 -2.91 14.71
N SER A 709 -13.68 -2.81 16.01
CA SER A 709 -14.72 -2.41 16.95
C SER A 709 -15.14 -0.97 16.70
N CYS A 710 -14.20 -0.08 16.38
CA CYS A 710 -14.54 1.30 16.06
C CYS A 710 -15.43 1.36 14.83
N THR A 711 -15.09 0.61 13.79
CA THR A 711 -15.92 0.59 12.59
C THR A 711 -17.30 0.02 12.91
N SER A 712 -17.36 -1.04 13.71
CA SER A 712 -18.65 -1.65 14.05
C SER A 712 -19.53 -0.69 14.84
N ILE A 713 -18.96 0.02 15.81
CA ILE A 713 -19.75 0.95 16.61
C ILE A 713 -20.20 2.13 15.77
N GLY A 714 -19.34 2.60 14.85
CA GLY A 714 -19.76 3.65 13.94
C GLY A 714 -20.92 3.23 13.06
N ARG A 715 -20.85 2.01 12.51
CA ARG A 715 -21.96 1.49 11.71
C ARG A 715 -23.23 1.37 12.55
N ARG A 716 -23.10 0.90 13.78
CA ARG A 716 -24.27 0.74 14.64
C ARG A 716 -24.91 2.09 14.95
N MET A 717 -24.08 3.12 15.22
CA MET A 717 -24.64 4.44 15.48
C MET A 717 -25.33 5.00 14.25
N ILE A 718 -24.74 4.81 13.06
CA ILE A 718 -25.36 5.28 11.84
C ILE A 718 -26.71 4.58 11.63
N LEU A 719 -26.75 3.27 11.84
CA LEU A 719 -28.01 2.53 11.69
C LEU A 719 -29.04 2.99 12.71
N TYR A 720 -28.61 3.24 13.95
CA TYR A 720 -29.52 3.71 14.99
C TYR A 720 -30.15 5.04 14.61
N LEU A 721 -29.32 5.99 14.17
CA LEU A 721 -29.86 7.30 13.79
C LEU A 721 -30.78 7.18 12.58
N GLU A 722 -30.40 6.37 11.59
CA GLU A 722 -31.24 6.21 10.40
C GLU A 722 -32.57 5.58 10.76
N SER A 723 -32.58 4.59 11.65
CA SER A 723 -33.81 3.92 12.03
C SER A 723 -34.72 4.84 12.84
N VAL A 724 -34.16 5.61 13.77
CA VAL A 724 -35.01 6.49 14.56
C VAL A 724 -35.51 7.66 13.72
N LEU A 725 -34.72 8.13 12.76
CA LEU A 725 -35.14 9.26 11.94
C LEU A 725 -36.13 8.85 10.87
N ASN A 726 -36.05 7.63 10.37
CA ASN A 726 -36.96 7.15 9.34
C ASN A 726 -38.38 7.08 9.89
N GLY A 727 -39.34 7.52 9.08
CA GLY A 727 -40.74 7.47 9.47
C GLY A 727 -41.07 8.33 10.68
N ALA A 728 -40.55 9.54 10.73
CA ALA A 728 -40.78 10.47 11.84
C ALA A 728 -41.78 11.53 11.41
N GLU A 729 -42.79 11.77 12.23
CA GLU A 729 -43.82 12.74 11.94
C GLU A 729 -43.69 13.96 12.86
N LEU A 730 -44.41 15.02 12.51
CA LEU A 730 -44.41 16.28 13.24
C LEU A 730 -45.83 16.78 13.44
N SER A 731 -46.72 15.90 13.88
CA SER A 731 -48.13 16.23 14.02
C SER A 731 -48.41 16.87 15.36
N ASN A 732 -49.23 17.93 15.34
CA ASN A 732 -49.66 18.63 16.55
C ASN A 732 -48.48 19.12 17.38
N GLY A 733 -47.43 19.58 16.70
CA GLY A 733 -46.24 20.05 17.40
C GLY A 733 -45.52 18.99 18.20
N MET A 734 -45.74 17.72 17.88
CA MET A 734 -45.12 16.60 18.58
C MET A 734 -44.21 15.84 17.63
N LEU A 735 -42.99 15.57 18.07
CA LEU A 735 -42.02 14.81 17.29
C LEU A 735 -42.16 13.35 17.72
N ARG A 736 -42.72 12.53 16.84
CA ARG A 736 -42.95 11.11 17.13
C ARG A 736 -41.99 10.28 16.28
N PHE A 737 -41.19 9.46 16.94
CA PHE A 737 -40.21 8.63 16.27
C PHE A 737 -40.78 7.24 16.00
N ALA A 738 -40.29 6.60 14.94
CA ALA A 738 -40.81 5.31 14.52
C ALA A 738 -40.57 4.24 15.57
N ASN A 739 -39.38 4.22 16.15
CA ASN A 739 -38.99 3.19 17.11
C ASN A 739 -38.56 3.82 18.42
N THR A 740 -38.45 2.96 19.44
CA THR A 740 -38.07 3.44 20.77
C THR A 740 -36.65 3.96 20.79
N LEU A 741 -36.43 5.04 21.54
CA LEU A 741 -35.12 5.68 21.64
C LEU A 741 -34.34 4.97 22.75
N SER A 742 -33.55 3.96 22.36
CA SER A 742 -32.84 3.14 23.30
C SER A 742 -31.38 3.01 22.88
N ASN A 743 -30.51 2.83 23.88
CA ASN A 743 -29.09 2.63 23.61
C ASN A 743 -28.88 1.26 22.98
N PRO A 744 -28.26 1.18 21.81
CA PRO A 744 -28.10 -0.12 21.14
C PRO A 744 -26.99 -0.99 21.68
N PHE A 745 -26.33 -0.60 22.78
CA PHE A 745 -25.24 -1.37 23.37
C PHE A 745 -25.60 -1.99 24.71
N TYR A 746 -26.28 -1.25 25.58
CA TYR A 746 -26.67 -1.77 26.88
C TYR A 746 -27.82 -0.94 27.41
N MET A 747 -28.53 -1.48 28.40
CA MET A 747 -29.67 -0.79 28.97
C MET A 747 -29.21 0.43 29.76
N ASP A 748 -29.99 1.51 29.68
CA ASP A 748 -29.67 2.76 30.36
C ASP A 748 -30.89 3.25 31.12
N ASP A 749 -30.68 4.30 31.91
CA ASP A 749 -31.73 4.93 32.68
C ASP A 749 -32.44 6.05 31.93
N ARG A 750 -31.98 6.38 30.73
CA ARG A 750 -32.59 7.44 29.96
C ARG A 750 -33.98 7.04 29.47
N ASP A 751 -34.84 8.04 29.30
CA ASP A 751 -36.19 7.79 28.83
C ASP A 751 -36.18 7.23 27.41
N ILE A 752 -37.12 6.32 27.14
CA ILE A 752 -37.23 5.67 25.84
C ILE A 752 -38.55 6.01 25.16
N ASN A 753 -39.21 7.08 25.58
CA ASN A 753 -40.47 7.46 24.97
C ASN A 753 -40.22 8.05 23.58
N PRO A 754 -40.88 7.54 22.54
CA PRO A 754 -40.63 8.03 21.18
C PRO A 754 -41.38 9.28 20.78
N ILE A 755 -42.07 9.94 21.70
CA ILE A 755 -42.81 11.17 21.43
C ILE A 755 -42.25 12.27 22.32
N VAL A 756 -41.88 13.38 21.71
CA VAL A 756 -41.30 14.51 22.44
C VAL A 756 -41.98 15.80 22.01
N LYS A 757 -41.87 16.82 22.85
CA LYS A 757 -42.47 18.12 22.57
C LYS A 757 -41.54 18.95 21.68
N THR A 758 -42.15 19.71 20.77
CA THR A 758 -41.42 20.56 19.84
C THR A 758 -41.85 22.00 20.01
N SER A 759 -40.89 22.91 19.95
CA SER A 759 -41.17 24.35 19.99
C SER A 759 -41.38 24.89 18.57
N LEU A 760 -42.37 24.32 17.91
CA LEU A 760 -42.70 24.64 16.52
C LEU A 760 -44.19 24.95 16.42
N PRO A 761 -44.60 25.70 15.40
CA PRO A 761 -46.02 26.03 15.25
C PRO A 761 -46.87 24.77 15.10
N ILE A 762 -48.10 24.86 15.63
CA ILE A 762 -49.02 23.73 15.59
C ILE A 762 -49.41 23.40 14.16
N ASP A 763 -49.51 24.40 13.29
CA ASP A 763 -49.94 24.21 11.92
C ASP A 763 -48.97 23.37 11.09
N TYR A 764 -47.75 23.14 11.57
CA TYR A 764 -46.77 22.37 10.82
C TYR A 764 -47.18 20.91 10.76
N ARG A 765 -47.14 20.33 9.56
CA ARG A 765 -47.45 18.92 9.36
C ARG A 765 -46.47 18.38 8.33
N PHE A 766 -45.60 17.46 8.74
CA PHE A 766 -44.55 16.98 7.86
C PHE A 766 -44.19 15.55 8.23
N ARG A 767 -43.52 14.88 7.29
CA ARG A 767 -43.04 13.51 7.47
C ARG A 767 -41.55 13.46 7.15
N PHE A 768 -40.88 12.44 7.70
CA PHE A 768 -39.45 12.30 7.56
C PHE A 768 -39.09 10.89 7.13
N ARG A 769 -37.99 10.77 6.40
CA ARG A 769 -37.51 9.48 5.91
C ARG A 769 -36.02 9.57 5.64
N SER A 770 -35.30 8.50 5.94
CA SER A 770 -33.86 8.44 5.71
C SER A 770 -33.60 7.84 4.33
N VAL A 771 -32.80 8.53 3.53
CA VAL A 771 -32.56 8.15 2.15
C VAL A 771 -31.12 7.70 1.92
N TYR A 772 -30.15 8.30 2.63
CA TYR A 772 -28.76 8.00 2.38
C TYR A 772 -27.94 8.20 3.65
N GLY A 773 -26.82 7.49 3.72
CA GLY A 773 -25.93 7.61 4.86
C GLY A 773 -24.49 7.38 4.43
N ASP A 774 -23.58 7.90 5.23
CA ASP A 774 -22.15 7.78 4.96
C ASP A 774 -21.40 7.38 6.21
N THR A 775 -20.06 7.45 6.17
CA THR A 775 -19.27 7.14 7.35
C THR A 775 -19.60 8.10 8.49
N ASP A 776 -19.70 9.40 8.19
CA ASP A 776 -19.89 10.44 9.19
C ASP A 776 -21.01 11.39 8.78
N SER A 777 -22.06 10.89 8.15
CA SER A 777 -23.13 11.79 7.71
C SER A 777 -24.42 11.00 7.50
N VAL A 778 -25.54 11.71 7.59
CA VAL A 778 -26.87 11.15 7.39
C VAL A 778 -27.70 12.16 6.60
N PHE A 779 -28.46 11.67 5.62
CA PHE A 779 -29.37 12.50 4.85
C PHE A 779 -30.79 12.12 5.20
N THR A 780 -31.63 13.12 5.47
CA THR A 780 -33.03 12.91 5.79
C THR A 780 -33.90 13.59 4.74
N GLU A 781 -35.06 13.00 4.47
CA GLU A 781 -35.97 13.52 3.45
C GLU A 781 -37.15 14.22 4.12
N ILE A 782 -37.46 15.42 3.66
CA ILE A 782 -38.60 16.19 4.14
C ILE A 782 -39.52 16.47 2.95
N ASP A 783 -40.81 16.24 3.14
CA ASP A 783 -41.81 16.48 2.10
C ASP A 783 -42.22 17.95 2.11
N SER A 784 -41.27 18.79 1.72
CA SER A 784 -41.47 20.24 1.70
C SER A 784 -40.60 20.85 0.61
N GLN A 785 -40.94 22.07 0.24
CA GLN A 785 -40.20 22.81 -0.79
C GLN A 785 -39.58 24.10 -0.28
N ASP A 786 -40.14 24.70 0.77
CA ASP A 786 -39.60 25.96 1.28
C ASP A 786 -38.25 25.73 1.96
N VAL A 787 -37.44 26.78 1.98
CA VAL A 787 -36.10 26.70 2.58
C VAL A 787 -36.12 27.19 4.03
N ASP A 788 -36.86 28.26 4.31
CA ASP A 788 -36.90 28.79 5.67
C ASP A 788 -37.53 27.80 6.64
N LYS A 789 -38.67 27.23 6.26
CA LYS A 789 -39.31 26.22 7.10
C LYS A 789 -38.41 25.01 7.28
N SER A 790 -37.74 24.57 6.21
CA SER A 790 -36.83 23.45 6.32
C SER A 790 -35.68 23.75 7.27
N ILE A 791 -35.13 24.96 7.20
CA ILE A 791 -34.03 25.32 8.09
C ILE A 791 -34.50 25.35 9.55
N GLU A 792 -35.67 25.93 9.79
CA GLU A 792 -36.18 26.00 11.17
C GLU A 792 -36.45 24.60 11.72
N ILE A 793 -37.08 23.74 10.93
CA ILE A 793 -37.34 22.37 11.38
C ILE A 793 -36.04 21.61 11.58
N ALA A 794 -35.04 21.86 10.73
CA ALA A 794 -33.75 21.20 10.92
C ALA A 794 -33.09 21.63 12.21
N LYS A 795 -33.16 22.92 12.55
CA LYS A 795 -32.60 23.39 13.81
C LYS A 795 -33.32 22.76 15.00
N GLU A 796 -34.66 22.70 14.94
CA GLU A 796 -35.41 22.09 16.03
C GLU A 796 -35.08 20.60 16.16
N LEU A 797 -34.95 19.90 15.02
CA LEU A 797 -34.58 18.50 15.05
C LEU A 797 -33.20 18.31 15.65
N GLU A 798 -32.24 19.16 15.27
CA GLU A 798 -30.90 19.06 15.82
C GLU A 798 -30.94 19.22 17.34
N ARG A 799 -31.67 20.23 17.82
CA ARG A 799 -31.77 20.42 19.27
C ARG A 799 -32.39 19.22 19.97
N LEU A 800 -33.53 18.75 19.46
CA LEU A 800 -34.24 17.65 20.13
C LEU A 800 -33.44 16.36 20.09
N ILE A 801 -32.80 16.06 18.97
CA ILE A 801 -32.02 14.83 18.85
C ILE A 801 -30.77 14.89 19.71
N ASN A 802 -30.11 16.05 19.77
CA ASN A 802 -28.93 16.18 20.62
C ASN A 802 -29.31 16.03 22.09
N SER A 803 -30.44 16.62 22.49
CA SER A 803 -30.83 16.56 23.90
C SER A 803 -31.42 15.20 24.30
N ARG A 804 -32.15 14.54 23.39
CA ARG A 804 -32.95 13.38 23.77
C ARG A 804 -32.49 12.08 23.13
N VAL A 805 -32.18 12.07 21.84
CA VAL A 805 -31.95 10.81 21.15
C VAL A 805 -30.58 10.24 21.48
N LEU A 806 -29.52 10.97 21.18
CA LEU A 806 -28.17 10.47 21.38
C LEU A 806 -27.76 10.56 22.84
N PHE A 807 -26.56 10.11 23.15
CA PHE A 807 -26.12 9.90 24.52
C PHE A 807 -24.63 10.13 24.63
N ASN A 808 -24.18 10.38 25.86
CA ASN A 808 -22.76 10.52 26.22
C ASN A 808 -22.17 11.66 25.40
N ASN A 809 -21.15 11.43 24.58
CA ASN A 809 -20.47 12.48 23.84
C ASN A 809 -20.78 12.42 22.34
N PHE A 810 -21.95 11.92 21.97
CA PHE A 810 -22.36 11.81 20.58
C PHE A 810 -23.33 12.94 20.28
N LYS A 811 -22.86 13.95 19.54
CA LYS A 811 -23.68 15.09 19.16
C LYS A 811 -23.73 15.20 17.63
N ILE A 812 -24.81 15.74 17.12
CA ILE A 812 -24.99 15.95 15.70
C ILE A 812 -25.08 17.46 15.43
N GLU A 813 -24.97 17.81 14.15
CA GLU A 813 -25.08 19.21 13.74
C GLU A 813 -25.81 19.27 12.40
N PHE A 814 -26.60 20.34 12.22
CA PHE A 814 -27.32 20.58 10.98
C PHE A 814 -26.41 21.36 10.04
N GLU A 815 -25.94 20.69 8.98
CA GLU A 815 -24.97 21.31 8.08
C GLU A 815 -25.63 22.21 7.05
N ALA A 816 -26.48 21.64 6.20
CA ALA A 816 -27.04 22.40 5.10
C ALA A 816 -28.33 21.73 4.63
N VAL A 817 -29.00 22.41 3.71
CA VAL A 817 -30.24 21.94 3.10
C VAL A 817 -29.96 21.67 1.63
N TYR A 818 -30.24 20.45 1.18
CA TYR A 818 -29.94 20.02 -0.18
C TYR A 818 -31.21 19.98 -1.01
N LYS A 819 -31.19 20.67 -2.15
CA LYS A 819 -32.32 20.77 -3.05
C LYS A 819 -31.94 20.22 -4.42
N ASN A 820 -32.92 19.65 -5.11
CA ASN A 820 -32.73 19.05 -6.42
C ASN A 820 -31.63 17.99 -6.37
N LEU A 821 -31.69 17.13 -5.36
CA LEU A 821 -30.67 16.10 -5.19
C LEU A 821 -30.82 15.03 -6.27
N ILE A 822 -29.71 14.73 -6.95
CA ILE A 822 -29.67 13.72 -7.99
C ILE A 822 -28.57 12.73 -7.61
N MET A 823 -28.95 11.47 -7.40
CA MET A 823 -28.02 10.41 -7.05
C MET A 823 -27.70 9.60 -8.31
N GLN A 824 -26.42 9.59 -8.70
CA GLN A 824 -25.99 8.83 -9.86
C GLN A 824 -25.67 7.38 -9.49
N SER A 825 -24.85 7.20 -8.47
CA SER A 825 -24.51 5.87 -7.95
C SER A 825 -24.22 6.02 -6.47
N LYS A 826 -23.60 5.01 -5.88
CA LYS A 826 -23.20 5.10 -4.48
C LYS A 826 -22.05 6.08 -4.34
N LYS A 827 -22.18 7.00 -3.39
CA LYS A 827 -21.19 8.07 -3.16
C LYS A 827 -21.00 8.92 -4.42
N LYS A 828 -22.12 9.32 -5.04
CA LYS A 828 -22.07 10.12 -6.25
C LYS A 828 -23.39 10.86 -6.40
N TYR A 829 -23.37 12.18 -6.19
CA TYR A 829 -24.59 12.97 -6.28
C TYR A 829 -24.28 14.39 -6.68
N THR A 830 -25.33 15.11 -7.08
CA THR A 830 -25.25 16.51 -7.49
C THR A 830 -26.51 17.22 -7.02
N THR A 831 -26.34 18.39 -6.40
CA THR A 831 -27.49 19.12 -5.85
C THR A 831 -27.11 20.57 -5.60
N MET A 832 -28.04 21.30 -5.00
CA MET A 832 -27.83 22.68 -4.57
C MET A 832 -27.89 22.73 -3.05
N LYS A 833 -27.04 23.57 -2.45
CA LYS A 833 -26.86 23.61 -1.01
C LYS A 833 -27.20 25.00 -0.49
N TYR A 834 -28.05 25.05 0.53
CA TYR A 834 -28.34 26.26 1.29
C TYR A 834 -27.72 26.08 2.68
N SER A 835 -26.86 27.00 3.07
CA SER A 835 -26.21 26.91 4.37
C SER A 835 -27.22 27.15 5.48
N ALA A 836 -26.87 26.70 6.69
CA ALA A 836 -27.75 26.89 7.84
C ALA A 836 -27.94 28.38 8.15
N SER A 837 -26.87 29.16 8.06
CA SER A 837 -26.94 30.61 8.28
C SER A 837 -27.30 31.30 6.97
N SER A 838 -28.51 31.00 6.50
CA SER A 838 -29.02 31.56 5.25
C SER A 838 -30.54 31.51 5.29
N ASN A 839 -31.15 32.26 4.37
CA ASN A 839 -32.60 32.35 4.26
C ASN A 839 -33.03 31.90 2.87
N SER A 840 -34.35 31.98 2.62
CA SER A 840 -34.88 31.55 1.33
C SER A 840 -34.40 32.44 0.19
N LYS A 841 -34.10 33.71 0.47
CA LYS A 841 -33.64 34.63 -0.56
C LYS A 841 -32.15 34.51 -0.85
N SER A 842 -31.41 33.72 -0.07
CA SER A 842 -29.99 33.57 -0.31
C SER A 842 -29.73 32.69 -1.52
N VAL A 843 -28.59 32.92 -2.15
CA VAL A 843 -28.22 32.15 -3.35
C VAL A 843 -27.64 30.81 -2.93
N PRO A 844 -28.14 29.69 -3.46
CA PRO A 844 -27.56 28.39 -3.14
C PRO A 844 -26.24 28.18 -3.86
N GLU A 845 -25.53 27.14 -3.46
CA GLU A 845 -24.24 26.76 -4.06
C GLU A 845 -24.35 25.38 -4.66
N ARG A 846 -23.92 25.23 -5.91
CA ARG A 846 -23.96 23.92 -6.56
C ARG A 846 -22.86 23.03 -5.99
N ILE A 847 -23.24 21.82 -5.56
CA ILE A 847 -22.32 20.90 -4.92
C ILE A 847 -22.41 19.53 -5.60
N ASN A 848 -21.27 18.96 -5.93
CA ASN A 848 -21.16 17.64 -6.55
C ASN A 848 -20.19 16.80 -5.75
N LYS A 849 -20.52 15.53 -5.55
CA LYS A 849 -19.65 14.58 -4.87
C LYS A 849 -19.55 13.32 -5.72
N GLY A 850 -18.36 13.07 -6.28
CA GLY A 850 -18.14 11.93 -7.14
C GLY A 850 -18.60 12.10 -8.57
N THR A 851 -19.19 13.24 -8.91
CA THR A 851 -19.65 13.47 -10.26
C THR A 851 -18.46 13.66 -11.21
N SER A 852 -18.69 13.40 -12.49
CA SER A 852 -17.64 13.52 -13.49
C SER A 852 -17.12 14.94 -13.63
N GLU A 853 -17.88 15.93 -13.16
CA GLU A 853 -17.41 17.31 -13.22
C GLU A 853 -16.17 17.55 -12.35
N THR A 854 -15.96 16.72 -11.33
CA THR A 854 -14.79 16.85 -10.48
C THR A 854 -13.59 16.06 -10.97
N ARG A 855 -13.75 15.25 -12.02
CA ARG A 855 -12.66 14.45 -12.55
C ARG A 855 -11.75 15.32 -13.41
N ARG A 856 -10.45 15.02 -13.38
CA ARG A 856 -9.46 15.80 -14.11
C ARG A 856 -9.18 15.24 -15.51
N ASP A 857 -9.91 14.20 -15.93
CA ASP A 857 -9.62 13.56 -17.21
C ASP A 857 -10.89 13.27 -18.00
N VAL A 858 -11.87 14.17 -17.96
CA VAL A 858 -13.09 13.95 -18.74
C VAL A 858 -13.15 14.92 -19.90
N SER A 859 -13.34 16.21 -19.60
CA SER A 859 -13.41 17.25 -20.62
C SER A 859 -13.56 18.63 -19.99
N LYS A 860 -13.76 19.64 -20.81
CA LYS A 860 -14.26 20.93 -20.37
C LYS A 860 -15.60 21.30 -20.97
N PHE A 861 -15.87 20.85 -22.21
CA PHE A 861 -17.18 21.04 -22.84
C PHE A 861 -18.22 20.09 -22.25
N HIS A 862 -17.80 18.85 -21.97
CA HIS A 862 -18.71 17.85 -21.43
C HIS A 862 -19.26 18.28 -20.07
N LYS A 863 -18.40 18.86 -19.22
CA LYS A 863 -18.85 19.30 -17.91
C LYS A 863 -19.94 20.36 -18.03
N ASN A 864 -19.74 21.35 -18.90
CA ASN A 864 -20.73 22.39 -19.09
C ASN A 864 -22.03 21.82 -19.64
N MET A 865 -21.93 20.91 -20.62
CA MET A 865 -23.14 20.35 -21.21
C MET A 865 -23.93 19.53 -20.19
N ILE A 866 -23.24 18.69 -19.40
CA ILE A 866 -23.94 17.89 -18.41
C ILE A 866 -24.52 18.77 -17.31
N LYS A 867 -23.82 19.86 -16.95
CA LYS A 867 -24.37 20.79 -15.97
C LYS A 867 -25.67 21.39 -16.47
N THR A 868 -25.68 21.87 -17.72
CA THR A 868 -26.89 22.48 -18.28
C THR A 868 -28.02 21.46 -18.37
N TYR A 869 -27.71 20.24 -18.82
CA TYR A 869 -28.74 19.21 -18.96
C TYR A 869 -29.31 18.82 -17.60
N LYS A 870 -28.44 18.66 -16.60
CA LYS A 870 -28.91 18.32 -15.26
C LYS A 870 -29.81 19.41 -14.70
N THR A 871 -29.42 20.68 -14.86
CA THR A 871 -30.24 21.77 -14.36
C THR A 871 -31.60 21.80 -15.05
N ARG A 872 -31.60 21.66 -16.39
CA ARG A 872 -32.86 21.71 -17.13
C ARG A 872 -33.78 20.55 -16.75
N LEU A 873 -33.21 19.34 -16.64
CA LEU A 873 -34.02 18.19 -16.29
C LEU A 873 -34.54 18.29 -14.86
N SER A 874 -33.73 18.80 -13.94
CA SER A 874 -34.18 18.99 -12.58
C SER A 874 -35.34 19.98 -12.53
N GLU A 875 -35.24 21.08 -13.28
CA GLU A 875 -36.34 22.05 -13.31
C GLU A 875 -37.60 21.43 -13.89
N MET A 876 -37.46 20.68 -14.99
CA MET A 876 -38.64 20.15 -15.66
C MET A 876 -39.31 19.04 -14.85
N LEU A 877 -38.53 18.24 -14.11
CA LEU A 877 -39.15 17.27 -13.21
C LEU A 877 -39.70 17.94 -11.96
N SER A 878 -39.14 19.08 -11.54
CA SER A 878 -39.73 19.83 -10.44
C SER A 878 -41.10 20.36 -10.82
N GLU A 879 -41.26 20.84 -12.06
CA GLU A 879 -42.57 21.25 -12.57
C GLU A 879 -42.81 20.61 -13.94
N GLY A 880 -43.31 19.38 -13.93
CA GLY A 880 -43.71 18.74 -15.18
C GLY A 880 -45.04 19.27 -15.69
N ARG A 881 -46.14 18.94 -15.00
CA ARG A 881 -46.22 17.88 -14.02
C ARG A 881 -47.50 17.07 -14.19
N MET A 882 -47.47 16.05 -15.05
CA MET A 882 -48.63 15.19 -15.27
C MET A 882 -48.54 13.90 -14.47
N ASN A 883 -47.52 13.08 -14.74
CA ASN A 883 -47.30 11.81 -14.06
C ASN A 883 -45.95 11.24 -14.50
N SER A 884 -45.60 10.06 -14.00
CA SER A 884 -44.25 9.54 -14.20
C SER A 884 -43.95 9.32 -15.68
N ASN A 885 -44.81 8.57 -16.38
CA ASN A 885 -44.48 8.18 -17.75
C ASN A 885 -44.60 9.34 -18.72
N GLN A 886 -45.56 10.23 -18.50
CA GLN A 886 -45.73 11.38 -19.40
C GLN A 886 -44.54 12.32 -19.31
N VAL A 887 -44.13 12.70 -18.09
CA VAL A 887 -42.95 13.54 -17.97
C VAL A 887 -41.71 12.79 -18.42
N CYS A 888 -41.69 11.46 -18.25
CA CYS A 888 -40.55 10.67 -18.72
C CYS A 888 -40.39 10.79 -20.23
N ILE A 889 -41.47 10.55 -20.98
CA ILE A 889 -41.38 10.59 -22.43
C ILE A 889 -41.15 12.02 -22.91
N ASP A 890 -41.73 13.01 -22.22
CA ASP A 890 -41.49 14.41 -22.59
C ASP A 890 -40.02 14.78 -22.42
N ILE A 891 -39.43 14.40 -21.28
CA ILE A 891 -38.02 14.68 -21.05
C ILE A 891 -37.17 13.93 -22.07
N LEU A 892 -37.51 12.67 -22.35
CA LEU A 892 -36.73 11.89 -23.29
C LEU A 892 -36.72 12.54 -24.67
N ARG A 893 -37.90 12.92 -25.18
CA ARG A 893 -37.95 13.52 -26.51
C ARG A 893 -37.27 14.88 -26.53
N SER A 894 -37.48 15.70 -25.50
CA SER A 894 -36.86 17.02 -25.47
C SER A 894 -35.34 16.92 -25.41
N LEU A 895 -34.82 16.03 -24.55
CA LEU A 895 -33.38 15.87 -24.43
C LEU A 895 -32.79 15.27 -25.70
N GLU A 896 -33.52 14.34 -26.35
CA GLU A 896 -33.04 13.78 -27.61
C GLU A 896 -32.95 14.86 -28.68
N THR A 897 -33.98 15.70 -28.78
CA THR A 897 -33.95 16.79 -29.76
C THR A 897 -32.82 17.76 -29.48
N ASP A 898 -32.64 18.14 -28.20
CA ASP A 898 -31.59 19.08 -27.85
C ASP A 898 -30.20 18.49 -28.13
N LEU A 899 -30.00 17.21 -27.79
CA LEU A 899 -28.71 16.59 -28.00
C LEU A 899 -28.42 16.38 -29.48
N ARG A 900 -29.46 16.12 -30.29
CA ARG A 900 -29.27 16.06 -31.73
C ARG A 900 -28.92 17.43 -32.30
N SER A 901 -29.59 18.48 -31.81
CA SER A 901 -29.29 19.84 -32.27
C SER A 901 -27.87 20.25 -31.90
N GLU A 902 -27.39 19.84 -30.72
CA GLU A 902 -26.02 20.12 -30.30
C GLU A 902 -25.02 19.10 -30.81
N PHE A 903 -25.48 18.05 -31.48
CA PHE A 903 -24.57 17.02 -32.00
C PHE A 903 -23.90 17.48 -33.29
N ASP A 904 -24.71 17.90 -34.28
CA ASP A 904 -24.16 18.34 -35.56
C ASP A 904 -23.38 19.63 -35.35
N SER A 905 -22.05 19.54 -35.40
CA SER A 905 -21.21 20.70 -35.15
C SER A 905 -21.07 21.60 -36.37
N ARG A 906 -21.61 21.19 -37.53
CA ARG A 906 -21.49 21.92 -38.80
C ARG A 906 -20.11 22.55 -38.96
N SER A 907 -19.09 21.71 -38.81
CA SER A 907 -17.69 22.14 -38.76
C SER A 907 -17.48 23.06 -37.56
N SER A 908 -17.03 24.29 -37.81
CA SER A 908 -16.84 25.31 -36.79
C SER A 908 -16.01 24.76 -35.63
N PRO A 909 -14.71 24.55 -35.82
CA PRO A 909 -13.88 23.96 -34.75
C PRO A 909 -13.89 24.82 -33.50
N LEU A 910 -14.33 24.23 -32.39
CA LEU A 910 -14.40 24.94 -31.13
C LEU A 910 -13.07 24.81 -30.38
N GLU A 911 -12.99 25.45 -29.23
CA GLU A 911 -11.80 25.39 -28.39
C GLU A 911 -11.99 24.30 -27.33
N LEU A 912 -11.07 24.25 -26.36
CA LEU A 912 -11.13 23.31 -25.23
C LEU A 912 -10.97 21.90 -25.79
N PHE A 913 -11.85 20.96 -25.46
CA PHE A 913 -11.71 19.56 -25.88
C PHE A 913 -10.35 18.99 -25.48
N MET A 914 -9.94 19.28 -24.26
CA MET A 914 -8.60 18.96 -23.78
C MET A 914 -8.71 18.12 -22.51
N LEU A 915 -7.88 17.09 -22.41
CA LEU A 915 -7.86 16.17 -21.28
C LEU A 915 -6.46 16.15 -20.66
N SER A 916 -6.37 15.52 -19.49
CA SER A 916 -5.12 15.45 -18.76
C SER A 916 -4.93 14.06 -18.15
N ARG A 917 -3.67 13.68 -17.98
CA ARG A 917 -3.32 12.41 -17.34
C ARG A 917 -1.88 12.51 -16.88
N MET A 918 -1.51 11.60 -15.97
CA MET A 918 -0.18 11.58 -15.38
C MET A 918 0.68 10.53 -16.07
N HIS A 919 1.91 10.89 -16.41
CA HIS A 919 2.86 9.97 -17.03
C HIS A 919 3.51 9.14 -15.92
N HIS A 920 2.84 8.06 -15.55
CA HIS A 920 3.26 7.23 -14.42
C HIS A 920 3.09 5.75 -14.71
N SER A 921 3.27 5.34 -15.96
CA SER A 921 3.00 3.95 -16.34
C SER A 921 3.89 2.98 -15.58
N ASN A 922 5.19 3.01 -15.86
CA ASN A 922 6.18 2.15 -15.21
C ASN A 922 5.68 0.71 -15.06
N TYR A 923 5.16 0.17 -16.17
CA TYR A 923 4.56 -1.15 -16.16
C TYR A 923 5.21 -2.05 -17.20
N LYS A 924 4.60 -3.21 -17.46
CA LYS A 924 5.11 -4.12 -18.49
C LYS A 924 5.17 -3.40 -19.83
N SER A 925 6.25 -3.63 -20.57
CA SER A 925 6.46 -2.91 -21.82
C SER A 925 5.36 -3.21 -22.83
N ALA A 926 5.30 -4.46 -23.31
CA ALA A 926 4.34 -4.88 -24.32
C ALA A 926 4.25 -3.86 -25.45
N ASP A 927 3.10 -3.20 -25.57
CA ASP A 927 2.92 -2.06 -26.46
C ASP A 927 2.75 -0.76 -25.70
N ASN A 928 1.77 -0.70 -24.79
CA ASN A 928 1.53 0.43 -23.91
C ASN A 928 1.43 1.74 -24.70
N PRO A 929 0.33 1.96 -25.43
CA PRO A 929 0.24 3.16 -26.28
C PRO A 929 0.42 4.47 -25.53
N ASN A 930 -0.07 4.56 -24.29
CA ASN A 930 0.09 5.80 -23.53
C ASN A 930 1.55 6.09 -23.24
N MET A 931 2.32 5.08 -22.85
CA MET A 931 3.75 5.27 -22.61
C MET A 931 4.48 5.51 -23.93
N TYR A 932 4.10 4.78 -24.98
CA TYR A 932 4.77 4.93 -26.27
C TYR A 932 4.52 6.32 -26.85
N LEU A 933 3.31 6.86 -26.66
CA LEU A 933 2.98 8.17 -27.22
C LEU A 933 3.86 9.26 -26.62
N VAL A 934 4.07 9.23 -25.31
CA VAL A 934 4.86 10.28 -24.66
C VAL A 934 6.34 10.16 -25.03
N THR A 935 6.88 8.94 -25.00
CA THR A 935 8.32 8.78 -25.20
C THR A 935 8.73 9.08 -26.64
N GLU A 936 7.81 8.94 -27.60
CA GLU A 936 8.14 9.26 -28.98
C GLU A 936 8.37 10.76 -29.16
N TYR A 937 7.54 11.58 -28.53
CA TYR A 937 7.70 13.03 -28.67
C TYR A 937 8.88 13.55 -27.85
N ASN A 938 9.18 12.90 -26.72
CA ASN A 938 10.30 13.33 -25.89
C ASN A 938 11.62 13.17 -26.64
N LYS A 939 11.80 12.05 -27.34
CA LYS A 939 13.07 11.80 -28.01
C LYS A 939 13.23 12.64 -29.27
N ASN A 940 12.12 13.08 -29.87
CA ASN A 940 12.21 13.83 -31.12
C ASN A 940 12.31 15.34 -30.87
N ASN A 941 11.28 15.93 -30.26
CA ASN A 941 11.33 17.34 -29.89
C ASN A 941 10.21 17.72 -28.92
N PRO A 942 8.96 17.83 -29.36
CA PRO A 942 7.96 18.57 -28.59
C PRO A 942 7.42 17.76 -27.41
N GLU A 943 6.75 18.48 -26.50
CA GLU A 943 6.05 17.93 -25.34
C GLU A 943 6.86 16.86 -24.60
N THR A 944 7.97 17.28 -23.99
CA THR A 944 8.75 16.39 -23.12
C THR A 944 8.17 16.46 -21.71
N ILE A 945 7.53 15.38 -21.29
CA ILE A 945 6.91 15.29 -19.96
C ILE A 945 7.77 14.40 -19.08
N GLU A 946 8.07 14.88 -17.88
CA GLU A 946 8.83 14.11 -16.90
C GLU A 946 7.95 13.02 -16.30
N LEU A 947 8.47 12.32 -15.30
CA LEU A 947 7.73 11.26 -14.62
C LEU A 947 6.88 11.87 -13.52
N GLY A 948 5.59 11.59 -13.55
CA GLY A 948 4.67 12.12 -12.56
C GLY A 948 4.13 13.50 -12.86
N GLU A 949 4.23 13.96 -14.11
CA GLU A 949 3.77 15.28 -14.51
C GLU A 949 2.53 15.12 -15.39
N ARG A 950 1.49 15.88 -15.06
CA ARG A 950 0.28 15.88 -15.88
C ARG A 950 0.50 16.69 -17.15
N TYR A 951 -0.04 16.19 -18.26
CA TYR A 951 0.08 16.87 -19.55
C TYR A 951 -1.28 16.96 -20.22
N TYR A 952 -1.45 18.00 -21.04
CA TYR A 952 -2.73 18.31 -21.67
C TYR A 952 -2.75 17.70 -23.06
N PHE A 953 -3.51 16.62 -23.20
CA PHE A 953 -3.66 15.93 -24.47
C PHE A 953 -5.15 15.71 -24.78
N ALA A 954 -5.41 14.92 -25.82
CA ALA A 954 -6.77 14.61 -26.23
C ALA A 954 -6.76 13.22 -26.87
N TYR A 955 -7.27 12.23 -26.16
CA TYR A 955 -7.25 10.85 -26.63
C TYR A 955 -8.66 10.40 -26.99
N ILE A 956 -8.82 9.87 -28.20
CA ILE A 956 -10.03 9.18 -28.62
C ILE A 956 -9.62 8.03 -29.52
N CYS A 957 -9.92 6.79 -29.09
CA CYS A 957 -9.63 5.59 -29.87
C CYS A 957 -8.18 5.54 -30.32
N PRO A 958 -7.24 5.23 -29.42
CA PRO A 958 -5.82 5.29 -29.79
C PRO A 958 -5.43 4.22 -30.80
N ALA A 959 -5.68 4.51 -32.09
CA ALA A 959 -5.47 3.58 -33.19
C ALA A 959 -6.49 2.44 -33.15
N ASN A 960 -7.74 2.79 -32.88
CA ASN A 960 -8.84 1.84 -32.79
C ASN A 960 -9.96 2.27 -33.73
N VAL A 961 -10.69 1.29 -34.25
CA VAL A 961 -11.80 1.52 -35.17
C VAL A 961 -13.05 0.87 -34.61
N PRO A 962 -13.80 1.59 -33.76
CA PRO A 962 -15.00 0.99 -33.16
C PRO A 962 -16.21 1.01 -34.08
N TRP A 963 -16.35 2.07 -34.89
CA TRP A 963 -17.47 2.20 -35.82
C TRP A 963 -17.06 3.18 -36.92
N THR A 964 -18.05 3.63 -37.69
CA THR A 964 -17.81 4.53 -38.80
C THR A 964 -17.92 5.98 -38.34
N LYS A 965 -16.89 6.76 -38.64
CA LYS A 965 -16.85 8.17 -38.29
C LYS A 965 -17.58 8.99 -39.37
N LYS A 966 -17.52 10.32 -39.23
CA LYS A 966 -18.15 11.21 -40.20
C LYS A 966 -17.16 11.67 -41.27
N LEU A 967 -16.08 12.31 -40.86
CA LEU A 967 -15.05 12.82 -41.75
C LEU A 967 -13.77 12.02 -41.55
N VAL A 968 -12.73 12.39 -42.31
CA VAL A 968 -11.46 11.68 -42.26
C VAL A 968 -10.61 12.22 -41.11
N ASN A 969 -9.73 11.37 -40.58
CA ASN A 969 -8.80 11.72 -39.51
C ASN A 969 -9.54 12.19 -38.26
N ILE A 970 -10.35 11.28 -37.70
CA ILE A 970 -11.10 11.55 -36.49
C ILE A 970 -10.78 10.51 -35.43
N LYS A 971 -10.98 9.23 -35.78
CA LYS A 971 -10.92 8.17 -34.79
C LYS A 971 -9.48 7.88 -34.35
N THR A 972 -8.50 8.18 -35.19
CA THR A 972 -7.10 7.89 -34.88
C THR A 972 -6.41 9.03 -34.15
N TYR A 973 -7.15 10.07 -33.76
CA TYR A 973 -6.55 11.25 -33.14
C TYR A 973 -6.00 10.94 -31.75
N GLU A 974 -4.68 11.06 -31.59
CA GLU A 974 -4.04 10.84 -30.29
C GLU A 974 -2.91 11.83 -30.03
N THR A 975 -2.88 12.95 -30.75
CA THR A 975 -1.78 13.90 -30.60
C THR A 975 -1.82 14.57 -29.22
N ILE A 976 -0.65 14.85 -28.67
CA ILE A 976 -0.56 15.50 -27.37
C ILE A 976 -1.02 16.95 -27.47
N ILE A 977 -0.29 17.76 -28.25
CA ILE A 977 -0.56 19.19 -28.43
C ILE A 977 -0.51 19.91 -27.09
N ASP A 978 0.62 20.55 -26.81
CA ASP A 978 0.76 21.31 -25.57
C ASP A 978 0.15 22.71 -25.70
N ARG A 979 0.61 23.48 -26.68
CA ARG A 979 0.06 24.81 -26.93
C ARG A 979 -0.23 25.10 -28.39
N SER A 980 0.11 24.20 -29.31
CA SER A 980 -0.13 24.42 -30.73
C SER A 980 -1.63 24.34 -31.04
N PHE A 981 -1.98 24.78 -32.24
CA PHE A 981 -3.36 24.74 -32.73
C PHE A 981 -3.43 23.79 -33.91
N LYS A 982 -4.45 22.94 -33.92
CA LYS A 982 -4.60 21.95 -34.98
C LYS A 982 -4.86 22.63 -36.31
N LEU A 983 -4.28 22.07 -37.37
CA LEU A 983 -4.35 22.67 -38.70
C LEU A 983 -5.70 22.37 -39.34
N GLY A 984 -5.85 22.75 -40.61
CA GLY A 984 -7.12 22.67 -41.30
C GLY A 984 -7.52 21.30 -41.78
N SER A 985 -6.99 20.24 -41.16
CA SER A 985 -7.37 18.89 -41.53
C SER A 985 -7.51 17.95 -40.34
N ASN A 986 -7.42 18.44 -39.11
CA ASN A 986 -7.50 17.56 -37.94
C ASN A 986 -8.94 17.38 -37.47
N GLN A 987 -9.62 18.49 -37.13
CA GLN A 987 -11.04 18.47 -36.77
C GLN A 987 -11.28 17.52 -35.59
N ARG A 988 -10.74 17.92 -34.44
CA ARG A 988 -10.62 17.06 -33.26
C ARG A 988 -11.84 17.20 -32.34
N ILE A 989 -13.01 16.86 -32.90
CA ILE A 989 -14.24 16.92 -32.09
C ILE A 989 -15.07 15.65 -32.26
N PHE A 990 -14.83 14.66 -31.40
CA PHE A 990 -15.62 13.43 -31.40
C PHE A 990 -15.90 12.93 -29.99
N TYR A 991 -16.02 13.82 -29.01
CA TYR A 991 -16.18 13.43 -27.62
C TYR A 991 -17.60 12.97 -27.29
N GLU A 992 -18.48 12.84 -28.29
CA GLU A 992 -19.85 12.41 -28.01
C GLU A 992 -19.91 10.96 -27.55
N VAL A 993 -18.81 10.22 -27.66
CA VAL A 993 -18.80 8.84 -27.20
C VAL A 993 -19.02 8.76 -25.70
N TYR A 994 -18.26 9.55 -24.93
CA TYR A 994 -18.44 9.58 -23.49
C TYR A 994 -19.72 10.31 -23.08
N PHE A 995 -20.23 11.18 -23.96
CA PHE A 995 -21.44 11.93 -23.66
C PHE A 995 -22.64 11.02 -23.43
N LYS A 996 -22.54 9.75 -23.87
CA LYS A 996 -23.55 8.75 -23.57
C LYS A 996 -23.80 8.57 -22.08
N ARG A 997 -22.94 9.15 -21.22
CA ARG A 997 -23.23 9.16 -19.79
C ARG A 997 -24.58 9.78 -19.51
N LEU A 998 -24.99 10.78 -20.32
CA LEU A 998 -26.33 11.34 -20.17
C LEU A 998 -27.39 10.26 -20.29
N THR A 999 -27.25 9.38 -21.28
CA THR A 999 -28.13 8.22 -21.37
C THR A 999 -28.05 7.39 -20.09
N SER A 1000 -26.83 7.11 -19.63
CA SER A 1000 -26.66 6.46 -18.34
C SER A 1000 -27.26 7.31 -17.23
N GLU A 1001 -27.12 8.63 -17.33
CA GLU A 1001 -27.79 9.53 -16.39
C GLU A 1001 -29.29 9.35 -16.46
N ILE A 1002 -29.83 9.21 -17.68
CA ILE A 1002 -31.25 8.94 -17.82
C ILE A 1002 -31.62 7.64 -17.12
N VAL A 1003 -30.70 6.67 -17.10
CA VAL A 1003 -30.92 5.44 -16.34
C VAL A 1003 -31.19 5.75 -14.88
N ASN A 1004 -30.40 6.67 -14.32
CA ASN A 1004 -30.58 7.10 -12.94
C ASN A 1004 -31.69 8.13 -12.79
N LEU A 1005 -32.33 8.54 -13.89
CA LEU A 1005 -33.40 9.52 -13.83
C LEU A 1005 -34.75 8.98 -14.28
N LEU A 1006 -34.81 8.17 -15.33
CA LEU A 1006 -36.08 7.79 -15.91
C LEU A 1006 -36.02 6.37 -16.47
N ASP A 1007 -37.20 5.83 -16.76
CA ASP A 1007 -37.41 4.52 -17.35
C ASP A 1007 -37.69 4.66 -18.85
N ASN A 1008 -38.19 3.59 -19.47
CA ASN A 1008 -38.45 3.52 -20.90
C ASN A 1008 -37.15 3.65 -21.71
N LYS A 1009 -36.32 2.62 -21.54
CA LYS A 1009 -35.05 2.53 -22.25
C LYS A 1009 -35.21 2.44 -23.76
N VAL A 1010 -36.42 2.12 -24.25
CA VAL A 1010 -36.61 1.89 -25.68
C VAL A 1010 -36.23 3.12 -26.48
N LEU A 1011 -36.66 4.30 -26.04
CA LEU A 1011 -36.28 5.54 -26.70
C LEU A 1011 -34.77 5.78 -26.60
N CYS A 1012 -34.18 5.47 -25.44
CA CYS A 1012 -32.75 5.68 -25.27
C CYS A 1012 -31.93 4.79 -26.19
N ILE A 1013 -32.35 3.52 -26.35
CA ILE A 1013 -31.58 2.59 -27.18
C ILE A 1013 -31.62 3.02 -28.64
N SER A 1014 -32.79 3.44 -29.13
CA SER A 1014 -32.95 3.71 -30.55
C SER A 1014 -32.04 4.85 -31.01
N PHE A 1015 -31.95 5.92 -30.21
CA PHE A 1015 -31.16 7.08 -30.61
C PHE A 1015 -29.68 6.74 -30.67
N PHE A 1016 -29.16 6.11 -29.61
CA PHE A 1016 -27.74 5.73 -29.59
C PHE A 1016 -27.43 4.71 -30.67
N GLN A 1017 -28.35 3.77 -30.92
CA GLN A 1017 -28.17 2.82 -32.01
C GLN A 1017 -28.10 3.53 -33.35
N ARG A 1018 -28.93 4.56 -33.54
CA ARG A 1018 -28.90 5.33 -34.78
C ARG A 1018 -27.58 6.09 -34.92
N MET A 1019 -27.08 6.66 -33.82
CA MET A 1019 -25.88 7.50 -33.90
C MET A 1019 -24.59 6.68 -33.80
N PHE A 1020 -24.53 5.76 -32.84
CA PHE A 1020 -23.32 4.97 -32.62
C PHE A 1020 -23.52 3.47 -32.83
N GLY A 1021 -24.68 2.93 -32.49
CA GLY A 1021 -24.94 1.52 -32.71
C GLY A 1021 -24.05 0.58 -31.91
N SER A 1022 -23.90 0.84 -30.62
CA SER A 1022 -23.00 0.05 -29.79
C SER A 1022 -23.73 -0.57 -28.59
N ARG A 1023 -25.06 -0.70 -28.68
CA ARG A 1023 -25.87 -1.35 -27.65
C ARG A 1023 -25.61 -0.76 -26.27
N PRO A 1024 -26.13 0.43 -25.98
CA PRO A 1024 -25.79 1.11 -24.72
C PRO A 1024 -26.12 0.24 -23.51
N THR A 1025 -25.25 0.32 -22.50
CA THR A 1025 -25.43 -0.46 -21.28
C THR A 1025 -26.34 0.30 -20.33
N PHE A 1026 -27.53 -0.25 -20.09
CA PHE A 1026 -28.46 0.36 -19.15
C PHE A 1026 -28.07 -0.04 -17.72
N TYR A 1027 -27.78 0.96 -16.89
CA TYR A 1027 -27.30 0.76 -15.52
C TYR A 1027 -26.04 -0.09 -15.50
N MET B 1 26.73 -17.90 4.65
CA MET B 1 25.82 -17.90 5.80
C MET B 1 26.23 -16.85 6.82
N THR B 2 26.88 -15.78 6.35
CA THR B 2 27.38 -14.74 7.24
C THR B 2 26.24 -14.07 8.00
N SER B 3 25.35 -13.40 7.27
CA SER B 3 24.15 -12.83 7.88
C SER B 3 22.97 -13.79 7.74
N SER B 4 23.20 -15.05 8.13
CA SER B 4 22.23 -16.13 8.04
C SER B 4 21.85 -16.43 6.58
N ALA B 5 22.46 -15.71 5.64
CA ALA B 5 22.19 -15.85 4.21
C ALA B 5 20.70 -15.74 3.91
N ASP B 6 19.97 -15.01 4.74
CA ASP B 6 18.51 -14.89 4.65
C ASP B 6 17.86 -16.27 4.59
N LEU B 7 18.05 -17.01 5.70
CA LEU B 7 17.59 -18.40 5.82
C LEU B 7 18.17 -19.28 4.71
N THR B 8 19.47 -19.11 4.45
CA THR B 8 20.16 -19.78 3.34
C THR B 8 19.46 -19.44 2.02
N ASN B 9 19.17 -18.15 1.84
CA ASN B 9 18.44 -17.65 0.68
C ASN B 9 17.16 -18.43 0.45
N LEU B 10 16.34 -18.53 1.50
CA LEU B 10 15.09 -19.28 1.48
C LEU B 10 15.33 -20.75 1.10
N LYS B 11 16.06 -21.42 1.99
CA LYS B 11 16.28 -22.86 1.83
C LYS B 11 14.97 -23.62 1.86
N GLU B 12 14.05 -23.25 2.76
CA GLU B 12 12.75 -23.89 2.81
C GLU B 12 11.96 -23.64 1.54
N LEU B 13 12.05 -22.41 1.00
CA LEU B 13 11.39 -22.11 -0.26
C LEU B 13 11.92 -22.97 -1.40
N LEU B 14 13.25 -23.13 -1.46
CA LEU B 14 13.85 -23.98 -2.49
C LEU B 14 13.43 -25.44 -2.32
N SER B 15 13.38 -25.90 -1.06
CA SER B 15 12.95 -27.28 -0.79
C SER B 15 11.51 -27.49 -1.25
N LEU B 16 10.63 -26.54 -0.96
CA LEU B 16 9.25 -26.66 -1.41
C LEU B 16 9.15 -26.57 -2.93
N TYR B 17 10.01 -25.74 -3.55
CA TYR B 17 10.02 -25.64 -5.01
C TYR B 17 10.39 -26.96 -5.65
N LYS B 18 11.37 -27.67 -5.09
CA LYS B 18 11.73 -28.98 -5.61
C LYS B 18 10.87 -30.10 -5.04
N SER B 19 9.98 -29.79 -4.10
CA SER B 19 9.14 -30.81 -3.45
C SER B 19 7.66 -30.68 -3.77
N LEU B 20 7.27 -29.76 -4.65
CA LEU B 20 5.88 -29.67 -5.12
C LEU B 20 5.24 -31.03 -5.36
N ARG B 21 6.01 -31.97 -5.92
CA ARG B 21 5.44 -33.27 -6.27
C ARG B 21 5.03 -34.07 -5.04
N PHE B 22 5.71 -33.86 -3.90
CA PHE B 22 5.43 -34.60 -2.67
C PHE B 22 5.27 -33.64 -1.51
N SER B 23 4.50 -32.57 -1.72
CA SER B 23 4.23 -31.58 -0.69
C SER B 23 2.77 -31.67 -0.26
N ASP B 24 2.41 -30.83 0.72
CA ASP B 24 1.05 -30.75 1.24
C ASP B 24 0.59 -29.31 1.17
N SER B 25 -0.68 -29.08 1.52
CA SER B 25 -1.30 -27.78 1.32
C SER B 25 -0.63 -26.70 2.17
N VAL B 26 -0.43 -26.97 3.46
CA VAL B 26 0.12 -25.96 4.36
C VAL B 26 1.47 -25.49 3.86
N ALA B 27 2.30 -26.40 3.36
CA ALA B 27 3.55 -26.00 2.74
C ALA B 27 3.30 -25.15 1.49
N ILE B 28 2.20 -25.39 0.79
CA ILE B 28 1.90 -24.60 -0.40
C ILE B 28 1.60 -23.14 -0.02
N GLU B 29 0.75 -22.94 0.99
CA GLU B 29 0.50 -21.56 1.43
C GLU B 29 1.76 -20.93 2.02
N LYS B 30 2.57 -21.73 2.74
CA LYS B 30 3.81 -21.19 3.29
C LYS B 30 4.75 -20.74 2.17
N TYR B 31 4.88 -21.53 1.11
CA TYR B 31 5.71 -21.17 -0.01
C TYR B 31 5.17 -19.95 -0.74
N ASN B 32 3.84 -19.84 -0.85
CA ASN B 32 3.24 -18.66 -1.47
C ASN B 32 3.57 -17.40 -0.68
N SER B 33 3.43 -17.47 0.65
CA SER B 33 3.80 -16.33 1.49
C SER B 33 5.29 -16.03 1.37
N LEU B 34 6.12 -17.09 1.29
CA LEU B 34 7.55 -16.89 1.20
C LEU B 34 7.94 -16.16 -0.08
N VAL B 35 7.38 -16.58 -1.22
CA VAL B 35 7.70 -15.90 -2.47
C VAL B 35 7.11 -14.49 -2.48
N GLU B 36 5.93 -14.31 -1.89
CA GLU B 36 5.31 -12.98 -1.86
C GLU B 36 6.15 -11.99 -1.06
N TRP B 37 6.72 -12.43 0.06
CA TRP B 37 7.57 -11.51 0.83
C TRP B 37 8.97 -11.40 0.23
N GLY B 38 9.44 -12.45 -0.45
CA GLY B 38 10.78 -12.41 -1.01
C GLY B 38 10.88 -11.56 -2.27
N THR B 39 9.80 -11.48 -3.05
CA THR B 39 9.84 -10.70 -4.28
C THR B 39 10.06 -9.21 -4.01
N SER B 40 9.76 -8.74 -2.80
CA SER B 40 9.99 -7.36 -2.39
C SER B 40 10.82 -7.38 -1.12
N THR B 41 12.14 -7.43 -1.27
CA THR B 41 13.04 -7.48 -0.14
C THR B 41 14.34 -6.78 -0.51
N TYR B 42 15.02 -6.25 0.51
CA TYR B 42 16.32 -5.62 0.31
C TYR B 42 17.42 -6.62 -0.04
N TRP B 43 17.16 -7.93 0.13
CA TRP B 43 18.14 -8.96 -0.18
C TRP B 43 17.60 -10.01 -1.13
N LYS B 44 16.39 -9.81 -1.68
CA LYS B 44 15.82 -10.74 -2.65
C LYS B 44 14.79 -9.98 -3.49
N ILE B 45 14.76 -10.29 -4.78
CA ILE B 45 13.83 -9.67 -5.72
C ILE B 45 13.04 -10.81 -6.38
N GLY B 46 12.23 -10.44 -7.38
CA GLY B 46 11.33 -11.36 -8.07
C GLY B 46 11.88 -12.72 -8.41
N VAL B 47 11.04 -13.75 -8.29
CA VAL B 47 11.42 -15.13 -8.54
C VAL B 47 10.50 -15.70 -9.62
N GLN B 48 10.68 -16.99 -9.93
CA GLN B 48 9.88 -17.62 -10.98
C GLN B 48 8.38 -17.52 -10.70
N LYS B 49 7.99 -17.58 -9.43
CA LYS B 49 6.62 -17.35 -8.98
C LYS B 49 5.65 -18.33 -9.67
N VAL B 50 5.85 -19.61 -9.35
CA VAL B 50 4.98 -20.68 -9.82
C VAL B 50 4.35 -21.35 -8.61
N THR B 51 3.05 -21.66 -8.73
CA THR B 51 2.29 -22.23 -7.63
C THR B 51 1.50 -23.44 -8.10
N ASN B 52 1.27 -24.37 -7.19
CA ASN B 52 0.48 -25.57 -7.47
C ASN B 52 -0.12 -26.07 -6.17
N VAL B 53 -1.33 -26.62 -6.27
CA VAL B 53 -2.06 -27.12 -5.11
C VAL B 53 -2.44 -28.59 -5.24
N GLU B 54 -2.10 -29.24 -6.36
CA GLU B 54 -2.43 -30.63 -6.58
C GLU B 54 -1.17 -31.48 -6.42
N THR B 55 -1.27 -32.53 -5.60
CA THR B 55 -0.15 -33.43 -5.35
C THR B 55 -0.19 -34.60 -6.33
N SER B 56 0.82 -34.69 -7.18
CA SER B 56 0.91 -35.77 -8.16
C SER B 56 2.31 -36.37 -8.11
N ILE B 57 2.38 -37.68 -8.32
CA ILE B 57 3.64 -38.40 -8.28
C ILE B 57 3.82 -39.18 -9.59
N SER B 58 3.02 -38.84 -10.60
CA SER B 58 3.12 -39.52 -11.89
C SER B 58 4.43 -39.23 -12.60
N ASP B 59 5.14 -38.18 -12.20
CA ASP B 59 6.42 -37.87 -12.84
C ASP B 59 7.46 -38.93 -12.55
N TYR B 60 7.38 -39.58 -11.39
CA TYR B 60 8.35 -40.59 -10.98
C TYR B 60 7.95 -42.00 -11.41
N TYR B 61 6.86 -42.15 -12.15
CA TYR B 61 6.37 -43.46 -12.57
C TYR B 61 6.27 -43.49 -14.09
N ASP B 62 6.15 -44.70 -14.62
CA ASP B 62 6.09 -44.95 -16.06
C ASP B 62 4.74 -45.59 -16.41
N GLU B 63 4.61 -45.98 -17.68
CA GLU B 63 3.37 -46.60 -18.15
C GLU B 63 3.22 -48.01 -17.58
N VAL B 64 1.96 -48.42 -17.41
CA VAL B 64 1.67 -49.73 -16.87
C VAL B 64 1.76 -50.78 -17.96
N LYS B 65 2.36 -51.92 -17.64
CA LYS B 65 2.48 -53.03 -18.57
C LYS B 65 1.25 -53.92 -18.47
N ASN B 66 0.61 -54.20 -19.62
CA ASN B 66 -0.63 -54.96 -19.65
C ASN B 66 -0.50 -56.23 -20.49
N LYS B 67 0.72 -56.74 -20.68
CA LYS B 67 0.93 -57.93 -21.48
C LYS B 67 2.27 -58.55 -21.07
N PRO B 68 2.50 -59.82 -21.39
CA PRO B 68 3.78 -60.45 -21.01
C PRO B 68 4.95 -59.87 -21.78
N PHE B 69 5.39 -58.68 -21.37
CA PHE B 69 6.46 -57.97 -22.06
C PHE B 69 7.80 -58.64 -21.78
N ASN B 70 8.83 -58.13 -22.46
CA ASN B 70 10.21 -58.59 -22.28
C ASN B 70 10.98 -57.56 -21.47
N ILE B 71 11.89 -58.04 -20.63
CA ILE B 71 12.62 -57.19 -19.70
C ILE B 71 14.10 -57.22 -20.03
N ASP B 72 14.78 -56.11 -19.74
CA ASP B 72 16.22 -56.00 -19.92
C ASP B 72 16.96 -56.77 -18.83
N PRO B 73 18.17 -57.25 -19.11
CA PRO B 73 18.90 -58.03 -18.10
C PRO B 73 19.45 -57.17 -16.98
N GLY B 74 19.60 -57.78 -15.83
CA GLY B 74 20.16 -57.11 -14.67
C GLY B 74 19.50 -57.61 -13.40
N TYR B 75 20.07 -57.18 -12.28
CA TYR B 75 19.53 -57.54 -10.97
C TYR B 75 18.25 -56.75 -10.71
N TYR B 76 17.25 -57.40 -10.15
CA TYR B 76 15.94 -56.79 -9.94
C TYR B 76 15.47 -57.02 -8.51
N ILE B 77 14.76 -56.04 -7.97
CA ILE B 77 14.08 -56.14 -6.69
C ILE B 77 12.59 -56.05 -6.95
N PHE B 78 11.84 -57.06 -6.54
CA PHE B 78 10.42 -57.15 -6.81
C PHE B 78 9.62 -56.58 -5.64
N LEU B 79 8.72 -55.66 -5.95
CA LEU B 79 7.94 -54.94 -4.94
C LEU B 79 6.47 -55.31 -5.08
N PRO B 80 5.85 -55.89 -4.06
CA PRO B 80 4.42 -56.25 -4.12
C PRO B 80 3.49 -55.07 -3.85
N VAL B 81 3.23 -54.31 -4.90
CA VAL B 81 2.34 -53.15 -4.80
C VAL B 81 0.95 -53.64 -4.44
N TYR B 82 0.50 -53.32 -3.23
CA TYR B 82 -0.77 -53.79 -2.71
C TYR B 82 -1.90 -52.88 -3.17
N PHE B 83 -3.07 -53.04 -2.57
CA PHE B 83 -4.29 -52.35 -2.99
C PHE B 83 -4.89 -51.66 -1.78
N GLY B 84 -4.46 -50.42 -1.55
CA GLY B 84 -4.91 -49.67 -0.38
C GLY B 84 -4.74 -48.19 -0.58
N SER B 85 -5.08 -47.44 0.47
CA SER B 85 -5.06 -45.97 0.43
C SER B 85 -3.62 -45.49 0.56
N VAL B 86 -3.02 -45.11 -0.57
CA VAL B 86 -1.61 -44.71 -0.59
C VAL B 86 -1.43 -43.41 0.17
N PHE B 87 -0.41 -43.37 1.02
CA PHE B 87 -0.04 -42.17 1.76
C PHE B 87 1.42 -41.85 1.52
N ILE B 88 1.71 -40.56 1.32
CA ILE B 88 3.06 -40.09 1.04
C ILE B 88 3.44 -39.05 2.09
N TYR B 89 4.61 -39.22 2.69
CA TYR B 89 5.08 -38.31 3.72
C TYR B 89 6.57 -38.48 3.91
N SER B 90 7.14 -37.60 4.74
CA SER B 90 8.53 -37.71 5.17
C SER B 90 8.68 -37.78 6.69
N LYS B 91 7.72 -37.26 7.44
CA LYS B 91 7.75 -37.29 8.90
C LYS B 91 6.31 -37.34 9.39
N GLY B 92 6.07 -36.98 10.65
CA GLY B 92 4.76 -37.14 11.25
C GLY B 92 3.70 -36.18 10.73
N LYS B 93 3.91 -35.69 9.51
CA LYS B 93 2.93 -34.82 8.84
C LYS B 93 2.57 -35.39 7.47
N ASN B 94 1.88 -34.59 6.66
CA ASN B 94 1.55 -34.94 5.28
C ASN B 94 0.57 -36.12 5.22
N MET B 95 1.09 -37.31 4.87
CA MET B 95 0.31 -38.53 4.67
C MET B 95 -1.01 -38.25 3.95
N VAL B 96 -0.88 -37.75 2.73
CA VAL B 96 -2.01 -37.29 1.92
C VAL B 96 -2.25 -38.28 0.80
N GLU B 97 -3.52 -38.68 0.62
CA GLU B 97 -3.92 -39.57 -0.47
C GLU B 97 -4.15 -38.72 -1.73
N LEU B 98 -3.03 -38.45 -2.41
CA LEU B 98 -2.98 -37.78 -3.72
C LEU B 98 -3.91 -36.57 -3.83
N GLY B 99 -4.11 -35.84 -2.74
CA GLY B 99 -4.94 -34.65 -2.78
C GLY B 99 -5.80 -34.42 -1.56
N SER B 100 -6.14 -35.48 -0.83
CA SER B 100 -6.94 -35.36 0.39
C SER B 100 -6.01 -34.92 1.52
N GLY B 101 -5.74 -33.61 1.54
CA GLY B 101 -4.80 -33.03 2.48
C GLY B 101 -5.22 -33.16 3.93
N ASN B 102 -4.51 -34.02 4.68
CA ASN B 102 -4.72 -34.21 6.11
C ASN B 102 -6.18 -34.55 6.41
N SER B 103 -6.66 -35.64 5.80
CA SER B 103 -8.03 -36.08 6.03
C SER B 103 -8.23 -36.49 7.49
N PHE B 104 -7.29 -37.23 8.06
CA PHE B 104 -7.37 -37.65 9.45
C PHE B 104 -5.98 -38.05 9.93
N GLN B 105 -5.84 -38.12 11.24
CA GLN B 105 -4.56 -38.46 11.87
C GLN B 105 -4.59 -39.91 12.34
N ILE B 106 -3.68 -40.71 11.83
CA ILE B 106 -3.59 -42.12 12.25
C ILE B 106 -2.97 -42.18 13.64
N PRO B 107 -3.61 -42.85 14.60
CA PRO B 107 -3.12 -42.88 16.00
C PRO B 107 -2.08 -43.98 16.23
N ASP B 108 -0.87 -43.76 15.72
CA ASP B 108 0.24 -44.70 15.88
C ASP B 108 1.47 -43.93 16.38
N GLU B 109 1.52 -43.73 17.70
CA GLU B 109 2.62 -43.00 18.30
C GLU B 109 3.93 -43.78 18.19
N ILE B 110 3.87 -45.11 18.34
CA ILE B 110 5.08 -45.92 18.18
C ILE B 110 5.62 -45.81 16.76
N ARG B 111 4.71 -45.85 15.77
CA ARG B 111 5.13 -45.67 14.37
C ARG B 111 5.76 -44.30 14.16
N SER B 112 5.14 -43.25 14.69
CA SER B 112 5.68 -41.90 14.51
C SER B 112 7.05 -41.76 15.14
N ALA B 113 7.23 -42.31 16.34
CA ALA B 113 8.54 -42.25 16.99
C ALA B 113 9.57 -43.07 16.23
N CYS B 114 9.17 -44.24 15.72
CA CYS B 114 10.11 -45.11 15.02
C CYS B 114 10.60 -44.47 13.72
N ASN B 115 9.70 -43.83 12.97
CA ASN B 115 10.11 -43.20 11.72
C ASN B 115 11.06 -42.05 12.00
N LYS B 116 12.26 -42.12 11.43
CA LYS B 116 13.27 -41.08 11.61
C LYS B 116 12.88 -39.82 10.83
N VAL B 117 13.32 -38.69 11.34
CA VAL B 117 13.07 -37.41 10.69
C VAL B 117 14.04 -37.27 9.52
N LEU B 118 13.52 -37.36 8.30
CA LEU B 118 14.31 -37.29 7.07
C LEU B 118 15.41 -38.35 7.08
N ASP B 119 14.98 -39.61 7.12
CA ASP B 119 15.91 -40.73 7.13
C ASP B 119 16.68 -40.80 5.81
N SER B 120 17.93 -41.24 5.89
CA SER B 120 18.83 -41.36 4.73
C SER B 120 18.99 -39.98 4.12
N ASP B 121 18.52 -39.73 2.91
CA ASP B 121 18.69 -38.41 2.28
C ASP B 121 17.51 -37.48 2.60
N ASN B 122 16.30 -37.84 2.18
CA ASN B 122 15.13 -37.01 2.39
C ASN B 122 13.95 -37.85 2.85
N GLY B 123 14.21 -38.81 3.74
CA GLY B 123 13.15 -39.67 4.25
C GLY B 123 12.51 -40.51 3.18
N ILE B 124 13.34 -41.12 2.32
CA ILE B 124 12.96 -41.99 1.19
C ILE B 124 11.87 -41.34 0.34
N ASP B 125 11.62 -40.06 0.55
CA ASP B 125 10.84 -39.16 -0.29
C ASP B 125 9.34 -39.44 -0.26
N PHE B 126 8.94 -40.62 0.24
CA PHE B 126 7.57 -40.99 0.57
C PHE B 126 7.58 -42.44 1.03
N LEU B 127 6.51 -42.82 1.75
CA LEU B 127 6.42 -44.15 2.33
C LEU B 127 5.51 -45.11 1.55
N ARG B 128 4.56 -44.59 0.78
CA ARG B 128 3.62 -45.43 0.02
C ARG B 128 2.87 -46.39 0.94
N PHE B 129 2.46 -45.91 2.11
CA PHE B 129 1.66 -46.72 3.02
C PHE B 129 0.31 -47.06 2.42
N VAL B 130 0.04 -48.34 2.21
CA VAL B 130 -1.21 -48.74 1.57
C VAL B 130 -2.38 -48.63 2.55
N LEU B 131 -2.21 -49.13 3.77
CA LEU B 131 -3.25 -49.12 4.80
C LEU B 131 -4.58 -49.62 4.23
N LEU B 132 -4.58 -50.92 3.89
CA LEU B 132 -5.75 -51.57 3.32
C LEU B 132 -7.03 -51.17 4.04
N ASN B 133 -7.10 -51.46 5.34
CA ASN B 133 -8.07 -50.79 6.22
C ASN B 133 -7.39 -50.04 7.34
N ASN B 134 -6.58 -50.72 8.15
CA ASN B 134 -5.86 -50.07 9.25
C ASN B 134 -4.45 -50.60 9.45
N ARG B 135 -3.96 -51.50 8.60
CA ARG B 135 -2.66 -52.12 8.80
C ARG B 135 -1.60 -51.35 8.01
N TRP B 136 -0.53 -50.95 8.68
CA TRP B 136 0.51 -50.16 8.05
C TRP B 136 1.47 -51.06 7.27
N ILE B 137 1.67 -50.74 5.99
CA ILE B 137 2.59 -51.48 5.14
C ILE B 137 3.33 -50.49 4.23
N MET B 138 4.65 -50.53 4.25
CA MET B 138 5.45 -49.65 3.40
C MET B 138 5.65 -50.28 2.02
N GLU B 139 6.04 -49.44 1.07
CA GLU B 139 6.17 -49.87 -0.32
C GLU B 139 7.27 -49.04 -0.98
N ASP B 140 7.25 -49.01 -2.32
CA ASP B 140 8.29 -48.35 -3.11
C ASP B 140 8.56 -46.94 -2.61
N ALA B 141 9.80 -46.47 -2.84
CA ALA B 141 10.20 -45.13 -2.47
C ALA B 141 10.78 -44.32 -3.63
N ILE B 142 11.18 -44.96 -4.73
CA ILE B 142 11.66 -44.29 -5.94
C ILE B 142 12.98 -43.56 -5.70
N SER B 143 13.17 -43.04 -4.49
CA SER B 143 14.42 -42.38 -4.15
C SER B 143 15.60 -43.32 -4.37
N LYS B 144 16.67 -42.79 -4.95
CA LYS B 144 17.78 -43.64 -5.39
C LYS B 144 18.57 -44.19 -4.22
N TYR B 145 19.22 -43.31 -3.45
CA TYR B 145 20.10 -43.70 -2.36
C TYR B 145 21.04 -44.83 -2.80
N GLN B 146 20.84 -46.02 -2.24
CA GLN B 146 21.56 -47.20 -2.73
C GLN B 146 20.64 -48.36 -3.09
N SER B 147 19.57 -48.59 -2.28
CA SER B 147 18.45 -49.54 -2.41
C SER B 147 18.51 -50.69 -1.39
N PRO B 148 19.63 -51.45 -1.27
CA PRO B 148 19.65 -52.55 -0.29
C PRO B 148 19.90 -52.08 1.12
N VAL B 149 19.64 -50.79 1.37
CA VAL B 149 20.05 -50.08 2.57
C VAL B 149 18.78 -49.52 3.20
N ASN B 150 18.92 -48.61 4.16
CA ASN B 150 17.84 -48.07 4.97
C ASN B 150 16.51 -47.94 4.24
N ILE B 151 16.54 -47.48 2.99
CA ILE B 151 15.32 -47.27 2.21
C ILE B 151 14.41 -48.49 2.27
N PHE B 152 14.91 -49.64 1.84
CA PHE B 152 14.15 -50.88 1.90
C PHE B 152 14.32 -51.61 3.22
N LYS B 153 15.31 -51.25 4.02
CA LYS B 153 15.57 -51.92 5.29
C LYS B 153 14.72 -51.41 6.44
N LEU B 154 14.02 -50.29 6.27
CA LEU B 154 13.26 -49.71 7.37
C LEU B 154 12.14 -50.65 7.82
N ALA B 155 11.46 -51.31 6.87
CA ALA B 155 10.38 -52.21 7.22
C ALA B 155 10.87 -53.37 8.07
N SER B 156 12.01 -53.96 7.70
CA SER B 156 12.57 -55.05 8.49
C SER B 156 13.10 -54.55 9.83
N GLU B 157 13.61 -53.31 9.87
CA GLU B 157 14.18 -52.79 11.10
C GLU B 157 13.10 -52.50 12.14
N TYR B 158 11.97 -51.93 11.71
CA TYR B 158 10.93 -51.51 12.63
C TYR B 158 9.69 -52.38 12.60
N GLY B 159 9.63 -53.38 11.73
CA GLY B 159 8.50 -54.28 11.68
C GLY B 159 7.25 -53.72 11.03
N LEU B 160 7.35 -52.59 10.33
CA LEU B 160 6.18 -52.01 9.67
C LEU B 160 5.62 -52.95 8.60
N ASN B 161 6.51 -53.55 7.80
CA ASN B 161 6.10 -54.44 6.73
C ASN B 161 6.88 -55.74 6.83
N ILE B 162 6.25 -56.83 6.39
CA ILE B 162 6.89 -58.14 6.33
C ILE B 162 8.02 -58.04 5.32
N PRO B 163 9.17 -58.67 5.56
CA PRO B 163 10.28 -58.57 4.58
C PRO B 163 10.00 -59.36 3.32
N ASN B 164 9.65 -58.65 2.24
CA ASN B 164 9.41 -59.25 0.93
C ASN B 164 10.28 -58.59 -0.14
N TYR B 165 11.33 -57.88 0.27
CA TYR B 165 12.15 -57.08 -0.63
C TYR B 165 13.44 -57.77 -1.00
N LEU B 166 13.61 -59.04 -0.64
CA LEU B 166 14.85 -59.77 -0.86
C LEU B 166 14.75 -60.57 -2.15
N GLU B 167 15.78 -60.46 -2.99
CA GLU B 167 15.84 -61.17 -4.27
C GLU B 167 17.29 -61.57 -4.51
N ILE B 168 17.57 -62.05 -5.72
CA ILE B 168 18.90 -62.48 -6.12
C ILE B 168 19.22 -61.89 -7.48
N GLU B 169 20.50 -61.93 -7.84
CA GLU B 169 20.95 -61.45 -9.14
C GLU B 169 20.28 -62.25 -10.25
N ILE B 170 19.50 -61.55 -11.09
CA ILE B 170 18.71 -62.23 -12.11
C ILE B 170 19.49 -62.30 -13.41
N GLU B 171 19.77 -61.13 -14.00
CA GLU B 171 20.41 -61.03 -15.31
C GLU B 171 19.70 -61.92 -16.33
N GLU B 172 20.40 -62.29 -17.40
CA GLU B 172 19.91 -63.26 -18.39
C GLU B 172 18.50 -62.92 -18.86
N ASP B 173 18.41 -61.80 -19.56
CA ASP B 173 17.15 -61.22 -20.01
C ASP B 173 16.21 -62.27 -20.60
N THR B 174 15.02 -62.36 -20.01
CA THR B 174 13.97 -63.26 -20.47
C THR B 174 12.65 -62.51 -20.56
N LEU B 175 11.72 -63.08 -21.33
CA LEU B 175 10.40 -62.48 -21.50
C LEU B 175 9.60 -62.67 -20.21
N PHE B 176 9.31 -61.56 -19.52
CA PHE B 176 8.53 -61.60 -18.30
C PHE B 176 7.10 -62.04 -18.61
N ASP B 177 6.70 -63.21 -18.13
CA ASP B 177 5.40 -63.76 -18.47
C ASP B 177 4.60 -64.14 -17.22
N ASP B 178 3.48 -64.84 -17.42
CA ASP B 178 2.62 -65.20 -16.30
C ASP B 178 3.33 -66.15 -15.34
N GLU B 179 4.16 -67.05 -15.86
CA GLU B 179 4.81 -68.04 -15.01
C GLU B 179 5.75 -67.36 -14.01
N LEU B 180 6.60 -66.46 -14.48
CA LEU B 180 7.51 -65.75 -13.60
C LEU B 180 6.76 -64.86 -12.63
N TYR B 181 5.67 -64.24 -13.09
CA TYR B 181 4.86 -63.38 -12.22
C TYR B 181 4.26 -64.19 -11.07
N SER B 182 3.71 -65.36 -11.38
CA SER B 182 3.17 -66.23 -10.35
C SER B 182 4.27 -66.74 -9.42
N ILE B 183 5.44 -67.07 -9.98
CA ILE B 183 6.55 -67.53 -9.16
C ILE B 183 6.97 -66.45 -8.16
N MET B 184 7.05 -65.20 -8.62
CA MET B 184 7.40 -64.11 -7.72
C MET B 184 6.30 -63.88 -6.68
N GLU B 185 5.03 -64.01 -7.07
CA GLU B 185 3.95 -63.88 -6.09
C GLU B 185 4.07 -64.94 -5.00
N ARG B 186 4.34 -66.18 -5.39
CA ARG B 186 4.51 -67.24 -4.40
C ARG B 186 5.76 -67.03 -3.55
N SER B 187 6.83 -66.50 -4.14
CA SER B 187 8.03 -66.18 -3.39
C SER B 187 7.82 -65.04 -2.41
N PHE B 188 6.83 -64.18 -2.67
CA PHE B 188 6.52 -63.10 -1.74
C PHE B 188 6.06 -63.65 -0.39
N ASP B 189 5.23 -64.68 -0.42
CA ASP B 189 4.70 -65.32 0.79
C ASP B 189 3.96 -64.31 1.68
N ASP B 190 2.89 -63.77 1.12
CA ASP B 190 2.06 -62.80 1.84
C ASP B 190 0.60 -63.14 1.61
N THR B 191 -0.24 -62.77 2.58
CA THR B 191 -1.68 -63.00 2.50
C THR B 191 -2.47 -61.73 2.19
N PHE B 192 -1.83 -60.57 2.22
CA PHE B 192 -2.52 -59.33 1.90
C PHE B 192 -2.83 -59.27 0.41
N PRO B 193 -3.93 -58.63 0.02
CA PRO B 193 -4.26 -58.50 -1.40
C PRO B 193 -3.22 -57.68 -2.14
N LYS B 194 -2.66 -58.27 -3.19
CA LYS B 194 -1.65 -57.63 -4.03
C LYS B 194 -2.23 -57.36 -5.41
N ILE B 195 -1.89 -56.21 -5.98
CA ILE B 195 -2.47 -55.82 -7.26
C ILE B 195 -1.39 -55.72 -8.33
N SER B 196 -0.14 -55.47 -7.93
CA SER B 196 0.89 -55.28 -8.93
C SER B 196 2.24 -55.70 -8.39
N ILE B 197 3.19 -55.90 -9.30
CA ILE B 197 4.58 -56.16 -8.96
C ILE B 197 5.45 -55.16 -9.70
N SER B 198 6.24 -54.40 -8.96
CA SER B 198 7.10 -53.35 -9.52
C SER B 198 8.55 -53.74 -9.35
N TYR B 199 9.28 -53.86 -10.46
CA TYR B 199 10.67 -54.27 -10.45
C TYR B 199 11.58 -53.05 -10.43
N ILE B 200 12.60 -53.09 -9.59
CA ILE B 200 13.60 -52.02 -9.47
C ILE B 200 14.97 -52.61 -9.67
N LYS B 201 15.74 -52.04 -10.59
CA LYS B 201 17.12 -52.43 -10.82
C LYS B 201 18.06 -51.35 -10.31
N LEU B 202 19.29 -51.75 -10.00
CA LEU B 202 20.28 -50.85 -9.44
C LEU B 202 20.67 -49.81 -10.48
N GLY B 203 20.29 -48.56 -10.25
CA GLY B 203 20.66 -47.48 -11.15
C GLY B 203 19.52 -46.82 -11.87
N GLU B 204 18.34 -46.78 -11.24
CA GLU B 204 17.18 -46.13 -11.85
C GLU B 204 16.22 -45.70 -10.74
N LEU B 205 15.27 -44.85 -11.12
CA LEU B 205 14.26 -44.34 -10.20
C LEU B 205 12.84 -44.64 -10.63
N LYS B 206 12.53 -44.59 -11.92
CA LYS B 206 11.19 -44.80 -12.42
C LYS B 206 11.07 -46.23 -12.95
N ARG B 207 10.09 -46.97 -12.43
CA ARG B 207 9.88 -48.36 -12.83
C ARG B 207 8.58 -48.49 -13.61
N GLN B 208 8.54 -49.50 -14.48
CA GLN B 208 7.38 -49.78 -15.32
C GLN B 208 6.56 -50.86 -14.63
N VAL B 209 5.46 -50.46 -14.00
CA VAL B 209 4.60 -51.41 -13.29
C VAL B 209 3.91 -52.31 -14.30
N VAL B 210 3.63 -53.54 -13.88
CA VAL B 210 2.99 -54.55 -14.73
C VAL B 210 1.67 -54.98 -14.09
N ASP B 211 0.62 -55.07 -14.90
CA ASP B 211 -0.69 -55.46 -14.42
C ASP B 211 -1.45 -56.14 -15.55
N PHE B 212 -1.79 -57.41 -15.37
CA PHE B 212 -2.53 -58.15 -16.39
C PHE B 212 -4.01 -57.83 -16.29
N PHE B 213 -4.60 -57.37 -17.39
CA PHE B 213 -6.00 -56.96 -17.40
C PHE B 213 -6.94 -58.11 -17.08
N LYS B 214 -6.99 -59.11 -17.95
CA LYS B 214 -7.89 -60.26 -17.81
C LYS B 214 -9.32 -59.80 -17.53
N PHE B 215 -9.87 -59.05 -18.47
CA PHE B 215 -11.20 -58.46 -18.33
C PHE B 215 -12.25 -59.56 -18.31
N SER B 216 -12.92 -59.73 -17.17
CA SER B 216 -14.01 -60.67 -17.04
C SER B 216 -15.34 -59.92 -16.98
N PHE B 217 -16.41 -60.61 -17.38
CA PHE B 217 -17.74 -60.03 -17.45
C PHE B 217 -18.65 -60.77 -16.49
N MET B 218 -19.02 -60.12 -15.39
CA MET B 218 -19.79 -60.76 -14.33
C MET B 218 -20.96 -59.88 -13.92
N TYR B 219 -21.98 -60.52 -13.36
CA TYR B 219 -23.18 -59.81 -12.93
C TYR B 219 -23.11 -59.54 -11.42
N ILE B 220 -23.80 -58.47 -11.01
CA ILE B 220 -23.82 -58.03 -9.62
C ILE B 220 -25.15 -58.46 -9.01
N GLU B 221 -25.08 -59.07 -7.82
CA GLU B 221 -26.27 -59.53 -7.11
C GLU B 221 -26.76 -58.53 -6.08
N SER B 222 -25.91 -58.16 -5.12
CA SER B 222 -26.30 -57.22 -4.07
C SER B 222 -25.05 -56.60 -3.47
N ILE B 223 -25.24 -55.45 -2.83
CA ILE B 223 -24.17 -54.74 -2.12
C ILE B 223 -24.47 -54.79 -0.64
N LYS B 224 -23.59 -55.43 0.13
CA LYS B 224 -23.78 -55.60 1.56
C LYS B 224 -22.47 -55.28 2.28
N VAL B 225 -22.58 -54.59 3.41
CA VAL B 225 -21.42 -54.25 4.22
C VAL B 225 -21.34 -55.21 5.40
N ASP B 226 -20.12 -55.49 5.85
CA ASP B 226 -19.89 -56.37 6.99
C ASP B 226 -18.98 -55.65 7.97
N ARG B 227 -19.31 -55.75 9.26
CA ARG B 227 -18.58 -55.03 10.28
C ARG B 227 -17.36 -55.82 10.74
N ILE B 228 -16.20 -55.15 10.73
CA ILE B 228 -14.99 -55.71 11.31
C ILE B 228 -14.60 -55.03 12.62
N GLY B 229 -15.00 -53.80 12.83
CA GLY B 229 -14.69 -53.08 14.06
C GLY B 229 -15.15 -51.64 13.95
N ASP B 230 -14.75 -50.86 14.95
CA ASP B 230 -15.08 -49.44 14.97
C ASP B 230 -14.34 -48.74 13.84
N ASN B 231 -15.07 -48.40 12.77
CA ASN B 231 -14.51 -47.83 11.55
C ASN B 231 -13.51 -48.77 10.87
N ILE B 232 -13.68 -50.08 11.08
CA ILE B 232 -12.85 -51.10 10.46
C ILE B 232 -13.63 -51.89 9.41
N PHE B 233 -14.92 -51.60 9.25
CA PHE B 233 -15.76 -52.32 8.31
C PHE B 233 -15.47 -51.87 6.87
N ILE B 234 -15.74 -52.78 5.93
CA ILE B 234 -15.51 -52.51 4.50
C ILE B 234 -16.78 -52.85 3.74
N PRO B 235 -17.26 -51.98 2.85
CA PRO B 235 -18.42 -52.33 2.02
C PRO B 235 -18.08 -53.39 0.99
N SER B 236 -17.87 -54.62 1.45
CA SER B 236 -17.45 -55.71 0.56
C SER B 236 -18.62 -56.11 -0.32
N VAL B 237 -18.62 -55.61 -1.55
CA VAL B 237 -19.66 -55.97 -2.52
C VAL B 237 -19.51 -57.43 -2.91
N ILE B 238 -20.62 -58.15 -2.96
CA ILE B 238 -20.64 -59.54 -3.38
C ILE B 238 -21.40 -59.62 -4.69
N THR B 239 -20.75 -60.18 -5.71
CA THR B 239 -21.35 -60.37 -7.02
C THR B 239 -21.44 -61.85 -7.34
N LYS B 240 -22.07 -62.14 -8.48
CA LYS B 240 -22.29 -63.52 -8.94
C LYS B 240 -23.08 -64.27 -7.85
N SER B 241 -22.84 -65.57 -7.71
CA SER B 241 -23.50 -66.36 -6.69
C SER B 241 -22.66 -66.40 -5.40
N GLY B 242 -22.40 -65.21 -4.88
CA GLY B 242 -21.67 -65.07 -3.63
C GLY B 242 -20.17 -64.94 -3.74
N LYS B 243 -19.66 -64.47 -4.88
CA LYS B 243 -18.23 -64.29 -5.03
C LYS B 243 -17.74 -63.11 -4.19
N LYS B 244 -16.43 -63.11 -3.93
CA LYS B 244 -15.84 -62.12 -3.03
C LYS B 244 -15.71 -60.75 -3.72
N ILE B 245 -15.15 -60.73 -4.93
CA ILE B 245 -14.86 -59.54 -5.74
C ILE B 245 -14.42 -58.34 -4.91
N LEU B 246 -13.11 -58.09 -4.87
CA LEU B 246 -12.56 -57.02 -4.06
C LEU B 246 -12.92 -55.65 -4.64
N VAL B 247 -13.21 -54.71 -3.75
CA VAL B 247 -13.52 -53.33 -4.11
C VAL B 247 -12.73 -52.41 -3.19
N LYS B 248 -12.27 -51.29 -3.74
CA LYS B 248 -11.34 -50.41 -3.03
C LYS B 248 -11.92 -49.84 -1.73
N ASP B 249 -12.91 -48.95 -1.86
CA ASP B 249 -13.76 -48.43 -0.79
C ASP B 249 -13.04 -48.31 0.56
N VAL B 250 -11.85 -47.75 0.55
CA VAL B 250 -11.00 -47.74 1.75
C VAL B 250 -11.52 -46.70 2.73
N ASP B 251 -11.75 -47.12 3.97
CA ASP B 251 -12.22 -46.25 5.04
C ASP B 251 -13.39 -45.40 4.56
N HIS B 252 -13.05 -44.25 3.97
CA HIS B 252 -14.03 -43.37 3.35
C HIS B 252 -14.77 -44.06 2.20
N LEU B 253 -16.10 -43.93 2.19
CA LEU B 253 -17.00 -44.67 1.31
C LEU B 253 -17.21 -43.92 -0.01
N ILE B 254 -16.13 -43.86 -0.79
CA ILE B 254 -16.14 -43.34 -2.16
C ILE B 254 -15.44 -44.34 -3.07
N ARG B 255 -15.62 -44.14 -4.39
CA ARG B 255 -15.15 -44.97 -5.49
C ARG B 255 -15.95 -46.27 -5.60
N SER B 256 -16.96 -46.46 -4.75
CA SER B 256 -17.87 -47.59 -4.86
C SER B 256 -19.21 -47.20 -5.46
N LYS B 257 -19.26 -46.06 -6.15
CA LYS B 257 -20.50 -45.54 -6.73
C LYS B 257 -20.81 -46.25 -8.06
N VAL B 258 -20.90 -47.57 -7.97
CA VAL B 258 -21.24 -48.40 -9.11
C VAL B 258 -22.74 -48.63 -9.13
N ARG B 259 -23.27 -48.91 -10.32
CA ARG B 259 -24.70 -49.16 -10.45
C ARG B 259 -25.07 -50.49 -9.79
N GLU B 260 -26.13 -50.48 -9.00
CA GLU B 260 -26.57 -51.69 -8.33
C GLU B 260 -27.09 -52.71 -9.32
N HIS B 261 -26.85 -53.98 -9.03
CA HIS B 261 -27.29 -55.12 -9.86
C HIS B 261 -26.67 -54.95 -11.25
N THR B 262 -27.43 -55.21 -12.32
CA THR B 262 -26.97 -55.05 -13.70
C THR B 262 -25.74 -55.89 -13.99
N PHE B 263 -25.00 -55.53 -15.04
CA PHE B 263 -23.85 -56.29 -15.51
C PHE B 263 -22.61 -55.41 -15.45
N VAL B 264 -21.49 -55.98 -15.02
CA VAL B 264 -20.28 -55.23 -14.75
C VAL B 264 -19.07 -55.97 -15.32
N LYS B 265 -17.99 -55.21 -15.51
CA LYS B 265 -16.70 -55.75 -15.92
C LYS B 265 -15.73 -55.69 -14.75
N VAL B 266 -14.97 -56.78 -14.56
CA VAL B 266 -14.07 -56.92 -13.42
C VAL B 266 -12.69 -57.35 -13.92
N LYS B 267 -11.71 -57.22 -13.03
CA LYS B 267 -10.33 -57.60 -13.32
C LYS B 267 -9.86 -58.58 -12.26
N LYS B 268 -9.38 -59.74 -12.71
CA LYS B 268 -8.86 -60.78 -11.83
C LYS B 268 -7.49 -61.22 -12.33
N LYS B 269 -6.56 -61.45 -11.39
CA LYS B 269 -5.20 -61.83 -11.76
C LYS B 269 -4.86 -63.25 -11.34
N ASN B 270 -4.90 -63.56 -10.05
CA ASN B 270 -4.75 -64.96 -9.67
C ASN B 270 -5.80 -65.44 -8.68
N THR B 271 -6.13 -64.64 -7.68
CA THR B 271 -7.13 -65.03 -6.69
C THR B 271 -8.09 -63.92 -6.28
N PHE B 272 -7.74 -62.65 -6.44
CA PHE B 272 -8.53 -61.53 -5.93
C PHE B 272 -9.02 -60.70 -7.11
N SER B 273 -10.26 -60.94 -7.52
CA SER B 273 -10.85 -60.15 -8.58
C SER B 273 -11.20 -58.74 -8.07
N ILE B 274 -10.82 -57.74 -8.85
CA ILE B 274 -11.05 -56.34 -8.51
C ILE B 274 -11.76 -55.67 -9.67
N LEU B 275 -12.88 -54.99 -9.38
CA LEU B 275 -13.62 -54.27 -10.40
C LEU B 275 -13.14 -52.82 -10.44
N TYR B 276 -13.68 -52.05 -11.39
CA TYR B 276 -13.32 -50.65 -11.53
C TYR B 276 -13.97 -49.83 -10.42
N ASP B 277 -13.29 -48.75 -10.04
CA ASP B 277 -13.76 -47.84 -9.01
C ASP B 277 -14.44 -46.61 -9.61
N TYR B 278 -13.72 -45.88 -10.48
CA TYR B 278 -14.27 -44.70 -11.11
C TYR B 278 -13.82 -44.54 -12.56
N ASP B 279 -13.00 -45.44 -13.09
CA ASP B 279 -12.50 -45.31 -14.45
C ASP B 279 -13.63 -45.37 -15.47
N GLY B 280 -14.34 -46.49 -15.51
CA GLY B 280 -15.47 -46.63 -16.41
C GLY B 280 -16.65 -45.78 -15.98
N ASN B 281 -16.95 -44.73 -16.75
CA ASN B 281 -18.02 -43.81 -16.38
C ASN B 281 -19.37 -44.51 -16.35
N GLY B 282 -19.83 -45.00 -17.50
CA GLY B 282 -21.13 -45.65 -17.57
C GLY B 282 -22.26 -44.73 -17.13
N THR B 283 -22.83 -45.01 -15.96
CA THR B 283 -23.87 -44.18 -15.37
C THR B 283 -23.36 -43.38 -14.18
N GLU B 284 -22.68 -44.04 -13.22
CA GLU B 284 -22.14 -43.39 -12.04
C GLU B 284 -23.21 -42.63 -11.27
N THR B 285 -24.40 -43.22 -11.17
CA THR B 285 -25.46 -42.64 -10.35
C THR B 285 -25.08 -42.75 -8.88
N ARG B 286 -25.34 -41.68 -8.14
CA ARG B 286 -24.98 -41.62 -6.73
C ARG B 286 -26.18 -41.58 -5.79
N GLY B 287 -27.22 -40.81 -6.10
CA GLY B 287 -28.36 -40.74 -5.19
C GLY B 287 -29.06 -42.08 -5.04
N GLU B 288 -29.31 -42.75 -6.17
CA GLU B 288 -29.99 -44.04 -6.14
C GLU B 288 -29.18 -45.08 -5.38
N VAL B 289 -27.87 -45.14 -5.64
CA VAL B 289 -27.05 -46.16 -4.98
C VAL B 289 -26.92 -45.87 -3.49
N ILE B 290 -26.82 -44.59 -3.10
CA ILE B 290 -26.74 -44.26 -1.69
C ILE B 290 -28.05 -44.63 -0.99
N LYS B 291 -29.18 -44.32 -1.62
CA LYS B 291 -30.47 -44.67 -1.01
C LYS B 291 -30.64 -46.18 -0.91
N ARG B 292 -30.21 -46.92 -1.93
CA ARG B 292 -30.30 -48.38 -1.88
C ARG B 292 -29.41 -48.95 -0.77
N ILE B 293 -28.20 -48.40 -0.63
CA ILE B 293 -27.29 -48.88 0.41
C ILE B 293 -27.89 -48.60 1.80
N ILE B 294 -28.44 -47.40 1.99
CA ILE B 294 -29.03 -47.06 3.28
C ILE B 294 -30.23 -47.94 3.58
N ASP B 295 -31.10 -48.16 2.58
CA ASP B 295 -32.28 -48.98 2.79
C ASP B 295 -31.92 -50.43 3.10
N THR B 296 -30.94 -50.99 2.38
CA THR B 296 -30.55 -52.37 2.62
C THR B 296 -29.96 -52.56 4.01
N ILE B 297 -29.14 -51.60 4.46
CA ILE B 297 -28.54 -51.70 5.78
C ILE B 297 -29.60 -51.60 6.87
N GLY B 298 -30.58 -50.73 6.69
CA GLY B 298 -31.58 -50.52 7.71
C GLY B 298 -31.61 -49.11 8.26
N ARG B 299 -31.32 -48.13 7.41
CA ARG B 299 -31.27 -46.72 7.80
C ARG B 299 -30.19 -46.50 8.86
N ASP B 300 -28.96 -46.78 8.45
CA ASP B 300 -27.79 -46.62 9.31
C ASP B 300 -26.57 -46.52 8.40
N TYR B 301 -25.39 -46.39 9.03
CA TYR B 301 -24.11 -46.34 8.32
C TYR B 301 -24.09 -45.18 7.30
N TYR B 302 -24.14 -43.96 7.84
CA TYR B 302 -24.08 -42.77 7.00
C TYR B 302 -22.81 -42.77 6.15
N VAL B 303 -22.99 -42.46 4.86
CA VAL B 303 -21.95 -42.69 3.88
C VAL B 303 -20.77 -41.74 4.06
N ASN B 304 -21.06 -40.45 4.25
CA ASN B 304 -20.00 -39.45 4.24
C ASN B 304 -19.03 -39.66 5.39
N GLY B 305 -19.53 -40.03 6.56
CA GLY B 305 -18.70 -40.20 7.74
C GLY B 305 -18.05 -41.56 7.88
N LYS B 306 -18.18 -42.43 6.88
CA LYS B 306 -17.54 -43.75 6.82
C LYS B 306 -17.72 -44.54 8.13
N TYR B 307 -18.80 -44.25 8.85
CA TYR B 307 -19.06 -44.89 10.13
C TYR B 307 -20.54 -45.23 10.21
N PHE B 308 -20.98 -45.73 11.36
CA PHE B 308 -22.37 -46.12 11.58
C PHE B 308 -22.95 -45.31 12.72
N SER B 309 -24.19 -44.84 12.53
CA SER B 309 -24.84 -44.02 13.53
C SER B 309 -25.18 -44.85 14.77
N LYS B 310 -25.05 -44.22 15.94
CA LYS B 310 -25.30 -44.89 17.22
C LYS B 310 -26.78 -44.80 17.56
N VAL B 311 -27.58 -45.51 16.76
CA VAL B 311 -29.02 -45.54 16.98
C VAL B 311 -29.32 -46.36 18.22
N GLY B 312 -30.16 -45.82 19.10
CA GLY B 312 -30.52 -46.52 20.32
C GLY B 312 -29.53 -46.33 21.46
N ILE B 313 -28.24 -46.29 21.12
CA ILE B 313 -27.19 -46.15 22.13
C ILE B 313 -27.26 -44.74 22.69
N ALA B 314 -27.74 -44.61 23.93
CA ALA B 314 -27.87 -43.29 24.55
C ALA B 314 -26.51 -42.74 24.98
N GLY B 315 -25.82 -43.45 25.86
CA GLY B 315 -24.54 -43.00 26.35
C GLY B 315 -24.22 -43.67 27.67
N LEU B 316 -23.39 -42.97 28.46
CA LEU B 316 -22.94 -43.38 29.78
C LEU B 316 -21.95 -44.53 29.70
N LYS B 317 -21.80 -45.11 28.51
CA LYS B 317 -20.81 -46.15 28.29
C LYS B 317 -19.94 -45.94 27.05
N GLN B 318 -20.42 -45.22 26.03
CA GLN B 318 -19.61 -44.95 24.86
C GLN B 318 -18.48 -43.98 25.18
N LEU B 319 -18.70 -43.09 26.16
CA LEU B 319 -17.63 -42.20 26.59
C LEU B 319 -16.46 -42.99 27.16
N THR B 320 -16.75 -44.03 27.95
CA THR B 320 -15.69 -44.87 28.50
C THR B 320 -14.92 -45.57 27.39
N ASN B 321 -15.63 -46.08 26.39
CA ASN B 321 -14.96 -46.76 25.28
C ASN B 321 -14.09 -45.78 24.48
N LYS B 322 -14.60 -44.57 24.24
CA LYS B 322 -13.82 -43.58 23.50
C LYS B 322 -12.59 -43.15 24.28
N LEU B 323 -12.71 -42.96 25.59
CA LEU B 323 -11.59 -42.54 26.41
C LEU B 323 -10.65 -43.70 26.76
N ASP B 324 -11.02 -44.94 26.44
CA ASP B 324 -10.20 -46.12 26.70
C ASP B 324 -9.90 -46.26 28.20
N ILE B 325 -10.97 -46.33 28.98
CA ILE B 325 -10.86 -46.51 30.43
C ILE B 325 -11.70 -47.72 30.84
N ASN B 326 -11.71 -48.03 32.13
CA ASN B 326 -12.51 -49.14 32.63
C ASN B 326 -13.99 -48.82 32.50
N GLU B 327 -14.79 -49.87 32.32
CA GLU B 327 -16.23 -49.70 32.17
C GLU B 327 -16.84 -49.27 33.50
N CYS B 328 -17.68 -48.23 33.45
CA CYS B 328 -18.34 -47.68 34.62
C CYS B 328 -19.81 -47.47 34.33
N ALA B 329 -20.63 -47.52 35.37
CA ALA B 329 -22.07 -47.39 35.24
C ALA B 329 -22.63 -46.14 35.92
N THR B 330 -21.83 -45.37 36.64
CA THR B 330 -22.29 -44.19 37.33
C THR B 330 -21.33 -43.03 37.07
N VAL B 331 -21.87 -41.81 37.20
CA VAL B 331 -21.07 -40.62 36.95
C VAL B 331 -19.98 -40.45 37.99
N ASP B 332 -20.26 -40.85 39.24
CA ASP B 332 -19.28 -40.68 40.31
C ASP B 332 -18.04 -41.53 40.05
N GLU B 333 -18.23 -42.77 39.62
CA GLU B 333 -17.09 -43.62 39.28
C GLU B 333 -16.33 -43.06 38.08
N LEU B 334 -17.04 -42.50 37.11
CA LEU B 334 -16.39 -41.86 35.98
C LEU B 334 -15.49 -40.72 36.44
N VAL B 335 -16.00 -39.87 37.32
CA VAL B 335 -15.22 -38.74 37.83
C VAL B 335 -14.02 -39.24 38.62
N ASP B 336 -14.21 -40.25 39.45
CA ASP B 336 -13.11 -40.78 40.25
C ASP B 336 -12.02 -41.37 39.36
N GLU B 337 -12.40 -42.13 38.34
CA GLU B 337 -11.41 -42.73 37.45
C GLU B 337 -10.70 -41.67 36.62
N ILE B 338 -11.43 -40.64 36.18
CA ILE B 338 -10.80 -39.55 35.42
C ILE B 338 -9.79 -38.82 36.30
N ASN B 339 -10.14 -38.59 37.57
CA ASN B 339 -9.19 -37.97 38.49
C ASN B 339 -7.97 -38.87 38.70
N LYS B 340 -8.19 -40.19 38.85
CA LYS B 340 -7.08 -41.11 39.08
C LYS B 340 -6.18 -41.22 37.85
N SER B 341 -6.77 -41.19 36.66
CA SER B 341 -5.99 -41.37 35.43
C SER B 341 -5.04 -40.20 35.22
N GLY B 342 -3.79 -40.51 34.88
CA GLY B 342 -2.80 -39.47 34.69
C GLY B 342 -3.06 -38.62 33.45
N THR B 343 -3.46 -39.25 32.35
CA THR B 343 -3.57 -38.55 31.07
C THR B 343 -5.00 -38.31 30.61
N VAL B 344 -5.97 -39.10 31.07
CA VAL B 344 -7.35 -38.88 30.68
C VAL B 344 -7.85 -37.55 31.24
N LYS B 345 -7.44 -37.21 32.46
CA LYS B 345 -7.79 -35.90 33.02
C LYS B 345 -7.22 -34.77 32.17
N ARG B 346 -5.96 -34.90 31.75
CA ARG B 346 -5.36 -33.88 30.91
C ARG B 346 -6.08 -33.75 29.57
N LYS B 347 -6.43 -34.89 28.96
CA LYS B 347 -7.07 -34.85 27.65
C LYS B 347 -8.51 -34.35 27.74
N ILE B 348 -9.16 -34.51 28.90
CA ILE B 348 -10.52 -34.00 29.02
C ILE B 348 -10.51 -32.53 29.45
N LYS B 349 -9.47 -32.08 30.12
CA LYS B 349 -9.35 -30.66 30.45
C LYS B 349 -8.93 -29.84 29.24
N ASN B 350 -8.05 -30.39 28.40
CA ASN B 350 -7.55 -29.64 27.24
C ASN B 350 -8.63 -29.48 26.18
N GLN B 351 -9.38 -30.54 25.89
CA GLN B 351 -10.37 -30.49 24.83
C GLN B 351 -11.66 -29.83 25.32
N SER B 352 -12.50 -29.48 24.35
CA SER B 352 -13.80 -28.87 24.64
C SER B 352 -14.89 -29.92 24.70
N VAL B 353 -16.04 -29.52 25.22
CA VAL B 353 -17.16 -30.45 25.36
C VAL B 353 -17.74 -30.81 24.00
N PHE B 354 -17.90 -29.83 23.11
CA PHE B 354 -18.43 -30.09 21.79
C PHE B 354 -17.54 -31.05 21.01
N ASP B 355 -16.24 -30.79 21.01
CA ASP B 355 -15.31 -31.67 20.30
C ASP B 355 -15.30 -33.07 20.91
N LEU B 356 -15.35 -33.15 22.24
CA LEU B 356 -15.37 -34.45 22.90
C LEU B 356 -16.59 -35.26 22.50
N SER B 357 -17.77 -34.64 22.53
CA SER B 357 -18.97 -35.36 22.14
C SER B 357 -18.95 -35.74 20.66
N ARG B 358 -18.47 -34.83 19.81
CA ARG B 358 -18.42 -35.12 18.37
C ARG B 358 -17.49 -36.30 18.08
N GLU B 359 -16.34 -36.35 18.76
CA GLU B 359 -15.46 -37.49 18.58
C GLU B 359 -16.03 -38.76 19.21
N CYS B 360 -16.78 -38.62 20.30
CA CYS B 360 -17.39 -39.79 20.93
C CYS B 360 -18.42 -40.44 20.02
N LEU B 361 -19.23 -39.64 19.33
CA LEU B 361 -20.22 -40.20 18.42
C LEU B 361 -19.67 -40.42 17.01
N GLY B 362 -18.44 -40.02 16.75
CA GLY B 362 -17.83 -40.25 15.46
C GLY B 362 -18.52 -39.56 14.30
N TYR B 363 -18.91 -38.31 14.50
CA TYR B 363 -19.57 -37.57 13.44
C TYR B 363 -18.55 -36.97 12.47
N PRO B 364 -18.93 -36.75 11.22
CA PRO B 364 -18.05 -36.02 10.30
C PRO B 364 -17.88 -34.58 10.74
N GLU B 365 -16.74 -34.00 10.39
CA GLU B 365 -16.44 -32.64 10.82
C GLU B 365 -17.30 -31.63 10.08
N ALA B 366 -17.12 -31.54 8.76
CA ALA B 366 -17.78 -30.49 7.99
C ALA B 366 -19.31 -30.64 8.03
N ASP B 367 -19.80 -31.87 7.90
CA ASP B 367 -21.25 -32.08 7.90
C ASP B 367 -21.88 -31.67 9.22
N PHE B 368 -21.25 -32.04 10.34
CA PHE B 368 -21.80 -31.68 11.63
C PHE B 368 -21.70 -30.18 11.88
N ILE B 369 -20.59 -29.56 11.44
CA ILE B 369 -20.47 -28.12 11.59
C ILE B 369 -21.58 -27.41 10.82
N THR B 370 -21.84 -27.85 9.58
CA THR B 370 -22.91 -27.25 8.80
C THR B 370 -24.27 -27.47 9.44
N LEU B 371 -24.54 -28.69 9.92
CA LEU B 371 -25.83 -28.99 10.53
C LEU B 371 -26.05 -28.14 11.77
N VAL B 372 -25.02 -27.97 12.59
CA VAL B 372 -25.14 -27.09 13.75
C VAL B 372 -25.35 -25.64 13.31
N ASN B 373 -24.63 -25.21 12.27
CA ASN B 373 -24.74 -23.84 11.79
C ASN B 373 -26.09 -23.53 11.14
N ASN B 374 -26.87 -24.54 10.80
CA ASN B 374 -28.22 -24.33 10.28
C ASN B 374 -29.29 -24.78 11.26
N MET B 375 -29.07 -24.56 12.56
CA MET B 375 -30.03 -24.96 13.60
C MET B 375 -30.16 -23.84 14.62
N ARG B 376 -31.21 -23.93 15.43
CA ARG B 376 -31.48 -22.98 16.51
C ARG B 376 -31.60 -23.73 17.82
N PHE B 377 -31.09 -23.13 18.89
CA PHE B 377 -31.02 -23.78 20.19
C PHE B 377 -31.77 -22.95 21.24
N LYS B 378 -31.93 -23.55 22.42
CA LYS B 378 -32.60 -22.94 23.57
C LYS B 378 -31.77 -23.18 24.83
N ILE B 379 -30.48 -22.84 24.76
CA ILE B 379 -29.54 -23.14 25.83
C ILE B 379 -30.03 -22.58 27.16
N GLU B 380 -30.03 -23.43 28.18
CA GLU B 380 -30.36 -23.03 29.54
C GLU B 380 -29.38 -23.69 30.50
N ASN B 381 -28.79 -22.88 31.38
CA ASN B 381 -27.82 -23.37 32.38
C ASN B 381 -26.66 -24.12 31.72
N CYS B 382 -26.15 -23.56 30.62
CA CYS B 382 -25.01 -24.12 29.90
C CYS B 382 -25.26 -25.54 29.41
N LYS B 383 -26.52 -25.89 29.18
CA LYS B 383 -26.89 -27.20 28.67
C LYS B 383 -27.98 -27.03 27.62
N VAL B 384 -28.02 -27.97 26.68
CA VAL B 384 -29.00 -27.94 25.60
C VAL B 384 -30.32 -28.47 26.13
N VAL B 385 -31.38 -27.68 25.99
CA VAL B 385 -32.70 -28.07 26.44
C VAL B 385 -33.70 -28.23 25.29
N ASN B 386 -33.56 -27.46 24.22
CA ASN B 386 -34.45 -27.56 23.08
C ASN B 386 -33.71 -27.10 21.83
N PHE B 387 -33.92 -27.82 20.73
CA PHE B 387 -33.29 -27.50 19.46
C PHE B 387 -34.31 -27.64 18.34
N ASN B 388 -34.07 -26.92 17.25
CA ASN B 388 -34.96 -26.97 16.11
C ASN B 388 -34.19 -26.64 14.84
N ILE B 389 -34.78 -26.98 13.71
CA ILE B 389 -34.19 -26.74 12.39
C ILE B 389 -34.76 -25.44 11.83
N GLU B 390 -33.92 -24.68 11.13
CA GLU B 390 -34.32 -23.44 10.49
C GLU B 390 -34.36 -23.56 8.97
N ASN B 391 -33.34 -24.16 8.37
CA ASN B 391 -33.28 -24.40 6.94
C ASN B 391 -33.32 -25.90 6.68
N THR B 392 -34.27 -26.34 5.86
CA THR B 392 -34.48 -27.76 5.60
C THR B 392 -33.73 -28.24 4.36
N ASN B 393 -32.98 -27.37 3.68
CA ASN B 393 -32.22 -27.79 2.52
C ASN B 393 -31.13 -28.79 2.90
N CYS B 394 -30.46 -28.54 4.03
CA CYS B 394 -29.39 -29.43 4.49
C CYS B 394 -29.90 -30.84 4.78
N LEU B 395 -31.21 -31.00 4.98
CA LEU B 395 -31.77 -32.33 5.19
C LEU B 395 -31.75 -33.19 3.94
N ASN B 396 -31.40 -32.61 2.78
CA ASN B 396 -31.33 -33.40 1.55
C ASN B 396 -30.24 -34.48 1.66
N ASN B 397 -29.18 -34.19 2.40
CA ASN B 397 -28.10 -35.16 2.58
C ASN B 397 -28.52 -36.22 3.59
N PRO B 398 -28.54 -37.51 3.22
CA PRO B 398 -28.97 -38.54 4.18
C PRO B 398 -28.09 -38.62 5.42
N SER B 399 -26.78 -38.37 5.29
CA SER B 399 -25.90 -38.39 6.45
C SER B 399 -26.31 -37.31 7.46
N ILE B 400 -26.63 -36.12 6.97
CA ILE B 400 -27.11 -35.05 7.85
C ILE B 400 -28.42 -35.47 8.52
N GLU B 401 -29.27 -36.19 7.79
CA GLU B 401 -30.53 -36.65 8.37
C GLU B 401 -30.28 -37.64 9.51
N THR B 402 -29.35 -38.58 9.32
CA THR B 402 -29.04 -39.54 10.38
C THR B 402 -28.43 -38.85 11.58
N ILE B 403 -27.53 -37.89 11.33
CA ILE B 403 -26.93 -37.15 12.45
C ILE B 403 -27.99 -36.36 13.20
N TYR B 404 -28.94 -35.76 12.49
CA TYR B 404 -30.05 -35.09 13.17
C TYR B 404 -30.90 -36.08 13.96
N GLY B 405 -31.06 -37.29 13.43
CA GLY B 405 -31.82 -38.30 14.16
C GLY B 405 -31.17 -38.68 15.48
N ASN B 406 -29.85 -38.81 15.48
CA ASN B 406 -29.11 -39.14 16.70
C ASN B 406 -28.68 -37.90 17.49
N PHE B 407 -29.09 -36.71 17.04
CA PHE B 407 -28.77 -35.49 17.78
C PHE B 407 -29.33 -35.52 19.20
N ASN B 408 -30.38 -36.30 19.46
CA ASN B 408 -30.89 -36.41 20.81
C ASN B 408 -29.86 -37.07 21.73
N GLN B 409 -29.30 -38.20 21.30
CA GLN B 409 -28.24 -38.83 22.07
C GLN B 409 -27.01 -37.94 22.13
N PHE B 410 -26.73 -37.20 21.06
CA PHE B 410 -25.62 -36.24 21.09
C PHE B 410 -25.83 -35.20 22.19
N VAL B 411 -27.06 -34.68 22.29
CA VAL B 411 -27.37 -33.68 23.31
C VAL B 411 -27.24 -34.28 24.71
N SER B 412 -27.71 -35.52 24.88
CA SER B 412 -27.60 -36.17 26.18
C SER B 412 -26.15 -36.34 26.60
N ILE B 413 -25.30 -36.78 25.67
CA ILE B 413 -23.88 -36.97 26.00
C ILE B 413 -23.19 -35.62 26.22
N PHE B 414 -23.60 -34.60 25.45
CA PHE B 414 -23.06 -33.26 25.66
C PHE B 414 -23.38 -32.74 27.05
N ASN B 415 -24.62 -32.93 27.49
CA ASN B 415 -25.00 -32.53 28.84
C ASN B 415 -24.26 -33.33 29.89
N THR B 416 -24.06 -34.63 29.64
CA THR B 416 -23.31 -35.45 30.59
C THR B 416 -21.87 -34.97 30.74
N VAL B 417 -21.22 -34.65 29.62
CA VAL B 417 -19.84 -34.18 29.69
C VAL B 417 -19.77 -32.81 30.34
N THR B 418 -20.76 -31.95 30.06
CA THR B 418 -20.81 -30.64 30.72
C THR B 418 -20.95 -30.80 32.23
N ASP B 419 -21.81 -31.72 32.67
CA ASP B 419 -21.98 -31.96 34.10
C ASP B 419 -20.70 -32.51 34.73
N VAL B 420 -20.02 -33.41 34.02
CA VAL B 420 -18.76 -33.96 34.52
C VAL B 420 -17.72 -32.85 34.67
N LYS B 421 -17.61 -31.98 33.66
CA LYS B 421 -16.65 -30.89 33.73
C LYS B 421 -16.99 -29.92 34.85
N LYS B 422 -18.28 -29.64 35.05
CA LYS B 422 -18.70 -28.77 36.14
C LYS B 422 -18.37 -29.38 37.50
N ARG B 423 -18.60 -30.68 37.65
CA ARG B 423 -18.33 -31.35 38.92
C ARG B 423 -16.85 -31.60 39.17
N LEU B 424 -16.01 -31.52 38.12
CA LEU B 424 -14.58 -31.75 38.28
C LEU B 424 -13.84 -30.51 38.78
N PHE B 425 -14.03 -29.37 38.12
CA PHE B 425 -13.31 -28.15 38.44
C PHE B 425 -14.14 -27.12 39.18
N GLU B 426 -15.43 -27.40 39.42
CA GLU B 426 -16.29 -26.45 40.11
C GLU B 426 -17.20 -27.16 41.10
N MET C 24 32.03 -7.57 -35.45
CA MET C 24 31.99 -6.35 -34.65
C MET C 24 31.80 -5.13 -35.52
N ASN C 25 30.76 -4.35 -35.24
CA ASN C 25 30.49 -3.14 -35.99
C ASN C 25 31.34 -1.99 -35.46
N SER C 26 31.44 -0.93 -36.28
CA SER C 26 32.22 0.24 -35.93
C SER C 26 31.41 1.50 -36.17
N VAL C 27 31.65 2.51 -35.34
CA VAL C 27 30.97 3.80 -35.44
C VAL C 27 32.01 4.90 -35.35
N THR C 28 31.67 6.05 -35.93
CA THR C 28 32.54 7.22 -35.94
C THR C 28 31.87 8.35 -35.17
N ILE C 29 32.59 8.90 -34.19
CA ILE C 29 32.08 9.99 -33.37
C ILE C 29 32.78 11.28 -33.77
N SER C 30 32.27 12.40 -33.26
CA SER C 30 32.78 13.71 -33.66
C SER C 30 34.13 14.02 -33.02
N HIS C 31 34.39 13.48 -31.83
CA HIS C 31 35.56 13.85 -31.05
C HIS C 31 36.55 12.69 -30.96
N ALA C 32 37.72 13.02 -30.41
CA ALA C 32 38.95 12.25 -30.21
C ALA C 32 39.02 10.93 -31.01
N PRO C 33 38.62 9.76 -30.49
CA PRO C 33 39.06 8.52 -31.14
C PRO C 33 38.49 8.31 -32.53
N TYR C 34 37.35 8.93 -32.86
CA TYR C 34 36.76 8.88 -34.20
C TYR C 34 36.34 7.48 -34.60
N THR C 35 36.49 6.50 -33.71
CA THR C 35 36.19 5.11 -34.06
C THR C 35 35.96 4.32 -32.79
N ILE C 36 34.78 3.73 -32.65
CA ILE C 36 34.43 2.85 -31.55
C ILE C 36 33.96 1.53 -32.13
N THR C 37 34.54 0.42 -31.66
CA THR C 37 34.17 -0.91 -32.11
C THR C 37 33.30 -1.57 -31.06
N TYR C 38 32.13 -2.06 -31.48
CA TYR C 38 31.17 -2.64 -30.55
C TYR C 38 30.61 -3.93 -31.13
N HIS C 39 30.19 -4.82 -30.24
CA HIS C 39 29.58 -6.08 -30.64
C HIS C 39 28.13 -5.86 -31.06
N ASP C 40 27.58 -6.84 -31.77
CA ASP C 40 26.22 -6.71 -32.27
C ASP C 40 25.20 -6.64 -31.14
N ASP C 41 25.52 -7.23 -29.98
CA ASP C 41 24.59 -7.20 -28.86
C ASP C 41 24.29 -5.79 -28.38
N TRP C 42 25.22 -4.85 -28.58
CA TRP C 42 25.02 -3.45 -28.22
C TRP C 42 24.45 -2.65 -29.37
N GLU C 43 23.84 -3.31 -30.37
CA GLU C 43 23.32 -2.60 -31.54
C GLU C 43 22.22 -1.59 -31.23
N PRO C 44 21.16 -1.91 -30.50
CA PRO C 44 20.00 -1.01 -30.46
C PRO C 44 20.16 0.21 -29.57
N VAL C 45 21.34 0.43 -28.98
CA VAL C 45 21.58 1.64 -28.20
C VAL C 45 22.80 2.42 -28.65
N MET C 46 23.72 1.81 -29.42
CA MET C 46 25.00 2.44 -29.74
C MET C 46 24.80 3.82 -30.34
N SER C 47 23.94 3.94 -31.34
CA SER C 47 23.69 5.23 -31.98
C SER C 47 23.30 6.28 -30.94
N GLN C 48 22.35 5.94 -30.06
CA GLN C 48 21.93 6.88 -29.02
C GLN C 48 23.12 7.30 -28.17
N LEU C 49 24.00 6.35 -27.84
CA LEU C 49 25.19 6.68 -27.07
C LEU C 49 25.97 7.80 -27.75
N VAL C 50 26.17 7.68 -29.06
CA VAL C 50 26.88 8.72 -29.81
C VAL C 50 26.12 10.04 -29.68
N GLU C 51 24.80 9.99 -29.85
CA GLU C 51 23.99 11.20 -29.71
C GLU C 51 24.14 11.80 -28.33
N PHE C 52 24.40 10.97 -27.31
CA PHE C 52 24.64 11.51 -25.98
C PHE C 52 26.11 11.85 -25.76
N TYR C 53 27.03 11.19 -26.48
CA TYR C 53 28.44 11.35 -26.18
C TYR C 53 28.97 12.69 -26.67
N ASN C 54 28.62 13.09 -27.89
CA ASN C 54 29.28 14.22 -28.54
C ASN C 54 29.24 15.46 -27.67
N GLU C 55 28.04 15.85 -27.23
CA GLU C 55 27.91 17.00 -26.34
C GLU C 55 28.82 16.85 -25.12
N VAL C 56 28.71 15.69 -24.45
CA VAL C 56 29.53 15.44 -23.28
C VAL C 56 31.01 15.56 -23.62
N ALA C 57 31.40 15.04 -24.78
CA ALA C 57 32.80 15.10 -25.17
C ALA C 57 33.31 16.54 -25.17
N SER C 58 32.46 17.47 -25.62
CA SER C 58 32.87 18.87 -25.73
C SER C 58 33.40 19.41 -24.41
N TRP C 59 32.92 18.86 -23.29
CA TRP C 59 33.46 19.20 -21.98
C TRP C 59 34.30 18.10 -21.37
N LEU C 60 34.08 16.84 -21.75
CA LEU C 60 34.74 15.75 -21.05
C LEU C 60 36.24 15.76 -21.27
N LEU C 61 36.70 16.18 -22.44
CA LEU C 61 38.12 16.27 -22.72
C LEU C 61 38.75 17.54 -22.15
N ARG C 62 37.95 18.39 -21.49
CA ARG C 62 38.51 19.59 -20.88
C ARG C 62 39.45 19.27 -19.73
N ASP C 63 39.35 18.09 -19.13
CA ASP C 63 40.16 17.71 -17.99
C ASP C 63 40.78 16.33 -18.21
N GLU C 64 41.91 16.10 -17.54
CA GLU C 64 42.55 14.79 -17.60
C GLU C 64 41.70 13.75 -16.88
N THR C 65 41.64 12.55 -17.45
CA THR C 65 40.86 11.45 -16.89
C THR C 65 41.78 10.24 -16.68
N SER C 66 41.49 9.48 -15.63
CA SER C 66 42.31 8.31 -15.33
C SER C 66 42.24 7.27 -16.44
N PRO C 67 41.06 6.86 -16.95
CA PRO C 67 41.06 6.07 -18.19
C PRO C 67 41.35 6.94 -19.40
N ILE C 68 42.19 6.47 -20.31
CA ILE C 68 42.43 7.20 -21.56
C ILE C 68 41.18 7.08 -22.41
N PRO C 69 40.89 8.06 -23.28
CA PRO C 69 39.66 7.99 -24.09
C PRO C 69 39.59 6.77 -24.97
N ASP C 70 40.73 6.19 -25.36
CA ASP C 70 40.72 5.00 -26.19
C ASP C 70 40.21 3.77 -25.44
N LYS C 71 40.23 3.79 -24.11
CA LYS C 71 39.78 2.66 -23.31
C LYS C 71 38.42 2.90 -22.65
N PHE C 72 37.71 3.96 -23.05
CA PHE C 72 36.38 4.21 -22.48
C PHE C 72 35.40 3.11 -22.85
N PHE C 73 35.43 2.66 -24.12
CA PHE C 73 34.44 1.73 -24.63
C PHE C 73 35.05 0.39 -25.00
N ILE C 74 36.08 -0.04 -24.27
CA ILE C 74 36.68 -1.35 -24.52
C ILE C 74 35.68 -2.46 -24.19
N GLN C 75 34.89 -2.28 -23.13
CA GLN C 75 33.92 -3.30 -22.72
C GLN C 75 32.79 -3.48 -23.72
N LEU C 76 32.66 -2.58 -24.70
CA LEU C 76 31.60 -2.71 -25.69
C LEU C 76 31.78 -3.90 -26.61
N LYS C 77 32.97 -4.52 -26.65
CA LYS C 77 33.19 -5.66 -27.53
C LYS C 77 32.71 -6.97 -26.92
N GLN C 78 32.49 -7.01 -25.61
CA GLN C 78 32.07 -8.26 -24.97
C GLN C 78 30.62 -8.57 -25.33
N PRO C 79 30.32 -9.80 -25.77
CA PRO C 79 28.92 -10.15 -26.07
C PRO C 79 28.09 -10.19 -24.80
N LEU C 80 26.79 -9.92 -24.97
CA LEU C 80 25.85 -9.93 -23.85
C LEU C 80 24.89 -11.11 -23.89
N ARG C 81 24.96 -11.96 -24.91
CA ARG C 81 24.05 -13.10 -25.00
C ARG C 81 24.41 -14.22 -24.03
N ASN C 82 25.68 -14.40 -23.71
CA ASN C 82 26.15 -15.47 -22.84
C ASN C 82 26.57 -14.94 -21.48
N LYS C 83 25.88 -13.92 -20.99
CA LYS C 83 26.15 -13.33 -19.69
C LYS C 83 24.90 -13.38 -18.83
N ARG C 84 25.08 -13.75 -17.56
CA ARG C 84 23.96 -13.87 -16.62
C ARG C 84 24.17 -13.11 -15.32
N VAL C 85 25.40 -12.76 -14.94
CA VAL C 85 25.68 -12.01 -13.73
C VAL C 85 26.41 -10.74 -14.13
N CYS C 86 25.95 -9.60 -13.61
CA CYS C 86 26.55 -8.31 -13.90
C CYS C 86 27.01 -7.68 -12.60
N VAL C 87 28.33 -7.62 -12.39
CA VAL C 87 28.90 -6.96 -11.23
C VAL C 87 29.18 -5.51 -11.61
N CYS C 88 28.73 -4.58 -10.76
CA CYS C 88 28.76 -3.16 -11.09
C CYS C 88 29.47 -2.38 -10.00
N GLY C 89 30.32 -1.44 -10.43
CA GLY C 89 30.98 -0.51 -9.54
C GLY C 89 30.44 0.90 -9.69
N ILE C 90 31.24 1.87 -9.26
CA ILE C 90 30.82 3.26 -9.32
C ILE C 90 31.75 4.08 -10.22
N ASP C 91 33.03 3.69 -10.28
CA ASP C 91 34.01 4.44 -11.06
C ASP C 91 35.24 3.56 -11.25
N PRO C 92 36.07 3.86 -12.25
CA PRO C 92 37.34 3.14 -12.39
C PRO C 92 38.33 3.54 -11.30
N TYR C 93 39.49 2.89 -11.27
CA TYR C 93 40.50 3.22 -10.28
C TYR C 93 41.00 4.64 -10.51
N PRO C 94 41.23 5.41 -9.44
CA PRO C 94 41.74 6.79 -9.62
C PRO C 94 43.06 6.85 -10.36
N LYS C 95 43.90 5.84 -10.22
CA LYS C 95 45.18 5.77 -10.91
C LYS C 95 45.32 4.44 -11.63
N ASP C 96 46.06 4.45 -12.73
CA ASP C 96 46.34 3.27 -13.53
C ASP C 96 45.03 2.61 -14.01
N GLY C 97 44.29 3.37 -14.81
CA GLY C 97 43.05 2.88 -15.37
C GLY C 97 43.26 2.00 -16.59
N THR C 98 43.03 0.70 -16.43
CA THR C 98 43.25 -0.26 -17.51
C THR C 98 42.09 -0.34 -18.48
N GLY C 99 40.93 0.21 -18.14
CA GLY C 99 39.77 0.13 -19.00
C GLY C 99 38.81 -0.98 -18.61
N VAL C 100 39.36 -2.10 -18.15
CA VAL C 100 38.57 -3.24 -17.72
C VAL C 100 38.20 -3.02 -16.24
N PRO C 101 36.93 -3.03 -15.88
CA PRO C 101 36.55 -2.81 -14.48
C PRO C 101 37.13 -3.89 -13.57
N PHE C 102 37.57 -3.45 -12.38
CA PHE C 102 38.10 -4.35 -11.36
C PHE C 102 39.21 -5.24 -11.91
N GLU C 103 40.09 -4.65 -12.72
CA GLU C 103 41.20 -5.37 -13.32
C GLU C 103 42.50 -4.66 -12.97
N SER C 104 43.48 -5.43 -12.52
CA SER C 104 44.81 -4.90 -12.19
C SER C 104 45.81 -6.03 -12.33
N PRO C 105 46.61 -6.04 -13.40
CA PRO C 105 47.55 -7.15 -13.59
C PRO C 105 48.83 -6.99 -12.80
N ASN C 106 48.72 -6.52 -11.56
CA ASN C 106 49.85 -6.48 -10.64
C ASN C 106 49.47 -6.84 -9.21
N PHE C 107 48.21 -7.19 -8.95
CA PHE C 107 47.75 -7.63 -7.62
C PHE C 107 48.11 -6.62 -6.54
N THR C 108 47.87 -5.34 -6.81
CA THR C 108 48.15 -4.28 -5.86
C THR C 108 46.95 -3.42 -5.50
N LYS C 109 45.94 -3.36 -6.36
CA LYS C 109 44.76 -2.55 -6.07
C LYS C 109 43.99 -3.13 -4.90
N LYS C 110 43.44 -2.25 -4.07
CA LYS C 110 42.78 -2.68 -2.83
C LYS C 110 41.57 -3.57 -3.11
N SER C 111 40.72 -3.15 -4.05
CA SER C 111 39.48 -3.87 -4.30
C SER C 111 39.74 -5.27 -4.84
N ILE C 112 40.66 -5.39 -5.80
CA ILE C 112 40.90 -6.69 -6.44
C ILE C 112 41.56 -7.64 -5.45
N LYS C 113 42.49 -7.15 -4.62
CA LYS C 113 43.13 -8.03 -3.65
C LYS C 113 42.16 -8.43 -2.55
N GLU C 114 41.26 -7.51 -2.16
CA GLU C 114 40.24 -7.87 -1.17
C GLU C 114 39.30 -8.95 -1.72
N ILE C 115 38.89 -8.80 -2.98
CA ILE C 115 38.02 -9.80 -3.60
C ILE C 115 38.73 -11.14 -3.70
N ALA C 116 40.02 -11.11 -4.08
CA ALA C 116 40.80 -12.35 -4.16
C ALA C 116 40.91 -13.02 -2.79
N SER C 117 41.16 -12.24 -1.74
CA SER C 117 41.25 -12.81 -0.40
C SER C 117 39.91 -13.41 0.02
N SER C 118 38.80 -12.71 -0.26
CA SER C 118 37.49 -13.24 0.10
C SER C 118 37.19 -14.54 -0.63
N ILE C 119 37.48 -14.60 -1.93
CA ILE C 119 37.19 -15.81 -2.68
C ILE C 119 38.13 -16.94 -2.27
N SER C 120 39.36 -16.62 -1.88
CA SER C 120 40.26 -17.65 -1.36
C SER C 120 39.75 -18.21 -0.04
N ARG C 121 39.25 -17.35 0.83
CA ARG C 121 38.67 -17.84 2.09
C ARG C 121 37.44 -18.70 1.84
N LEU C 122 36.58 -18.27 0.91
CA LEU C 122 35.31 -18.99 0.70
C LEU C 122 35.53 -20.32 -0.02
N THR C 123 36.36 -20.32 -1.06
CA THR C 123 36.57 -21.54 -1.84
C THR C 123 37.70 -22.39 -1.28
N GLY C 124 38.89 -21.79 -1.16
CA GLY C 124 40.06 -22.50 -0.68
C GLY C 124 41.23 -22.54 -1.66
N VAL C 125 41.12 -21.94 -2.83
CA VAL C 125 42.22 -21.94 -3.78
C VAL C 125 43.34 -21.04 -3.27
N ILE C 126 44.58 -21.48 -3.47
CA ILE C 126 45.76 -20.75 -3.01
C ILE C 126 46.62 -20.37 -4.20
N ASP C 127 47.74 -19.71 -3.93
CA ASP C 127 48.70 -19.30 -4.96
C ASP C 127 48.03 -18.39 -6.01
N TYR C 128 47.58 -17.23 -5.55
CA TYR C 128 46.91 -16.26 -6.40
C TYR C 128 47.93 -15.33 -7.04
N LYS C 129 47.88 -15.24 -8.37
CA LYS C 129 48.72 -14.30 -9.13
C LYS C 129 47.89 -13.36 -9.97
N GLY C 130 46.59 -13.28 -9.72
CA GLY C 130 45.70 -12.43 -10.48
C GLY C 130 44.29 -13.02 -10.47
N TYR C 131 43.30 -12.13 -10.53
CA TYR C 131 41.89 -12.50 -10.50
C TYR C 131 41.13 -11.75 -11.58
N ASN C 132 41.63 -11.80 -12.82
CA ASN C 132 40.96 -11.19 -13.95
C ASN C 132 39.53 -11.68 -14.06
N LEU C 133 38.57 -10.77 -13.87
CA LEU C 133 37.16 -11.13 -13.82
C LEU C 133 36.50 -11.14 -15.19
N ASN C 134 37.11 -10.52 -16.19
CA ASN C 134 36.51 -10.46 -17.53
C ASN C 134 36.56 -11.78 -18.27
N ILE C 135 37.35 -12.75 -17.79
CA ILE C 135 37.46 -14.04 -18.47
C ILE C 135 36.50 -15.09 -17.93
N ILE C 136 35.81 -14.80 -16.83
CA ILE C 136 34.82 -15.74 -16.30
C ILE C 136 33.58 -15.72 -17.19
N ASP C 137 33.15 -16.91 -17.60
CA ASP C 137 31.97 -17.02 -18.45
C ASP C 137 30.71 -16.68 -17.65
N GLY C 138 29.84 -15.89 -18.27
CA GLY C 138 28.57 -15.52 -17.66
C GLY C 138 28.62 -14.35 -16.72
N VAL C 139 29.79 -13.76 -16.46
CA VAL C 139 29.94 -12.63 -15.57
C VAL C 139 30.65 -11.51 -16.33
N ILE C 140 30.05 -10.33 -16.33
CA ILE C 140 30.59 -9.16 -17.03
C ILE C 140 30.96 -8.11 -15.99
N PRO C 141 32.21 -7.65 -15.94
CA PRO C 141 32.57 -6.54 -15.05
C PRO C 141 32.15 -5.21 -15.66
N TRP C 142 31.44 -4.40 -14.88
CA TRP C 142 30.90 -3.15 -15.37
C TRP C 142 31.17 -2.02 -14.38
N ASN C 143 31.38 -0.83 -14.92
CA ASN C 143 31.55 0.39 -14.14
C ASN C 143 30.42 1.35 -14.48
N TYR C 144 29.76 1.89 -13.46
CA TYR C 144 28.66 2.82 -13.70
C TYR C 144 29.14 4.06 -14.43
N TYR C 145 30.19 4.69 -13.93
CA TYR C 145 30.80 5.84 -14.59
C TYR C 145 32.03 5.39 -15.35
N LEU C 146 32.07 5.71 -16.64
CA LEU C 146 33.12 5.24 -17.52
C LEU C 146 34.42 6.03 -17.37
N SER C 147 34.42 7.11 -16.59
CA SER C 147 35.63 7.91 -16.43
C SER C 147 35.57 8.65 -15.10
N CYS C 148 36.73 9.13 -14.67
CA CYS C 148 36.85 9.91 -13.45
C CYS C 148 38.09 10.78 -13.55
N LYS C 149 38.14 11.82 -12.72
CA LYS C 149 39.28 12.72 -12.73
C LYS C 149 40.54 12.00 -12.23
N LEU C 150 41.67 12.33 -12.86
CA LEU C 150 42.94 11.72 -12.49
C LEU C 150 43.36 12.18 -11.10
N GLY C 151 43.62 11.22 -10.21
CA GLY C 151 44.01 11.55 -8.85
C GLY C 151 42.89 12.08 -7.99
N GLU C 152 41.65 11.96 -8.43
CA GLU C 152 40.50 12.46 -7.69
C GLU C 152 39.40 11.39 -7.67
N THR C 153 38.33 11.70 -6.94
CA THR C 153 37.18 10.80 -6.85
C THR C 153 36.30 10.98 -8.09
N LYS C 154 35.09 10.43 -8.04
CA LYS C 154 34.16 10.58 -9.15
C LYS C 154 33.79 12.04 -9.35
N SER C 155 34.14 12.58 -10.52
CA SER C 155 33.86 13.97 -10.84
C SER C 155 33.21 14.13 -12.21
N HIS C 156 32.76 13.04 -12.83
CA HIS C 156 32.11 13.06 -14.14
C HIS C 156 30.70 12.52 -14.05
N ALA C 157 30.05 12.63 -12.89
CA ALA C 157 28.71 12.10 -12.71
C ALA C 157 27.70 12.81 -13.61
N ILE C 158 27.84 14.13 -13.75
CA ILE C 158 26.90 14.88 -14.58
C ILE C 158 27.08 14.53 -16.05
N TYR C 159 28.32 14.31 -16.48
CA TYR C 159 28.59 14.02 -17.89
C TYR C 159 28.08 12.63 -18.26
N TRP C 160 28.37 11.62 -17.45
CA TRP C 160 28.07 10.24 -17.79
C TRP C 160 26.69 9.79 -17.35
N ASP C 161 25.87 10.69 -16.80
CA ASP C 161 24.61 10.28 -16.19
C ASP C 161 23.71 9.53 -17.17
N LYS C 162 23.31 10.21 -18.25
CA LYS C 162 22.40 9.59 -19.21
C LYS C 162 23.05 8.40 -19.91
N ILE C 163 24.34 8.49 -20.24
CA ILE C 163 25.03 7.37 -20.87
C ILE C 163 25.08 6.17 -19.93
N SER C 164 25.39 6.41 -18.66
CA SER C 164 25.41 5.32 -17.68
C SER C 164 24.04 4.68 -17.54
N LYS C 165 22.99 5.50 -17.46
CA LYS C 165 21.64 4.95 -17.35
C LYS C 165 21.29 4.10 -18.56
N LEU C 166 21.61 4.59 -19.76
CA LEU C 166 21.30 3.86 -20.98
C LEU C 166 22.04 2.53 -21.02
N LEU C 167 23.33 2.54 -20.69
CA LEU C 167 24.12 1.32 -20.76
C LEU C 167 23.68 0.31 -19.70
N LEU C 168 23.36 0.78 -18.49
CA LEU C 168 22.88 -0.13 -17.46
C LEU C 168 21.52 -0.73 -17.85
N GLN C 169 20.65 0.09 -18.44
CA GLN C 169 19.36 -0.44 -18.91
C GLN C 169 19.56 -1.48 -20.00
N HIS C 170 20.50 -1.25 -20.92
CA HIS C 170 20.78 -2.23 -21.96
C HIS C 170 21.32 -3.52 -21.37
N ILE C 171 22.23 -3.42 -20.40
CA ILE C 171 22.87 -4.61 -19.84
C ILE C 171 21.87 -5.41 -19.01
N THR C 172 21.05 -4.74 -18.20
CA THR C 172 20.16 -5.45 -17.29
C THR C 172 19.05 -6.20 -18.02
N LYS C 173 18.80 -5.89 -19.29
CA LYS C 173 17.79 -6.62 -20.05
C LYS C 173 18.34 -7.90 -20.65
N HIS C 174 19.64 -8.13 -20.60
CA HIS C 174 20.27 -9.35 -21.09
C HIS C 174 20.74 -10.28 -19.98
N VAL C 175 21.30 -9.72 -18.91
CA VAL C 175 21.80 -10.53 -17.80
C VAL C 175 20.63 -10.90 -16.89
N SER C 176 20.87 -11.84 -15.99
CA SER C 176 19.83 -12.33 -15.08
C SER C 176 19.88 -11.70 -13.70
N VAL C 177 21.07 -11.47 -13.15
CA VAL C 177 21.23 -10.90 -11.82
C VAL C 177 22.22 -9.75 -11.87
N LEU C 178 21.92 -8.71 -11.10
CA LEU C 178 22.77 -7.52 -10.99
C LEU C 178 23.26 -7.40 -9.56
N TYR C 179 24.58 -7.29 -9.40
CA TYR C 179 25.22 -7.15 -8.09
C TYR C 179 26.00 -5.85 -8.09
N CYS C 180 25.49 -4.86 -7.37
CA CYS C 180 26.12 -3.54 -7.30
C CYS C 180 26.94 -3.43 -6.02
N LEU C 181 28.11 -2.80 -6.12
CA LEU C 181 28.99 -2.63 -4.97
C LEU C 181 28.88 -1.21 -4.45
N GLY C 182 28.46 -1.07 -3.20
CA GLY C 182 28.29 0.23 -2.59
C GLY C 182 26.85 0.53 -2.20
N LYS C 183 26.56 0.48 -0.91
CA LYS C 183 25.19 0.73 -0.44
C LYS C 183 24.80 2.20 -0.60
N THR C 184 25.68 3.11 -0.18
CA THR C 184 25.37 4.53 -0.26
C THR C 184 25.26 5.00 -1.70
N ASP C 185 26.17 4.53 -2.56
CA ASP C 185 26.15 4.96 -3.96
C ASP C 185 24.92 4.44 -4.69
N PHE C 186 24.50 3.22 -4.39
CA PHE C 186 23.34 2.60 -5.03
C PHE C 186 22.12 2.62 -4.12
N SER C 187 21.96 3.69 -3.33
CA SER C 187 20.83 3.76 -2.42
C SER C 187 19.50 3.85 -3.16
N ASN C 188 19.50 4.33 -4.39
CA ASN C 188 18.30 4.46 -5.20
C ASN C 188 18.50 3.82 -6.57
N ILE C 189 19.23 2.71 -6.61
CA ILE C 189 19.48 2.03 -7.88
C ILE C 189 18.17 1.49 -8.45
N ARG C 190 17.20 1.17 -7.60
CA ARG C 190 15.91 0.72 -8.10
C ARG C 190 15.13 1.84 -8.77
N ALA C 191 15.34 3.09 -8.33
CA ALA C 191 14.68 4.22 -8.96
C ALA C 191 15.29 4.57 -10.31
N LYS C 192 16.60 4.34 -10.47
CA LYS C 192 17.28 4.65 -11.73
C LYS C 192 16.98 3.65 -12.83
N LEU C 193 16.35 2.51 -12.50
CA LEU C 193 16.04 1.47 -13.47
C LEU C 193 14.55 1.17 -13.40
N GLU C 194 13.87 1.25 -14.55
CA GLU C 194 12.43 1.06 -14.56
C GLU C 194 12.05 -0.40 -14.36
N SER C 195 12.89 -1.35 -14.78
CA SER C 195 12.59 -2.76 -14.62
C SER C 195 13.45 -3.34 -13.51
N PRO C 196 12.88 -3.70 -12.37
CA PRO C 196 13.69 -4.28 -11.26
C PRO C 196 14.11 -5.72 -11.54
N VAL C 197 15.16 -5.86 -12.35
CA VAL C 197 15.63 -7.18 -12.79
C VAL C 197 16.61 -7.66 -11.72
N THR C 198 16.07 -8.22 -10.64
CA THR C 198 16.84 -8.83 -9.56
C THR C 198 17.94 -7.89 -9.08
N THR C 199 17.52 -6.76 -8.51
CA THR C 199 18.46 -5.75 -8.03
C THR C 199 19.01 -6.19 -6.68
N ILE C 200 20.29 -6.54 -6.66
CA ILE C 200 20.99 -6.92 -5.43
C ILE C 200 22.11 -5.93 -5.20
N VAL C 201 22.13 -5.32 -4.03
CA VAL C 201 23.09 -4.27 -3.68
C VAL C 201 23.97 -4.79 -2.55
N GLY C 202 25.28 -4.69 -2.73
CA GLY C 202 26.22 -5.18 -1.75
C GLY C 202 27.20 -4.12 -1.32
N TYR C 203 27.83 -4.34 -0.18
CA TYR C 203 28.80 -3.40 0.36
C TYR C 203 30.06 -3.38 -0.51
N HIS C 204 30.67 -2.20 -0.62
CA HIS C 204 31.88 -2.06 -1.39
C HIS C 204 33.05 -2.77 -0.70
N PRO C 205 33.98 -3.33 -1.47
CA PRO C 205 35.17 -3.94 -0.85
C PRO C 205 35.98 -2.95 -0.02
N ALA C 206 36.05 -1.69 -0.44
CA ALA C 206 36.73 -0.65 0.33
C ALA C 206 35.71 0.05 1.21
N ALA C 207 35.79 -0.17 2.50
CA ALA C 207 34.81 0.37 3.43
C ALA C 207 35.06 1.86 3.66
N ARG C 208 34.02 2.67 3.46
CA ARG C 208 34.11 4.11 3.66
C ARG C 208 32.70 4.67 3.71
N ASP C 209 32.59 5.92 4.17
CA ASP C 209 31.32 6.66 4.21
C ASP C 209 30.28 5.92 5.05
N HIS C 210 30.58 5.79 6.34
CA HIS C 210 29.68 5.18 7.33
C HIS C 210 29.33 3.74 6.93
N GLN C 211 30.35 2.96 6.61
CA GLN C 211 30.16 1.58 6.19
C GLN C 211 31.41 0.78 6.51
N PHE C 212 31.21 -0.47 6.98
CA PHE C 212 32.32 -1.36 7.27
C PHE C 212 31.80 -2.79 7.17
N GLU C 213 32.07 -3.46 6.05
CA GLU C 213 31.64 -4.84 5.85
C GLU C 213 32.46 -5.43 4.71
N LYS C 214 32.90 -6.68 4.86
CA LYS C 214 33.77 -7.28 3.87
C LYS C 214 33.46 -8.73 3.52
N ASP C 215 32.42 -9.35 4.12
CA ASP C 215 32.17 -10.77 3.95
C ASP C 215 30.69 -11.03 3.70
N ARG C 216 30.30 -11.08 2.42
CA ARG C 216 28.94 -11.41 2.02
C ARG C 216 28.82 -12.84 1.51
N SER C 217 29.90 -13.62 1.63
CA SER C 217 29.96 -15.05 1.29
C SER C 217 29.95 -15.31 -0.21
N PHE C 218 29.69 -14.26 -1.00
CA PHE C 218 29.83 -14.30 -2.47
C PHE C 218 29.21 -15.54 -3.10
N GLU C 219 28.13 -16.06 -2.50
CA GLU C 219 27.50 -17.28 -2.99
C GLU C 219 26.00 -17.15 -3.22
N ILE C 220 25.40 -16.02 -2.87
CA ILE C 220 23.97 -15.84 -3.13
C ILE C 220 23.70 -15.81 -4.63
N ILE C 221 24.68 -15.38 -5.42
CA ILE C 221 24.49 -15.26 -6.87
C ILE C 221 24.22 -16.63 -7.49
N ASN C 222 25.02 -17.63 -7.11
CA ASN C 222 24.86 -18.95 -7.70
C ASN C 222 23.50 -19.55 -7.35
N VAL C 223 23.13 -19.52 -6.07
CA VAL C 223 21.87 -20.13 -5.66
C VAL C 223 20.70 -19.39 -6.26
N LEU C 224 20.82 -18.06 -6.41
CA LEU C 224 19.81 -17.32 -7.16
C LEU C 224 19.75 -17.76 -8.61
N LEU C 225 20.90 -18.15 -9.18
CA LEU C 225 20.93 -18.60 -10.56
C LEU C 225 20.18 -19.92 -10.73
N GLU C 226 20.45 -20.91 -9.88
CA GLU C 226 19.65 -22.13 -10.05
C GLU C 226 18.23 -21.98 -9.50
N LEU C 227 17.94 -20.90 -8.76
CA LEU C 227 16.55 -20.62 -8.42
C LEU C 227 15.76 -20.13 -9.62
N ASP C 228 16.42 -19.77 -10.72
CA ASP C 228 15.76 -19.35 -11.95
C ASP C 228 16.08 -20.28 -13.10
N ASN C 229 16.37 -21.55 -12.78
CA ASN C 229 16.68 -22.57 -13.79
C ASN C 229 17.86 -22.15 -14.67
N LYS C 230 18.92 -21.66 -14.03
CA LYS C 230 20.12 -21.25 -14.74
C LYS C 230 21.33 -21.88 -14.09
N THR C 231 22.33 -22.21 -14.91
CA THR C 231 23.53 -22.87 -14.42
C THR C 231 24.32 -21.92 -13.53
N PRO C 232 24.76 -22.36 -12.36
CA PRO C 232 25.62 -21.51 -11.51
C PRO C 232 26.95 -21.24 -12.19
N ILE C 233 27.62 -20.19 -11.72
CA ILE C 233 28.89 -19.73 -12.28
C ILE C 233 30.01 -20.11 -11.32
N ASN C 234 31.00 -20.85 -11.83
CA ASN C 234 32.15 -21.23 -11.03
C ASN C 234 33.09 -20.05 -10.86
N TRP C 235 33.48 -19.78 -9.62
CA TRP C 235 34.39 -18.67 -9.33
C TRP C 235 35.85 -19.12 -9.33
N ALA C 236 36.25 -19.81 -10.38
CA ALA C 236 37.63 -20.28 -10.50
C ALA C 236 38.26 -20.02 -11.86
N GLN C 237 37.48 -19.67 -12.89
CA GLN C 237 38.06 -19.44 -14.22
C GLN C 237 38.86 -18.15 -14.27
N GLY C 238 38.64 -17.22 -13.34
CA GLY C 238 39.31 -15.95 -13.35
C GLY C 238 40.70 -15.93 -12.75
N PHE C 239 41.16 -17.05 -12.20
CA PHE C 239 42.49 -17.10 -11.59
C PHE C 239 43.56 -17.02 -12.67
N ILE C 240 44.67 -16.37 -12.33
CA ILE C 240 45.80 -16.19 -13.24
C ILE C 240 47.00 -16.91 -12.64
N TYR C 241 47.66 -17.75 -13.44
CA TYR C 241 48.82 -18.50 -12.99
C TYR C 241 50.04 -18.18 -13.84
#